data_4BJ8
#
_entry.id   4BJ8
#
_cell.length_a   182.240
_cell.length_b   196.840
_cell.length_c   52.590
_cell.angle_alpha   90.00
_cell.angle_beta   90.00
_cell.angle_gamma   90.00
#
_symmetry.space_group_name_H-M   'P 21 21 2'
#
loop_
_entity.id
_entity.type
_entity.pdbx_description
1 polymer ZEBAVIDIN
2 non-polymer BIOTIN
3 non-polymer GLYCEROL
4 water water
#
_entity_poly.entity_id   1
_entity_poly.type   'polypeptide(L)'
_entity_poly.pdbx_seq_one_letter_code
;QTVSSCNVTGVWRNELGSTLRVKAEGSEVRGVYQTAVESTRGAAGHHRSARIIGMVSDGTQPTVSFSVLWEKGSCSAWVG
QCFILDDGAQVLKTFWMLRSVADNLASAWGSTRMGEDIFFKTGVSN
;
_entity_poly.pdbx_strand_id   A,B,C,D,E,F,G,H,I,J,K,L,M,N,O,P
#
# COMPACT_ATOMS: atom_id res chain seq x y z
N SER A 4 33.52 -18.00 30.88
CA SER A 4 32.49 -17.17 30.18
C SER A 4 32.08 -17.88 28.90
N SER A 5 30.93 -17.51 28.31
CA SER A 5 30.38 -18.25 27.17
C SER A 5 29.94 -17.34 26.01
N CYS A 6 30.28 -17.74 24.78
CA CYS A 6 29.84 -17.05 23.54
C CYS A 6 28.60 -17.72 23.00
N ASN A 7 27.56 -16.96 22.85
CA ASN A 7 26.25 -17.48 22.56
C ASN A 7 25.84 -17.01 21.15
N VAL A 8 25.62 -17.95 20.26
CA VAL A 8 25.34 -17.70 18.86
C VAL A 8 23.98 -17.06 18.65
N THR A 9 23.02 -17.52 19.43
CA THR A 9 21.69 -16.94 19.50
C THR A 9 21.69 -15.46 19.82
N GLY A 10 20.81 -14.71 19.18
CA GLY A 10 20.72 -13.27 19.41
C GLY A 10 20.69 -12.50 18.10
N VAL A 11 20.97 -11.19 18.22
CA VAL A 11 21.02 -10.23 17.11
C VAL A 11 22.43 -9.71 16.91
N TRP A 12 22.92 -9.87 15.68
CA TRP A 12 24.26 -9.51 15.32
C TRP A 12 24.29 -8.49 14.19
N ARG A 13 25.43 -7.86 13.98
CA ARG A 13 25.58 -6.92 12.89
C ARG A 13 27.01 -7.03 12.44
N ASN A 14 27.22 -6.94 11.15
CA ASN A 14 28.55 -7.15 10.63
C ASN A 14 29.10 -5.85 10.11
N GLU A 15 30.29 -5.93 9.52
CA GLU A 15 31.02 -4.78 9.07
C GLU A 15 30.37 -4.05 7.85
N LEU A 16 29.38 -4.68 7.20
CA LEU A 16 28.73 -4.07 6.03
C LEU A 16 27.46 -3.37 6.48
N GLY A 17 27.08 -3.59 7.75
CA GLY A 17 25.84 -3.05 8.31
C GLY A 17 24.66 -4.02 8.19
N SER A 18 24.94 -5.25 7.74
CA SER A 18 23.95 -6.30 7.63
C SER A 18 23.56 -6.83 8.98
N THR A 19 22.31 -7.28 9.13
CA THR A 19 21.88 -7.87 10.41
C THR A 19 21.60 -9.39 10.35
N LEU A 20 21.95 -10.08 11.43
CA LEU A 20 21.76 -11.51 11.55
C LEU A 20 20.97 -11.77 12.84
N ARG A 21 19.76 -12.32 12.73
CA ARG A 21 19.00 -12.77 13.89
C ARG A 21 18.97 -14.31 13.91
N VAL A 22 19.41 -14.88 15.01
CA VAL A 22 19.59 -16.31 15.13
C VAL A 22 18.83 -16.83 16.32
N LYS A 23 18.14 -17.94 16.11
CA LYS A 23 17.56 -18.72 17.20
C LYS A 23 18.14 -20.11 17.06
N ALA A 24 18.05 -20.89 18.14
CA ALA A 24 18.60 -22.23 18.12
C ALA A 24 17.62 -23.19 18.74
N GLU A 25 17.53 -24.40 18.18
CA GLU A 25 16.80 -25.52 18.76
C GLU A 25 17.69 -26.75 18.74
N GLY A 26 18.32 -27.02 19.88
CA GLY A 26 19.34 -28.05 19.95
C GLY A 26 20.49 -27.62 19.07
N SER A 27 20.78 -28.40 18.02
CA SER A 27 21.91 -28.12 17.12
C SER A 27 21.51 -27.24 15.93
N GLU A 28 20.21 -27.10 15.73
CA GLU A 28 19.69 -26.40 14.58
C GLU A 28 19.53 -24.91 14.86
N VAL A 29 20.08 -24.11 13.95
CA VAL A 29 19.82 -22.69 13.96
C VAL A 29 18.86 -22.27 12.86
N ARG A 30 18.03 -21.32 13.23
CA ARG A 30 17.18 -20.64 12.28
C ARG A 30 17.21 -19.15 12.58
N GLY A 31 16.60 -18.38 11.67
CA GLY A 31 16.37 -16.97 11.88
C GLY A 31 16.23 -16.21 10.55
N VAL A 32 16.78 -15.02 10.51
CA VAL A 32 16.61 -14.14 9.38
C VAL A 32 17.90 -13.35 9.21
N TYR A 33 18.16 -12.96 7.99
CA TYR A 33 19.36 -12.23 7.58
C TYR A 33 18.90 -11.02 6.78
N GLN A 34 19.28 -9.82 7.17
CA GLN A 34 19.04 -8.66 6.29
C GLN A 34 20.37 -8.07 5.86
N THR A 35 20.68 -8.23 4.58
CA THR A 35 21.92 -7.74 4.04
C THR A 35 21.77 -6.27 3.66
N ALA A 36 22.77 -5.45 4.00
CA ALA A 36 22.83 -4.02 3.57
C ALA A 36 23.43 -3.80 2.19
N VAL A 37 23.86 -4.87 1.51
CA VAL A 37 24.35 -4.82 0.15
C VAL A 37 23.84 -6.03 -0.63
N GLU A 38 23.99 -5.96 -1.94
CA GLU A 38 23.48 -6.98 -2.83
C GLU A 38 24.29 -6.78 -4.12
N SER A 39 24.46 -7.85 -4.87
CA SER A 39 25.45 -7.87 -5.94
C SER A 39 24.85 -7.36 -7.24
N THR A 40 23.54 -7.45 -7.43
CA THR A 40 22.81 -6.74 -8.51
C THR A 40 21.49 -6.28 -7.95
N ARG A 41 20.95 -5.16 -8.44
CA ARG A 41 19.70 -4.59 -7.91
C ARG A 41 18.59 -5.66 -7.80
N GLY A 42 17.84 -5.63 -6.73
CA GLY A 42 16.77 -6.62 -6.55
C GLY A 42 17.17 -8.05 -6.19
N ALA A 43 18.45 -8.40 -6.33
CA ALA A 43 18.93 -9.79 -6.10
C ALA A 43 18.55 -10.33 -4.74
N ALA A 44 18.55 -9.51 -3.70
CA ALA A 44 18.05 -9.97 -2.38
C ALA A 44 16.59 -9.60 -2.02
N GLY A 45 15.80 -9.18 -3.01
CA GLY A 45 14.41 -8.78 -2.77
C GLY A 45 14.31 -7.29 -2.43
N HIS A 46 13.07 -6.80 -2.31
CA HIS A 46 12.81 -5.37 -2.05
C HIS A 46 13.25 -4.97 -0.63
N HIS A 47 13.06 -5.85 0.36
CA HIS A 47 13.52 -5.56 1.73
C HIS A 47 14.83 -6.27 2.08
N ARG A 48 15.44 -6.96 1.10
CA ARG A 48 16.80 -7.54 1.24
C ARG A 48 16.96 -8.56 2.42
N SER A 49 15.88 -9.25 2.76
CA SER A 49 15.80 -10.17 3.91
C SER A 49 15.54 -11.58 3.41
N ALA A 50 16.04 -12.59 4.14
CA ALA A 50 15.71 -13.99 3.88
C ALA A 50 16.01 -14.81 5.14
N ARG A 51 15.45 -16.00 5.20
CA ARG A 51 15.61 -16.92 6.31
C ARG A 51 16.98 -17.64 6.28
N ILE A 52 17.53 -17.89 7.46
CA ILE A 52 18.71 -18.71 7.56
C ILE A 52 18.32 -20.11 8.00
N ILE A 53 19.14 -21.08 7.64
CA ILE A 53 19.04 -22.39 8.24
C ILE A 53 20.46 -22.91 8.52
N GLY A 54 20.70 -23.60 9.63
CA GLY A 54 22.05 -24.04 9.93
C GLY A 54 22.29 -24.97 11.08
N MET A 55 23.58 -25.13 11.43
CA MET A 55 24.01 -25.96 12.57
C MET A 55 24.94 -25.21 13.54
N VAL A 56 24.75 -25.43 14.83
CA VAL A 56 25.66 -24.88 15.83
C VAL A 56 26.18 -26.00 16.77
N SER A 57 27.42 -25.90 17.20
CA SER A 57 28.03 -26.95 18.04
C SER A 57 27.76 -26.57 19.50
N ASP A 58 28.29 -27.36 20.42
CA ASP A 58 28.20 -27.08 21.84
C ASP A 58 29.51 -26.42 22.27
N GLY A 59 29.65 -26.15 23.55
CA GLY A 59 30.86 -25.64 24.06
C GLY A 59 30.74 -24.19 24.37
N THR A 60 31.79 -23.61 24.93
CA THR A 60 31.78 -22.20 25.31
C THR A 60 32.04 -21.27 24.13
N GLN A 61 32.69 -21.83 23.11
CA GLN A 61 33.09 -21.10 21.91
C GLN A 61 32.66 -21.85 20.65
N PRO A 62 31.35 -21.97 20.45
CA PRO A 62 30.84 -22.90 19.46
C PRO A 62 31.05 -22.47 18.01
N THR A 63 31.09 -23.48 17.14
CA THR A 63 31.21 -23.29 15.70
C THR A 63 29.84 -23.16 15.12
N VAL A 64 29.73 -22.64 13.92
CA VAL A 64 28.43 -22.35 13.38
C VAL A 64 28.48 -22.45 11.90
N SER A 65 27.42 -22.95 11.27
CA SER A 65 27.38 -23.13 9.80
C SER A 65 25.97 -22.88 9.28
N PHE A 66 25.81 -21.96 8.34
CA PHE A 66 24.46 -21.66 7.89
C PHE A 66 24.36 -21.18 6.49
N SER A 67 23.13 -21.28 5.95
CA SER A 67 22.79 -20.90 4.56
C SER A 67 21.68 -19.92 4.45
N VAL A 68 21.69 -19.19 3.34
CA VAL A 68 20.60 -18.38 2.92
C VAL A 68 20.35 -18.51 1.40
N LEU A 69 19.09 -18.80 1.07
CA LEU A 69 18.55 -18.76 -0.25
C LEU A 69 17.97 -17.39 -0.45
N TRP A 70 18.49 -16.67 -1.44
CA TRP A 70 18.06 -15.30 -1.66
C TRP A 70 16.95 -15.31 -2.70
N GLU A 71 16.08 -14.30 -2.63
CA GLU A 71 14.83 -14.27 -3.41
C GLU A 71 14.94 -14.53 -4.91
N LYS A 72 16.04 -14.12 -5.56
CA LYS A 72 16.19 -14.41 -6.99
C LYS A 72 17.07 -15.60 -7.31
N GLY A 73 17.29 -16.47 -6.33
CA GLY A 73 17.89 -17.80 -6.60
C GLY A 73 19.39 -17.97 -6.37
N SER A 74 20.06 -16.92 -5.90
CA SER A 74 21.48 -17.04 -5.46
C SER A 74 21.47 -17.55 -4.05
N CYS A 75 22.57 -18.15 -3.60
CA CYS A 75 22.66 -18.61 -2.21
CA CYS A 75 22.69 -18.72 -2.25
C CYS A 75 24.01 -18.37 -1.57
N SER A 76 23.95 -18.05 -0.28
CA SER A 76 25.14 -17.76 0.51
C SER A 76 25.20 -18.80 1.61
N ALA A 77 26.43 -19.09 2.06
CA ALA A 77 26.72 -19.89 3.26
C ALA A 77 27.87 -19.23 4.02
N TRP A 78 27.86 -19.42 5.34
CA TRP A 78 28.90 -18.95 6.25
C TRP A 78 29.32 -20.15 7.12
N VAL A 79 30.61 -20.21 7.46
CA VAL A 79 31.10 -21.05 8.55
C VAL A 79 31.91 -20.12 9.46
N GLY A 80 31.94 -20.48 10.74
CA GLY A 80 32.48 -19.57 11.74
C GLY A 80 32.50 -20.10 13.16
N GLN A 81 33.05 -19.26 14.04
CA GLN A 81 33.19 -19.63 15.42
C GLN A 81 32.90 -18.43 16.29
N CYS A 82 32.20 -18.69 17.39
CA CYS A 82 31.77 -17.69 18.35
C CYS A 82 32.80 -17.53 19.43
N PHE A 83 33.55 -16.42 19.40
CA PHE A 83 34.63 -16.21 20.33
C PHE A 83 34.30 -15.18 21.40
N ILE A 84 34.88 -15.31 22.61
CA ILE A 84 34.75 -14.23 23.63
C ILE A 84 36.05 -13.45 23.76
N LEU A 85 36.03 -12.19 23.37
CA LEU A 85 37.24 -11.39 23.44
C LEU A 85 37.60 -10.99 24.88
N ASP A 86 38.88 -10.69 25.09
CA ASP A 86 39.42 -10.25 26.37
C ASP A 86 38.66 -9.04 26.91
N ASP A 87 38.07 -8.22 26.03
CA ASP A 87 37.26 -7.08 26.48
C ASP A 87 35.77 -7.41 26.78
N GLY A 88 35.44 -8.72 26.69
CA GLY A 88 34.08 -9.24 26.93
C GLY A 88 33.11 -9.18 25.76
N ALA A 89 33.55 -8.65 24.61
CA ALA A 89 32.71 -8.67 23.40
C ALA A 89 32.61 -10.11 22.88
N GLN A 90 31.39 -10.44 22.44
CA GLN A 90 31.10 -11.69 21.75
C GLN A 90 31.19 -11.43 20.27
N VAL A 91 31.87 -12.33 19.56
CA VAL A 91 32.19 -12.10 18.17
C VAL A 91 32.14 -13.36 17.40
N LEU A 92 31.43 -13.29 16.27
CA LEU A 92 31.32 -14.39 15.33
C LEU A 92 32.28 -14.11 14.19
N LYS A 93 33.27 -14.96 14.07
CA LYS A 93 34.32 -14.88 13.09
C LYS A 93 33.90 -15.82 11.99
N THR A 94 33.46 -15.29 10.85
CA THR A 94 33.09 -16.17 9.72
C THR A 94 33.81 -15.89 8.43
N PHE A 95 33.85 -16.91 7.61
CA PHE A 95 33.99 -16.73 6.16
C PHE A 95 32.72 -17.12 5.43
N TRP A 96 32.47 -16.46 4.30
CA TRP A 96 31.29 -16.79 3.49
C TRP A 96 31.57 -17.08 2.04
N MET A 97 30.60 -17.76 1.41
CA MET A 97 30.56 -17.97 -0.05
C MET A 97 29.24 -17.48 -0.61
N LEU A 98 29.28 -16.81 -1.77
CA LEU A 98 28.05 -16.38 -2.47
C LEU A 98 28.02 -17.01 -3.85
N ARG A 99 26.99 -17.79 -4.10
CA ARG A 99 26.87 -18.56 -5.34
C ARG A 99 25.82 -17.92 -6.23
N SER A 100 26.24 -17.41 -7.37
CA SER A 100 25.32 -16.84 -8.35
C SER A 100 24.87 -17.91 -9.35
N VAL A 101 23.59 -17.77 -9.74
CA VAL A 101 22.97 -18.61 -10.75
C VAL A 101 23.71 -18.48 -12.06
N ALA A 102 24.05 -19.62 -12.62
CA ALA A 102 24.52 -19.73 -13.97
C ALA A 102 23.49 -20.58 -14.84
N ASP A 103 23.47 -20.32 -16.14
CA ASP A 103 22.65 -21.08 -17.10
C ASP A 103 23.17 -22.49 -17.30
N ASN A 104 24.48 -22.67 -17.26
CA ASN A 104 25.02 -24.01 -17.46
C ASN A 104 26.40 -24.15 -16.86
N LEU A 105 26.95 -25.35 -16.94
CA LEU A 105 28.16 -25.67 -16.20
C LEU A 105 29.34 -24.78 -16.65
N ALA A 106 29.54 -24.71 -17.96
CA ALA A 106 30.62 -23.93 -18.54
C ALA A 106 30.56 -22.50 -18.12
N SER A 107 29.37 -21.91 -18.13
CA SER A 107 29.25 -20.51 -17.77
C SER A 107 29.41 -20.27 -16.29
N ALA A 108 29.54 -21.31 -15.46
CA ALA A 108 29.53 -21.13 -14.01
C ALA A 108 30.90 -20.99 -13.28
N TRP A 109 32.00 -21.17 -14.01
CA TRP A 109 33.36 -20.95 -13.49
C TRP A 109 33.51 -19.75 -12.55
N GLY A 110 32.75 -18.71 -12.81
CA GLY A 110 32.88 -17.46 -12.12
C GLY A 110 31.73 -17.10 -11.20
N SER A 111 30.98 -18.10 -10.73
CA SER A 111 29.71 -17.84 -10.01
C SER A 111 29.86 -17.76 -8.47
N THR A 112 31.07 -18.00 -7.99
CA THR A 112 31.34 -18.15 -6.56
C THR A 112 32.32 -17.07 -6.06
N ARG A 113 31.78 -16.20 -5.21
CA ARG A 113 32.54 -15.22 -4.49
C ARG A 113 32.73 -15.65 -3.03
N MET A 114 33.64 -14.97 -2.37
CA MET A 114 33.96 -15.28 -0.99
CA MET A 114 33.91 -15.25 -0.99
C MET A 114 34.38 -14.01 -0.26
N GLY A 115 34.29 -14.08 1.06
CA GLY A 115 34.82 -13.04 1.92
C GLY A 115 34.75 -13.40 3.39
N GLU A 116 35.14 -12.45 4.20
CA GLU A 116 35.04 -12.58 5.63
C GLU A 116 33.96 -11.64 6.08
N ASP A 117 33.13 -12.15 6.99
CA ASP A 117 32.29 -11.34 7.82
C ASP A 117 32.65 -11.50 9.29
N ILE A 118 32.70 -10.39 10.00
CA ILE A 118 32.88 -10.34 11.42
C ILE A 118 31.58 -9.82 12.04
N PHE A 119 30.90 -10.65 12.84
CA PHE A 119 29.63 -10.23 13.47
C PHE A 119 29.84 -9.84 14.95
N PHE A 120 29.22 -8.74 15.35
CA PHE A 120 29.23 -8.27 16.73
C PHE A 120 27.80 -8.15 17.24
N LYS A 121 27.62 -8.15 18.56
CA LYS A 121 26.29 -8.09 19.16
C LYS A 121 25.80 -6.69 19.46
N THR A 122 24.51 -6.60 19.76
CA THR A 122 23.77 -5.34 19.64
C THR A 122 23.31 -4.73 20.98
N SER B 5 59.61 -37.23 -11.30
CA SER B 5 59.30 -35.83 -10.82
C SER B 5 58.34 -35.05 -11.73
N CYS B 6 57.63 -34.09 -11.14
CA CYS B 6 56.70 -33.20 -11.86
C CYS B 6 57.47 -31.91 -12.23
N ASN B 7 57.40 -31.53 -13.50
CA ASN B 7 58.14 -30.38 -13.99
C ASN B 7 57.18 -29.25 -14.42
N VAL B 8 57.26 -28.11 -13.73
CA VAL B 8 56.35 -26.98 -13.96
C VAL B 8 56.54 -26.30 -15.32
N THR B 9 57.76 -26.27 -15.83
CA THR B 9 58.07 -25.66 -17.12
C THR B 9 57.40 -26.44 -18.23
N GLY B 10 56.85 -25.70 -19.21
CA GLY B 10 56.00 -26.31 -20.22
C GLY B 10 54.82 -25.47 -20.68
N VAL B 11 53.92 -26.13 -21.41
CA VAL B 11 52.64 -25.59 -21.83
C VAL B 11 51.57 -26.40 -21.10
N TRP B 12 50.51 -25.74 -20.63
CA TRP B 12 49.41 -26.41 -19.96
C TRP B 12 48.09 -25.89 -20.44
N ARG B 13 47.08 -26.70 -20.22
CA ARG B 13 45.73 -26.38 -20.55
C ARG B 13 44.86 -26.87 -19.42
N ASN B 14 43.86 -26.08 -19.07
CA ASN B 14 42.95 -26.41 -17.98
C ASN B 14 41.59 -26.76 -18.54
N GLU B 15 40.66 -27.04 -17.66
CA GLU B 15 39.38 -27.62 -18.03
C GLU B 15 38.47 -26.61 -18.71
N LEU B 16 38.74 -25.32 -18.56
CA LEU B 16 38.00 -24.24 -19.27
C LEU B 16 38.50 -23.99 -20.72
N GLY B 17 39.63 -24.61 -21.07
CA GLY B 17 40.28 -24.34 -22.35
C GLY B 17 41.40 -23.32 -22.33
N SER B 18 41.73 -22.73 -21.16
CA SER B 18 42.78 -21.69 -21.08
C SER B 18 44.15 -22.33 -21.19
N THR B 19 45.13 -21.54 -21.60
CA THR B 19 46.49 -22.02 -21.81
C THR B 19 47.52 -21.23 -21.01
N LEU B 20 48.52 -21.93 -20.49
CA LEU B 20 49.49 -21.38 -19.52
C LEU B 20 50.91 -21.85 -19.85
N ARG B 21 51.79 -20.89 -20.15
CA ARG B 21 53.13 -21.18 -20.64
C ARG B 21 54.14 -20.67 -19.64
N VAL B 22 54.69 -21.61 -18.90
CA VAL B 22 55.56 -21.32 -17.80
C VAL B 22 56.99 -21.68 -18.14
N LYS B 23 57.94 -20.86 -17.72
CA LYS B 23 59.32 -21.29 -17.68
C LYS B 23 59.78 -21.05 -16.27
N ALA B 24 60.30 -22.10 -15.64
CA ALA B 24 60.93 -21.98 -14.34
C ALA B 24 62.37 -21.50 -14.56
N GLU B 25 62.74 -20.38 -13.92
CA GLU B 25 64.15 -19.96 -13.86
C GLU B 25 64.74 -20.69 -12.66
N GLY B 26 64.96 -20.02 -11.53
CA GLY B 26 65.49 -20.74 -10.38
C GLY B 26 64.28 -21.25 -9.62
N SER B 27 63.92 -20.51 -8.59
CA SER B 27 62.66 -20.66 -7.93
C SER B 27 61.62 -19.67 -8.52
N GLU B 28 61.99 -18.95 -9.58
CA GLU B 28 61.07 -17.98 -10.21
C GLU B 28 60.35 -18.53 -11.43
N VAL B 29 59.07 -18.20 -11.54
CA VAL B 29 58.20 -18.72 -12.59
C VAL B 29 57.79 -17.51 -13.44
N ARG B 30 57.72 -17.71 -14.76
CA ARG B 30 57.43 -16.66 -15.72
C ARG B 30 56.80 -17.27 -16.93
N GLY B 31 56.20 -16.41 -17.75
CA GLY B 31 55.54 -16.83 -18.95
C GLY B 31 54.29 -16.04 -19.28
N VAL B 32 53.36 -16.73 -19.92
CA VAL B 32 52.15 -16.13 -20.48
C VAL B 32 50.98 -17.04 -20.17
N TYR B 33 49.86 -16.40 -19.83
CA TYR B 33 48.55 -17.07 -19.63
C TYR B 33 47.60 -16.53 -20.66
N GLN B 34 46.80 -17.41 -21.22
CA GLN B 34 45.75 -17.01 -22.11
C GLN B 34 44.51 -17.68 -21.62
N THR B 35 43.51 -16.89 -21.28
CA THR B 35 42.32 -17.41 -20.66
C THR B 35 41.21 -17.61 -21.71
N ALA B 36 40.57 -18.78 -21.71
CA ALA B 36 39.48 -19.05 -22.67
C ALA B 36 38.20 -18.29 -22.30
N VAL B 37 38.18 -17.66 -21.12
CA VAL B 37 36.99 -16.96 -20.60
C VAL B 37 37.38 -15.70 -19.88
N GLU B 38 36.40 -14.82 -19.68
CA GLU B 38 36.61 -13.53 -19.01
C GLU B 38 35.30 -13.05 -18.41
N SER B 39 35.39 -12.39 -17.26
CA SER B 39 34.18 -12.06 -16.46
C SER B 39 33.32 -10.95 -17.10
N THR B 40 33.95 -9.97 -17.74
CA THR B 40 33.21 -9.15 -18.71
C THR B 40 33.98 -9.06 -20.03
N ARG B 41 33.33 -8.50 -21.04
CA ARG B 41 33.93 -8.39 -22.37
C ARG B 41 35.17 -7.48 -22.37
N GLY B 42 36.28 -7.98 -22.92
CA GLY B 42 37.52 -7.24 -22.91
C GLY B 42 38.20 -7.14 -21.57
N ALA B 43 37.71 -7.85 -20.55
CA ALA B 43 38.40 -7.88 -19.25
C ALA B 43 39.85 -8.37 -19.38
N ALA B 44 40.10 -9.44 -20.13
CA ALA B 44 41.43 -9.96 -20.30
C ALA B 44 42.17 -9.36 -21.51
N GLY B 45 41.70 -8.21 -22.01
CA GLY B 45 42.26 -7.63 -23.25
C GLY B 45 41.85 -8.36 -24.55
N HIS B 46 42.23 -7.80 -25.69
CA HIS B 46 41.73 -8.29 -26.97
C HIS B 46 42.27 -9.66 -27.40
N HIS B 47 43.46 -10.06 -26.92
CA HIS B 47 43.95 -11.41 -27.19
C HIS B 47 43.83 -12.36 -25.96
N ARG B 48 43.05 -11.93 -24.96
CA ARG B 48 42.82 -12.66 -23.71
C ARG B 48 44.14 -13.21 -23.10
N SER B 49 45.19 -12.40 -23.18
CA SER B 49 46.55 -12.83 -22.90
C SER B 49 47.19 -11.96 -21.87
N ALA B 50 47.95 -12.56 -20.96
CA ALA B 50 48.74 -11.77 -20.04
C ALA B 50 49.90 -12.54 -19.50
N ARG B 51 50.88 -11.75 -19.08
CA ARG B 51 52.15 -12.20 -18.51
C ARG B 51 51.93 -12.81 -17.13
N ILE B 52 52.70 -13.86 -16.84
CA ILE B 52 52.76 -14.57 -15.54
C ILE B 52 54.02 -14.24 -14.74
N ILE B 53 53.87 -14.08 -13.42
CA ILE B 53 55.01 -14.07 -12.50
C ILE B 53 54.73 -14.97 -11.30
N GLY B 54 55.74 -15.56 -10.71
CA GLY B 54 55.51 -16.55 -9.67
C GLY B 54 56.71 -17.27 -9.12
N MET B 55 56.43 -18.32 -8.38
CA MET B 55 57.42 -18.99 -7.53
C MET B 55 57.15 -20.46 -7.57
N VAL B 56 58.20 -21.26 -7.59
CA VAL B 56 58.02 -22.69 -7.61
C VAL B 56 59.00 -23.35 -6.65
N SER B 57 58.52 -24.31 -5.87
CA SER B 57 59.42 -25.03 -4.99
C SER B 57 60.23 -26.07 -5.75
N ASP B 58 61.14 -26.70 -5.02
CA ASP B 58 61.86 -27.87 -5.51
C ASP B 58 61.14 -29.14 -5.07
N GLY B 59 61.70 -30.29 -5.43
CA GLY B 59 61.18 -31.55 -4.99
C GLY B 59 60.59 -32.31 -6.15
N THR B 60 60.27 -33.56 -5.87
CA THR B 60 59.51 -34.40 -6.77
C THR B 60 58.23 -33.67 -7.24
N GLN B 61 57.51 -33.09 -6.28
CA GLN B 61 56.13 -32.65 -6.47
C GLN B 61 55.92 -31.19 -6.03
N PRO B 62 56.55 -30.25 -6.76
CA PRO B 62 56.67 -28.89 -6.25
C PRO B 62 55.37 -28.11 -6.22
N THR B 63 55.26 -27.27 -5.20
CA THR B 63 54.19 -26.34 -5.11
C THR B 63 54.52 -25.15 -6.02
N VAL B 64 53.49 -24.50 -6.53
CA VAL B 64 53.64 -23.24 -7.27
C VAL B 64 52.74 -22.16 -6.71
N SER B 65 53.06 -20.97 -7.16
CA SER B 65 52.25 -19.80 -6.89
CA SER B 65 52.23 -19.80 -6.90
C SER B 65 52.47 -18.86 -8.07
N PHE B 66 51.41 -18.28 -8.59
CA PHE B 66 51.64 -17.23 -9.58
C PHE B 66 50.53 -16.24 -9.60
N SER B 67 50.78 -15.12 -10.26
CA SER B 67 49.82 -14.01 -10.43
C SER B 67 49.73 -13.58 -11.90
N VAL B 68 48.63 -12.92 -12.22
CA VAL B 68 48.44 -12.24 -13.50
C VAL B 68 47.73 -10.91 -13.31
N LEU B 69 48.25 -9.84 -13.91
CA LEU B 69 47.55 -8.55 -13.91
C LEU B 69 46.95 -8.46 -15.28
N TRP B 70 45.64 -8.27 -15.31
CA TRP B 70 44.89 -8.24 -16.56
C TRP B 70 44.73 -6.82 -17.12
N GLU B 71 44.58 -6.72 -18.42
CA GLU B 71 44.44 -5.45 -19.16
C GLU B 71 43.69 -4.34 -18.42
N LYS B 72 42.46 -4.62 -17.99
CA LYS B 72 41.57 -3.62 -17.42
C LYS B 72 41.75 -3.45 -15.90
N GLY B 73 42.78 -4.09 -15.34
CA GLY B 73 43.16 -3.82 -13.97
C GLY B 73 42.68 -4.86 -12.99
N SER B 74 42.04 -5.93 -13.44
CA SER B 74 41.83 -7.03 -12.52
C SER B 74 43.12 -7.89 -12.41
N CYS B 75 43.11 -8.77 -11.40
N CYS B 75 43.12 -8.79 -11.44
CA CYS B 75 44.25 -9.59 -11.00
CA CYS B 75 44.24 -9.64 -11.17
C CYS B 75 43.76 -10.98 -10.57
C CYS B 75 43.78 -10.97 -10.57
N SER B 76 44.53 -12.00 -10.89
CA SER B 76 44.21 -13.34 -10.50
C SER B 76 45.45 -13.95 -9.90
N ALA B 77 45.26 -14.96 -9.05
CA ALA B 77 46.38 -15.64 -8.43
C ALA B 77 46.04 -17.10 -8.30
N TRP B 78 47.06 -17.94 -8.34
CA TRP B 78 46.88 -19.34 -8.24
C TRP B 78 47.87 -19.89 -7.30
N VAL B 79 47.45 -20.88 -6.51
CA VAL B 79 48.39 -21.70 -5.76
C VAL B 79 48.03 -23.14 -6.01
N GLY B 80 49.04 -24.00 -5.99
CA GLY B 80 48.83 -25.40 -6.35
C GLY B 80 50.06 -26.26 -6.20
N GLN B 81 49.88 -27.51 -6.59
CA GLN B 81 50.97 -28.49 -6.53
C GLN B 81 51.09 -29.30 -7.82
N CYS B 82 52.33 -29.60 -8.20
CA CYS B 82 52.63 -30.43 -9.36
C CYS B 82 52.70 -31.88 -8.84
N PHE B 83 51.77 -32.71 -9.31
CA PHE B 83 51.72 -34.15 -8.99
C PHE B 83 52.03 -35.08 -10.16
N ILE B 84 53.04 -35.93 -9.99
CA ILE B 84 53.26 -36.99 -10.96
C ILE B 84 52.43 -38.20 -10.56
N LEU B 85 51.49 -38.61 -11.42
CA LEU B 85 50.62 -39.74 -11.09
C LEU B 85 51.33 -41.08 -11.33
N ASP B 86 51.04 -42.07 -10.51
CA ASP B 86 51.35 -43.47 -10.91
C ASP B 86 50.48 -43.74 -12.16
N ASP B 87 51.16 -43.82 -13.30
CA ASP B 87 50.57 -43.64 -14.65
C ASP B 87 51.70 -43.02 -15.48
N GLY B 88 52.08 -41.79 -15.15
CA GLY B 88 53.11 -41.06 -15.88
C GLY B 88 52.71 -39.62 -16.15
N ALA B 89 51.40 -39.35 -16.21
CA ALA B 89 50.88 -38.01 -16.44
C ALA B 89 51.21 -37.03 -15.30
N GLN B 90 51.52 -35.79 -15.68
CA GLN B 90 51.88 -34.70 -14.76
C GLN B 90 50.68 -33.78 -14.66
N VAL B 91 50.32 -33.43 -13.41
CA VAL B 91 49.05 -32.75 -13.14
C VAL B 91 49.23 -31.55 -12.22
N LEU B 92 48.78 -30.39 -12.69
CA LEU B 92 48.87 -29.17 -11.88
C LEU B 92 47.52 -28.80 -11.22
N LYS B 93 47.46 -28.97 -9.91
CA LYS B 93 46.21 -28.87 -9.16
C LYS B 93 46.28 -27.56 -8.44
N THR B 94 45.45 -26.61 -8.89
CA THR B 94 45.42 -25.26 -8.35
C THR B 94 44.07 -24.82 -7.80
N PHE B 95 44.09 -23.82 -6.92
CA PHE B 95 42.89 -23.05 -6.68
C PHE B 95 43.24 -21.63 -7.01
N TRP B 96 42.25 -20.82 -7.37
CA TRP B 96 42.57 -19.44 -7.75
C TRP B 96 41.69 -18.38 -7.08
N MET B 97 42.15 -17.15 -7.16
CA MET B 97 41.26 -16.04 -6.85
C MET B 97 41.29 -15.00 -7.97
N LEU B 98 40.17 -14.36 -8.20
CA LEU B 98 40.09 -13.27 -9.13
C LEU B 98 39.53 -12.03 -8.45
N ARG B 99 40.23 -10.91 -8.63
CA ARG B 99 39.86 -9.67 -7.99
C ARG B 99 39.56 -8.62 -9.02
N SER B 100 38.30 -8.23 -9.11
CA SER B 100 37.87 -7.07 -9.87
C SER B 100 38.12 -5.73 -9.18
N VAL B 101 38.27 -4.71 -10.01
CA VAL B 101 38.45 -3.35 -9.53
C VAL B 101 37.19 -2.93 -8.77
N ALA B 102 37.35 -2.29 -7.61
CA ALA B 102 36.24 -1.59 -6.98
C ALA B 102 36.54 -0.10 -6.90
N ASP B 103 35.49 0.71 -6.78
CA ASP B 103 35.62 2.17 -6.62
C ASP B 103 36.03 2.57 -5.22
N ASN B 104 35.72 1.76 -4.26
CA ASN B 104 36.16 2.05 -2.90
C ASN B 104 35.99 0.83 -2.03
N LEU B 105 36.41 0.97 -0.77
CA LEU B 105 36.47 -0.12 0.19
C LEU B 105 35.10 -0.74 0.43
N ALA B 106 34.11 0.11 0.70
CA ALA B 106 32.76 -0.37 1.00
C ALA B 106 32.11 -1.11 -0.17
N SER B 107 32.47 -0.78 -1.42
CA SER B 107 31.88 -1.49 -2.58
C SER B 107 32.77 -2.62 -3.08
N ALA B 108 33.76 -3.01 -2.28
CA ALA B 108 34.74 -4.04 -2.62
C ALA B 108 34.44 -5.42 -2.00
N TRP B 109 33.40 -5.50 -1.16
CA TRP B 109 32.91 -6.77 -0.54
C TRP B 109 32.62 -7.90 -1.51
N GLY B 110 32.17 -7.54 -2.71
CA GLY B 110 31.79 -8.50 -3.73
C GLY B 110 32.87 -8.76 -4.76
N SER B 111 34.05 -8.18 -4.57
CA SER B 111 35.05 -8.16 -5.62
C SER B 111 35.95 -9.38 -5.75
N THR B 112 35.74 -10.40 -4.95
CA THR B 112 36.65 -11.50 -4.95
C THR B 112 36.00 -12.86 -5.21
N ARG B 113 36.50 -13.47 -6.27
CA ARG B 113 35.99 -14.71 -6.80
C ARG B 113 37.01 -15.76 -6.54
N MET B 114 36.57 -17.00 -6.47
CA MET B 114 37.50 -18.12 -6.39
CA MET B 114 37.48 -18.14 -6.34
C MET B 114 36.98 -19.33 -7.18
N GLY B 115 37.85 -20.29 -7.39
CA GLY B 115 37.51 -21.53 -8.05
C GLY B 115 38.71 -22.48 -8.05
N GLU B 116 38.54 -23.69 -8.61
CA GLU B 116 39.63 -24.62 -8.90
C GLU B 116 39.97 -24.67 -10.42
N ASP B 117 41.26 -24.69 -10.76
CA ASP B 117 41.77 -25.07 -12.10
C ASP B 117 42.72 -26.27 -12.01
N ILE B 118 42.49 -27.27 -12.85
CA ILE B 118 43.35 -28.42 -12.92
C ILE B 118 44.02 -28.31 -14.30
N PHE B 119 45.36 -28.27 -14.32
CA PHE B 119 46.08 -28.17 -15.59
C PHE B 119 46.73 -29.50 -16.01
N PHE B 120 46.67 -29.79 -17.30
CA PHE B 120 47.37 -30.94 -17.90
C PHE B 120 48.37 -30.50 -18.96
N LYS B 121 49.51 -31.18 -19.05
CA LYS B 121 50.58 -30.84 -20.02
C LYS B 121 50.28 -31.27 -21.49
N THR B 122 50.79 -30.51 -22.46
CA THR B 122 50.65 -30.86 -23.87
C THR B 122 51.97 -31.39 -24.42
N SER C 4 42.83 11.30 -5.15
CA SER C 4 42.92 10.08 -4.29
C SER C 4 44.39 9.72 -3.91
N SER C 5 44.96 8.81 -4.71
CA SER C 5 46.18 8.04 -4.44
C SER C 5 46.22 7.10 -3.23
N CYS C 6 46.54 5.85 -3.53
CA CYS C 6 46.97 4.87 -2.58
C CYS C 6 48.28 4.33 -3.16
N ASN C 7 49.32 4.30 -2.34
CA ASN C 7 50.66 3.97 -2.79
C ASN C 7 51.09 2.62 -2.22
N VAL C 8 51.30 1.64 -3.08
CA VAL C 8 51.68 0.31 -2.61
C VAL C 8 53.12 0.25 -2.04
N THR C 9 53.98 1.19 -2.44
CA THR C 9 55.37 1.16 -1.93
C THR C 9 55.48 1.54 -0.45
N GLY C 10 56.25 0.76 0.30
CA GLY C 10 56.38 0.97 1.76
C GLY C 10 56.31 -0.24 2.70
N VAL C 11 56.13 0.04 3.98
CA VAL C 11 56.02 -1.00 5.00
C VAL C 11 54.55 -1.03 5.48
N TRP C 12 53.97 -2.24 5.52
CA TRP C 12 52.59 -2.44 5.90
C TRP C 12 52.54 -3.49 6.98
N ARG C 13 51.49 -3.43 7.76
CA ARG C 13 51.33 -4.36 8.83
C ARG C 13 49.92 -4.92 8.76
N ASN C 14 49.74 -6.20 8.98
CA ASN C 14 48.37 -6.69 9.08
C ASN C 14 47.92 -6.91 10.51
N GLU C 15 46.66 -7.29 10.63
CA GLU C 15 46.01 -7.66 11.87
C GLU C 15 46.72 -8.77 12.64
N LEU C 16 47.47 -9.64 11.97
CA LEU C 16 48.22 -10.65 12.75
C LEU C 16 49.58 -10.10 13.31
N GLY C 17 49.89 -8.83 13.04
CA GLY C 17 51.22 -8.28 13.34
C GLY C 17 52.30 -8.62 12.31
N SER C 18 51.90 -9.22 11.18
CA SER C 18 52.83 -9.51 10.08
C SER C 18 53.15 -8.25 9.26
N THR C 19 54.38 -8.17 8.80
CA THR C 19 54.82 -6.97 8.10
C THR C 19 55.18 -7.32 6.69
N LEU C 20 54.84 -6.38 5.82
CA LEU C 20 54.97 -6.57 4.40
C LEU C 20 55.74 -5.37 3.91
N ARG C 21 56.94 -5.62 3.38
CA ARG C 21 57.74 -4.57 2.75
C ARG C 21 57.71 -4.71 1.23
N VAL C 22 57.18 -3.68 0.55
CA VAL C 22 56.88 -3.71 -0.89
C VAL C 22 57.72 -2.64 -1.59
N LYS C 23 58.26 -2.98 -2.75
CA LYS C 23 58.86 -2.04 -3.69
C LYS C 23 58.25 -2.32 -5.03
N ALA C 24 57.73 -1.29 -5.68
CA ALA C 24 57.33 -1.37 -7.08
C ALA C 24 58.59 -1.34 -8.02
N GLU C 25 58.58 -2.22 -9.03
CA GLU C 25 59.56 -2.26 -10.14
C GLU C 25 58.78 -2.34 -11.43
N GLY C 26 58.25 -1.18 -11.83
CA GLY C 26 57.31 -1.04 -12.92
C GLY C 26 56.04 -1.74 -12.55
N SER C 27 55.64 -2.68 -13.39
CA SER C 27 54.47 -3.51 -13.16
C SER C 27 54.66 -4.57 -12.11
N GLU C 28 55.88 -4.80 -11.65
CA GLU C 28 56.10 -5.88 -10.69
C GLU C 28 56.25 -5.30 -9.31
N VAL C 29 55.92 -6.10 -8.31
CA VAL C 29 56.30 -5.80 -6.95
C VAL C 29 57.34 -6.84 -6.51
N ARG C 30 58.31 -6.37 -5.72
CA ARG C 30 59.24 -7.21 -4.96
C ARG C 30 59.36 -6.71 -3.53
N GLY C 31 60.00 -7.50 -2.69
CA GLY C 31 60.15 -7.18 -1.29
C GLY C 31 60.15 -8.44 -0.47
N VAL C 32 59.75 -8.27 0.79
CA VAL C 32 59.96 -9.21 1.87
C VAL C 32 58.74 -9.29 2.77
N TYR C 33 58.29 -10.50 3.06
CA TYR C 33 57.16 -10.68 3.95
C TYR C 33 57.68 -11.31 5.26
N GLN C 34 57.24 -10.78 6.40
CA GLN C 34 57.53 -11.39 7.68
C GLN C 34 56.25 -11.77 8.43
N THR C 35 56.03 -13.08 8.57
CA THR C 35 54.81 -13.51 9.18
C THR C 35 54.92 -13.65 10.71
N ALA C 36 53.92 -13.13 11.41
CA ALA C 36 53.86 -13.25 12.85
C ALA C 36 53.44 -14.66 13.28
N VAL C 37 52.92 -15.49 12.36
CA VAL C 37 52.35 -16.80 12.71
C VAL C 37 52.76 -17.82 11.64
N GLU C 38 52.71 -19.09 11.99
CA GLU C 38 52.93 -20.20 11.01
C GLU C 38 52.08 -21.40 11.38
N SER C 39 51.70 -22.16 10.36
CA SER C 39 50.81 -23.28 10.53
C SER C 39 51.42 -24.40 11.38
N THR C 40 52.71 -24.62 11.24
CA THR C 40 53.41 -25.46 12.22
C THR C 40 54.78 -24.87 12.42
N ARG C 41 55.42 -25.22 13.53
CA ARG C 41 56.71 -24.65 13.92
C ARG C 41 57.72 -24.92 12.82
N GLY C 42 58.37 -23.85 12.37
CA GLY C 42 59.42 -23.96 11.36
C GLY C 42 58.96 -23.85 9.92
N ALA C 43 57.65 -23.81 9.70
CA ALA C 43 57.05 -23.77 8.34
C ALA C 43 57.55 -22.63 7.51
N ALA C 44 57.57 -21.44 8.13
CA ALA C 44 58.10 -20.22 7.49
C ALA C 44 59.61 -19.96 7.70
N GLY C 45 60.37 -20.98 8.09
CA GLY C 45 61.83 -20.79 8.28
C GLY C 45 62.12 -20.12 9.62
N HIS C 46 63.39 -19.98 9.92
CA HIS C 46 63.81 -19.60 11.28
C HIS C 46 63.48 -18.14 11.59
N HIS C 47 63.50 -17.27 10.58
CA HIS C 47 63.12 -15.87 10.77
C HIS C 47 61.70 -15.51 10.28
N ARG C 48 60.97 -16.53 9.84
CA ARG C 48 59.57 -16.34 9.37
C ARG C 48 59.42 -15.30 8.28
N SER C 49 60.31 -15.37 7.31
CA SER C 49 60.52 -14.30 6.33
C SER C 49 60.86 -14.87 4.99
N ALA C 50 60.39 -14.23 3.95
CA ALA C 50 60.66 -14.73 2.64
C ALA C 50 60.41 -13.64 1.62
N ARG C 51 60.90 -13.87 0.41
CA ARG C 51 60.67 -12.91 -0.66
C ARG C 51 59.25 -13.04 -1.19
N ILE C 52 58.72 -11.89 -1.57
CA ILE C 52 57.48 -11.79 -2.25
C ILE C 52 57.76 -11.45 -3.71
N ILE C 53 56.88 -11.87 -4.59
CA ILE C 53 56.95 -11.40 -5.96
C ILE C 53 55.54 -11.28 -6.50
N GLY C 54 55.26 -10.27 -7.33
CA GLY C 54 53.86 -9.94 -7.68
C GLY C 54 53.62 -8.90 -8.75
N MET C 55 52.39 -8.40 -8.83
CA MET C 55 52.01 -7.39 -9.83
C MET C 55 51.24 -6.25 -9.20
N VAL C 56 51.37 -5.06 -9.76
CA VAL C 56 50.61 -3.90 -9.27
C VAL C 56 50.07 -3.15 -10.47
N SER C 57 48.81 -2.74 -10.36
CA SER C 57 48.16 -2.10 -11.49
C SER C 57 48.59 -0.64 -11.60
N ASP C 58 48.07 -0.02 -12.64
CA ASP C 58 48.28 1.38 -12.95
C ASP C 58 47.29 2.37 -12.31
N GLY C 59 46.36 1.91 -11.49
CA GLY C 59 45.37 2.84 -10.96
C GLY C 59 45.88 3.79 -9.89
N THR C 60 44.95 4.65 -9.50
CA THR C 60 45.02 5.51 -8.34
C THR C 60 44.82 4.73 -7.02
N GLN C 61 43.86 3.83 -7.02
CA GLN C 61 43.73 2.78 -6.01
C GLN C 61 44.03 1.42 -6.69
N PRO C 62 45.33 1.11 -6.91
CA PRO C 62 45.70 -0.03 -7.72
C PRO C 62 45.37 -1.37 -7.12
N THR C 63 45.14 -2.33 -7.99
CA THR C 63 45.08 -3.71 -7.55
C THR C 63 46.49 -4.32 -7.44
N VAL C 64 46.65 -5.27 -6.52
CA VAL C 64 47.85 -6.07 -6.45
C VAL C 64 47.59 -7.55 -6.37
N SER C 65 48.61 -8.29 -6.76
CA SER C 65 48.65 -9.72 -6.59
C SER C 65 50.05 -10.14 -6.28
N PHE C 66 50.26 -10.97 -5.27
CA PHE C 66 51.62 -11.43 -4.99
C PHE C 66 51.66 -12.79 -4.35
N SER C 67 52.83 -13.42 -4.42
CA SER C 67 53.05 -14.80 -4.04
C SER C 67 54.22 -14.87 -3.10
N VAL C 68 54.20 -15.85 -2.20
CA VAL C 68 55.36 -16.14 -1.34
C VAL C 68 55.62 -17.65 -1.31
N LEU C 69 56.86 -18.08 -1.56
CA LEU C 69 57.22 -19.50 -1.43
C LEU C 69 57.93 -19.67 -0.09
N TRP C 70 57.28 -20.30 0.86
CA TRP C 70 57.88 -20.43 2.19
C TRP C 70 58.98 -21.46 2.18
N GLU C 71 59.80 -21.42 3.22
CA GLU C 71 61.02 -22.24 3.35
C GLU C 71 60.83 -23.77 3.23
N LYS C 72 59.75 -24.33 3.78
CA LYS C 72 59.53 -25.79 3.73
C LYS C 72 58.49 -26.23 2.73
N GLY C 73 58.25 -25.41 1.71
CA GLY C 73 57.48 -25.84 0.54
C GLY C 73 56.06 -25.32 0.43
N SER C 74 55.48 -24.85 1.51
CA SER C 74 54.17 -24.24 1.42
C SER C 74 54.29 -22.94 0.61
N CYS C 75 53.20 -22.56 -0.07
CA CYS C 75 53.19 -21.28 -0.77
CA CYS C 75 53.14 -21.33 -0.86
C CYS C 75 51.89 -20.55 -0.51
N SER C 76 51.99 -19.22 -0.39
CA SER C 76 50.85 -18.34 -0.16
C SER C 76 50.64 -17.38 -1.35
N ALA C 77 49.40 -16.97 -1.61
CA ALA C 77 49.13 -15.85 -2.55
C ALA C 77 48.15 -14.85 -1.98
N TRP C 78 48.24 -13.58 -2.41
CA TRP C 78 47.26 -12.58 -2.08
C TRP C 78 46.79 -11.82 -3.31
N VAL C 79 45.50 -11.55 -3.36
CA VAL C 79 44.99 -10.53 -4.26
C VAL C 79 44.40 -9.42 -3.45
N GLY C 80 44.45 -8.21 -3.99
CA GLY C 80 43.95 -7.07 -3.21
C GLY C 80 43.77 -5.76 -3.93
N GLN C 81 43.27 -4.76 -3.19
CA GLN C 81 43.25 -3.38 -3.67
C GLN C 81 43.68 -2.36 -2.60
N CYS C 82 44.50 -1.41 -3.01
CA CYS C 82 44.92 -0.24 -2.22
C CYS C 82 43.84 0.82 -2.32
N PHE C 83 43.16 1.06 -1.22
CA PHE C 83 42.15 2.10 -1.14
C PHE C 83 42.68 3.27 -0.31
N ILE C 84 42.34 4.49 -0.68
CA ILE C 84 42.60 5.61 0.26
C ILE C 84 41.33 5.91 1.04
N LEU C 85 41.42 5.82 2.34
CA LEU C 85 40.23 6.09 3.15
C LEU C 85 39.95 7.59 3.34
N ASP C 86 38.69 7.89 3.69
CA ASP C 86 38.22 9.27 3.83
C ASP C 86 39.07 10.06 4.81
N ASP C 87 39.42 9.45 5.94
CA ASP C 87 40.35 10.08 6.89
C ASP C 87 41.81 10.18 6.35
N GLY C 88 42.02 9.88 5.07
CA GLY C 88 43.37 9.95 4.46
C GLY C 88 44.31 8.78 4.73
N ALA C 89 43.84 7.74 5.42
CA ALA C 89 44.66 6.53 5.64
C ALA C 89 44.62 5.59 4.43
N GLN C 90 45.74 4.92 4.23
CA GLN C 90 45.91 3.93 3.17
C GLN C 90 45.74 2.54 3.74
N VAL C 91 44.92 1.72 3.10
CA VAL C 91 44.69 0.31 3.50
C VAL C 91 44.75 -0.64 2.30
N LEU C 92 45.44 -1.74 2.48
CA LEU C 92 45.59 -2.76 1.48
C LEU C 92 44.66 -3.92 1.87
N LYS C 93 43.50 -3.97 1.23
CA LYS C 93 42.51 -5.02 1.46
C LYS C 93 42.79 -6.27 0.60
N THR C 94 43.08 -7.41 1.20
CA THR C 94 43.44 -8.59 0.43
C THR C 94 42.71 -9.82 0.90
N PHE C 95 42.60 -10.82 0.04
CA PHE C 95 42.34 -12.19 0.45
C PHE C 95 43.50 -13.05 0.07
N TRP C 96 43.74 -14.10 0.86
CA TRP C 96 44.86 -14.96 0.58
C TRP C 96 44.48 -16.41 0.51
N MET C 97 45.37 -17.20 -0.08
CA MET C 97 45.33 -18.68 -0.05
C MET C 97 46.71 -19.13 0.42
N LEU C 98 46.68 -20.14 1.27
CA LEU C 98 47.89 -20.79 1.78
C LEU C 98 47.82 -22.25 1.37
N ARG C 99 48.69 -22.60 0.45
CA ARG C 99 48.78 -23.95 -0.05
C ARG C 99 49.86 -24.74 0.68
N SER C 100 49.46 -25.78 1.42
CA SER C 100 50.42 -26.67 2.11
C SER C 100 50.80 -27.87 1.27
N VAL C 101 52.04 -28.34 1.42
CA VAL C 101 52.51 -29.47 0.64
C VAL C 101 51.69 -30.70 1.02
N ALA C 102 51.32 -31.48 0.02
CA ALA C 102 50.66 -32.77 0.17
C ALA C 102 51.53 -33.91 -0.43
N ASP C 103 51.38 -35.14 0.07
CA ASP C 103 52.16 -36.28 -0.45
C ASP C 103 51.77 -36.70 -1.87
N ASN C 104 50.47 -36.65 -2.19
CA ASN C 104 49.97 -37.05 -3.52
C ASN C 104 48.64 -36.40 -3.77
N LEU C 105 48.05 -36.66 -4.94
CA LEU C 105 46.77 -36.06 -5.30
C LEU C 105 45.62 -36.42 -4.35
N ALA C 106 45.57 -37.66 -3.88
CA ALA C 106 44.50 -38.14 -2.99
C ALA C 106 44.43 -37.33 -1.71
N SER C 107 45.59 -37.04 -1.12
CA SER C 107 45.65 -36.34 0.13
C SER C 107 45.56 -34.80 0.02
N ALA C 108 45.45 -34.24 -1.18
CA ALA C 108 45.47 -32.79 -1.38
C ALA C 108 44.12 -32.04 -1.24
N TRP C 109 43.04 -32.75 -0.97
CA TRP C 109 41.73 -32.10 -0.87
C TRP C 109 41.69 -31.11 0.28
N GLY C 110 42.57 -31.29 1.24
CA GLY C 110 42.60 -30.46 2.42
C GLY C 110 43.78 -29.51 2.49
N SER C 111 44.50 -29.38 1.39
CA SER C 111 45.71 -28.62 1.39
C SER C 111 45.54 -27.14 1.12
N THR C 112 44.31 -26.64 1.06
CA THR C 112 44.12 -25.18 0.82
C THR C 112 43.33 -24.40 1.89
N ARG C 113 43.99 -23.42 2.47
CA ARG C 113 43.42 -22.55 3.43
C ARG C 113 43.20 -21.18 2.81
N MET C 114 42.32 -20.38 3.41
CA MET C 114 42.19 -19.03 2.94
C MET C 114 41.82 -18.03 4.03
N GLY C 115 42.09 -16.77 3.80
CA GLY C 115 41.58 -15.76 4.69
C GLY C 115 41.56 -14.37 4.13
N GLU C 116 41.23 -13.41 4.98
CA GLU C 116 41.39 -12.00 4.67
C GLU C 116 42.54 -11.40 5.49
N ASP C 117 43.41 -10.63 4.84
CA ASP C 117 44.38 -9.75 5.50
C ASP C 117 44.11 -8.29 5.09
N ILE C 118 44.10 -7.42 6.10
CA ILE C 118 43.96 -6.02 5.93
C ILE C 118 45.28 -5.40 6.43
N PHE C 119 45.94 -4.66 5.55
CA PHE C 119 47.26 -4.16 5.84
C PHE C 119 47.10 -2.67 6.01
N PHE C 120 47.80 -2.11 7.02
CA PHE C 120 47.74 -0.67 7.31
C PHE C 120 49.18 -0.18 7.18
N LYS C 121 49.36 1.06 6.71
CA LYS C 121 50.71 1.59 6.53
C LYS C 121 51.35 2.02 7.85
N THR C 122 52.59 1.55 8.05
CA THR C 122 53.49 1.95 9.14
C THR C 122 54.10 3.30 8.75
N SER D 4 13.40 -31.29 -18.95
CA SER D 4 14.07 -32.17 -17.92
C SER D 4 14.75 -31.31 -16.85
N SER D 5 14.57 -31.75 -15.61
CA SER D 5 15.04 -31.01 -14.44
C SER D 5 16.23 -31.71 -13.81
N CYS D 6 17.11 -30.93 -13.21
CA CYS D 6 18.09 -31.48 -12.29
C CYS D 6 17.35 -31.56 -10.97
N ASN D 7 17.36 -32.73 -10.37
CA ASN D 7 16.63 -33.00 -9.15
C ASN D 7 17.61 -33.20 -8.01
N VAL D 8 17.55 -32.31 -7.03
CA VAL D 8 18.47 -32.33 -5.88
C VAL D 8 18.24 -33.57 -5.03
N THR D 9 17.01 -34.06 -4.94
CA THR D 9 16.69 -35.25 -4.13
C THR D 9 17.33 -36.55 -4.64
N GLY D 10 17.83 -37.38 -3.74
CA GLY D 10 18.41 -38.67 -4.12
C GLY D 10 19.69 -38.96 -3.38
N VAL D 11 20.48 -39.88 -3.98
CA VAL D 11 21.80 -40.27 -3.47
C VAL D 11 22.92 -39.98 -4.46
N TRP D 12 23.93 -39.29 -3.94
CA TRP D 12 24.99 -38.69 -4.69
C TRP D 12 26.32 -39.09 -4.14
N ARG D 13 27.33 -39.08 -4.99
CA ARG D 13 28.68 -39.52 -4.64
C ARG D 13 29.65 -38.53 -5.28
N ASN D 14 30.72 -38.15 -4.56
CA ASN D 14 31.63 -37.15 -5.08
C ASN D 14 33.00 -37.72 -5.44
N GLU D 15 33.90 -36.84 -5.82
CA GLU D 15 35.17 -37.23 -6.41
C GLU D 15 36.09 -37.75 -5.37
N LEU D 16 35.70 -37.64 -4.11
CA LEU D 16 36.51 -38.19 -3.00
C LEU D 16 35.91 -39.51 -2.55
N GLY D 17 34.71 -39.85 -3.01
CA GLY D 17 34.03 -41.08 -2.56
C GLY D 17 32.98 -40.85 -1.47
N SER D 18 32.75 -39.60 -1.14
CA SER D 18 31.80 -39.27 -0.12
C SER D 18 30.42 -39.43 -0.74
N THR D 19 29.45 -39.78 0.10
CA THR D 19 28.06 -39.94 -0.35
C THR D 19 27.12 -39.06 0.50
N LEU D 20 26.02 -38.70 -0.13
CA LEU D 20 25.19 -37.63 0.35
C LEU D 20 23.80 -38.04 -0.05
N ARG D 21 23.02 -38.45 0.94
CA ARG D 21 21.64 -38.82 0.72
C ARG D 21 20.82 -37.62 1.11
N VAL D 22 19.99 -37.14 0.20
CA VAL D 22 19.36 -35.84 0.32
C VAL D 22 17.90 -35.93 -0.04
N LYS D 23 17.08 -35.28 0.78
CA LYS D 23 15.65 -35.17 0.51
C LYS D 23 15.26 -33.69 0.58
N ALA D 24 14.33 -33.26 -0.26
CA ALA D 24 13.82 -31.88 -0.27
C ALA D 24 12.38 -31.79 0.21
N GLU D 25 12.06 -30.72 0.94
CA GLU D 25 10.70 -30.34 1.32
C GLU D 25 10.61 -28.85 1.09
N GLY D 26 9.89 -28.43 0.06
CA GLY D 26 9.68 -27.01 -0.14
C GLY D 26 11.01 -26.38 -0.48
N SER D 27 11.43 -25.39 0.32
CA SER D 27 12.72 -24.77 0.08
C SER D 27 13.88 -25.38 0.93
N GLU D 28 13.58 -26.41 1.75
CA GLU D 28 14.54 -26.92 2.71
C GLU D 28 15.00 -28.32 2.36
N VAL D 29 16.30 -28.58 2.38
CA VAL D 29 16.83 -29.95 2.22
C VAL D 29 17.29 -30.58 3.56
N ARG D 30 17.24 -31.90 3.60
CA ARG D 30 17.66 -32.67 4.77
C ARG D 30 18.33 -33.96 4.34
N GLY D 31 19.00 -34.63 5.27
CA GLY D 31 19.59 -35.94 4.96
C GLY D 31 20.90 -36.20 5.66
N VAL D 32 21.76 -36.99 5.03
CA VAL D 32 22.92 -37.52 5.67
C VAL D 32 24.10 -37.52 4.75
N TYR D 33 25.23 -37.10 5.29
CA TYR D 33 26.48 -37.01 4.56
C TYR D 33 27.44 -37.96 5.23
N GLN D 34 28.04 -38.84 4.42
CA GLN D 34 29.10 -39.70 4.86
C GLN D 34 30.33 -39.29 4.06
N THR D 35 31.34 -38.79 4.75
CA THR D 35 32.54 -38.31 4.10
C THR D 35 33.55 -39.44 4.00
N ALA D 36 34.37 -39.48 2.95
CA ALA D 36 35.42 -40.52 2.82
C ALA D 36 36.76 -40.08 3.38
N VAL D 37 36.91 -38.80 3.76
CA VAL D 37 38.16 -38.27 4.26
C VAL D 37 37.97 -37.43 5.52
N GLU D 38 39.05 -37.32 6.29
CA GLU D 38 39.02 -36.67 7.60
C GLU D 38 40.28 -35.87 7.77
N SER D 39 40.14 -34.62 8.22
CA SER D 39 41.29 -33.75 8.49
C SER D 39 42.27 -34.38 9.46
N THR D 40 41.72 -34.99 10.50
CA THR D 40 42.43 -35.64 11.55
C THR D 40 41.61 -36.91 11.77
N ARG D 41 42.25 -37.99 12.21
CA ARG D 41 41.49 -39.23 12.42
C ARG D 41 40.45 -38.98 13.49
N GLY D 42 39.24 -39.44 13.24
CA GLY D 42 38.18 -39.35 14.22
C GLY D 42 37.29 -38.14 14.08
N ALA D 43 37.75 -37.13 13.34
CA ALA D 43 37.12 -35.79 13.34
C ALA D 43 35.67 -35.79 12.86
N ALA D 44 35.35 -36.71 11.98
CA ALA D 44 33.99 -36.84 11.48
C ALA D 44 33.24 -37.93 12.24
N GLY D 45 33.86 -38.46 13.27
CA GLY D 45 33.15 -39.32 14.21
C GLY D 45 32.57 -40.62 13.66
N HIS D 46 31.55 -41.11 14.34
CA HIS D 46 31.05 -42.48 14.16
C HIS D 46 30.60 -42.71 12.73
N HIS D 47 31.34 -43.56 12.00
CA HIS D 47 31.02 -43.94 10.61
C HIS D 47 31.24 -42.75 9.68
N ARG D 48 31.98 -41.76 10.15
CA ARG D 48 32.20 -40.52 9.40
C ARG D 48 30.87 -39.93 8.86
N SER D 49 29.80 -40.10 9.62
CA SER D 49 28.47 -39.67 9.22
C SER D 49 27.93 -38.48 10.02
N ALA D 50 27.15 -37.62 9.37
CA ALA D 50 26.47 -36.55 10.07
C ALA D 50 25.28 -36.02 9.29
N ARG D 51 24.40 -35.32 9.98
CA ARG D 51 23.24 -34.76 9.32
C ARG D 51 23.57 -33.55 8.47
N ILE D 52 22.69 -33.32 7.51
CA ILE D 52 22.73 -32.19 6.57
C ILE D 52 21.51 -31.33 6.80
N ILE D 53 21.68 -30.03 6.79
CA ILE D 53 20.52 -29.13 6.75
C ILE D 53 20.85 -28.00 5.78
N GLY D 54 19.88 -27.51 5.02
CA GLY D 54 20.21 -26.65 3.88
C GLY D 54 19.02 -26.05 3.21
N MET D 55 19.27 -25.28 2.15
CA MET D 55 18.20 -24.76 1.25
C MET D 55 18.39 -25.21 -0.19
N VAL D 56 17.27 -25.20 -0.93
CA VAL D 56 17.24 -25.44 -2.36
C VAL D 56 16.28 -24.48 -3.07
N SER D 57 16.61 -24.07 -4.29
CA SER D 57 15.76 -23.14 -5.04
C SER D 57 14.80 -23.88 -5.92
N ASP D 58 13.80 -23.17 -6.42
CA ASP D 58 12.93 -23.76 -7.46
C ASP D 58 13.66 -23.85 -8.81
N GLY D 59 12.91 -24.12 -9.87
CA GLY D 59 13.44 -24.06 -11.24
C GLY D 59 14.07 -25.35 -11.72
N THR D 60 14.50 -25.33 -12.96
CA THR D 60 15.05 -26.51 -13.60
C THR D 60 16.47 -26.82 -13.14
N GLN D 61 17.23 -25.79 -12.77
CA GLN D 61 18.65 -26.03 -12.37
C GLN D 61 18.95 -25.33 -11.08
N PRO D 62 18.36 -25.86 -9.98
CA PRO D 62 18.33 -25.15 -8.73
C PRO D 62 19.70 -25.04 -8.06
N THR D 63 19.89 -23.88 -7.41
CA THR D 63 20.98 -23.63 -6.50
C THR D 63 20.67 -24.40 -5.24
N VAL D 64 21.70 -24.97 -4.63
CA VAL D 64 21.59 -25.57 -3.29
C VAL D 64 22.62 -25.02 -2.34
N SER D 65 22.33 -25.16 -1.05
CA SER D 65 23.19 -24.63 0.01
CA SER D 65 23.19 -24.63 0.01
C SER D 65 22.94 -25.42 1.27
N PHE D 66 24.00 -26.00 1.85
CA PHE D 66 23.80 -26.82 3.02
C PHE D 66 25.00 -26.90 3.95
N SER D 67 24.67 -27.29 5.20
CA SER D 67 25.60 -27.31 6.32
C SER D 67 25.72 -28.69 6.93
N VAL D 68 26.92 -28.93 7.46
CA VAL D 68 27.16 -30.09 8.29
C VAL D 68 27.99 -29.76 9.53
N LEU D 69 27.46 -30.14 10.69
CA LEU D 69 28.19 -30.05 11.94
C LEU D 69 28.77 -31.41 12.09
N TRP D 70 30.09 -31.49 12.19
CA TRP D 70 30.78 -32.78 12.42
C TRP D 70 30.90 -33.11 13.91
N GLU D 71 31.13 -34.40 14.20
CA GLU D 71 31.11 -34.90 15.57
C GLU D 71 31.97 -34.17 16.58
N LYS D 72 33.20 -33.81 16.22
CA LYS D 72 34.15 -33.17 17.16
C LYS D 72 34.09 -31.65 17.07
N GLY D 73 33.10 -31.13 16.34
CA GLY D 73 32.80 -29.70 16.34
C GLY D 73 33.33 -28.90 15.17
N SER D 74 33.92 -29.55 14.17
CA SER D 74 34.21 -28.83 12.91
C SER D 74 32.89 -28.76 12.16
N CYS D 75 32.79 -27.77 11.28
N CYS D 75 32.83 -27.81 11.24
CA CYS D 75 31.62 -27.63 10.42
CA CYS D 75 31.65 -27.57 10.42
C CYS D 75 32.02 -27.28 9.00
C CYS D 75 32.06 -27.30 8.99
N SER D 76 31.22 -27.73 8.06
CA SER D 76 31.44 -27.50 6.65
C SER D 76 30.14 -26.87 6.09
N ALA D 77 30.26 -26.11 5.02
CA ALA D 77 29.14 -25.70 4.23
C ALA D 77 29.49 -25.89 2.76
N TRP D 78 28.45 -26.03 1.95
CA TRP D 78 28.56 -26.15 0.52
C TRP D 78 27.59 -25.19 -0.12
N VAL D 79 28.02 -24.47 -1.15
CA VAL D 79 27.07 -23.80 -2.05
C VAL D 79 27.24 -24.40 -3.44
N GLY D 80 26.13 -24.54 -4.15
CA GLY D 80 26.20 -25.06 -5.49
C GLY D 80 25.00 -24.89 -6.36
N GLN D 81 25.05 -25.59 -7.48
CA GLN D 81 23.93 -25.65 -8.41
C GLN D 81 23.86 -27.01 -9.10
N CYS D 82 22.63 -27.44 -9.32
CA CYS D 82 22.30 -28.75 -9.91
C CYS D 82 22.22 -28.56 -11.41
N PHE D 83 23.17 -29.11 -12.16
CA PHE D 83 23.18 -28.97 -13.62
C PHE D 83 22.83 -30.28 -14.27
N ILE D 84 22.17 -30.20 -15.43
CA ILE D 84 21.92 -31.33 -16.32
C ILE D 84 22.98 -31.29 -17.42
N LEU D 85 23.78 -32.35 -17.56
CA LEU D 85 24.83 -32.37 -18.60
C LEU D 85 24.29 -32.75 -19.98
N ASP D 86 25.20 -32.84 -20.96
CA ASP D 86 24.82 -33.12 -22.36
C ASP D 86 24.38 -34.57 -22.51
N ASP D 87 25.10 -35.47 -21.84
CA ASP D 87 24.73 -36.88 -21.80
C ASP D 87 23.52 -37.23 -20.92
N GLY D 88 22.83 -36.25 -20.33
CA GLY D 88 21.73 -36.48 -19.39
C GLY D 88 22.07 -36.68 -17.89
N ALA D 89 23.34 -36.60 -17.48
CA ALA D 89 23.70 -36.74 -16.07
C ALA D 89 23.32 -35.50 -15.24
N GLN D 90 22.87 -35.77 -14.03
CA GLN D 90 22.60 -34.74 -13.09
C GLN D 90 23.86 -34.56 -12.22
N VAL D 91 24.34 -33.32 -12.12
CA VAL D 91 25.53 -33.08 -11.31
C VAL D 91 25.30 -31.96 -10.30
N LEU D 92 25.85 -32.12 -9.10
CA LEU D 92 25.97 -30.95 -8.22
C LEU D 92 27.37 -30.37 -8.29
N LYS D 93 27.43 -29.11 -8.71
CA LYS D 93 28.69 -28.40 -8.76
C LYS D 93 28.78 -27.51 -7.55
N THR D 94 29.69 -27.84 -6.65
CA THR D 94 29.70 -27.14 -5.35
C THR D 94 31.06 -26.59 -4.97
N PHE D 95 31.05 -25.47 -4.24
CA PHE D 95 32.22 -25.05 -3.49
C PHE D 95 31.96 -25.24 -2.00
N TRP D 96 33.00 -25.57 -1.25
CA TRP D 96 32.86 -25.80 0.21
C TRP D 96 33.87 -25.10 1.07
N MET D 97 33.54 -24.96 2.36
CA MET D 97 34.46 -24.44 3.37
C MET D 97 34.42 -25.39 4.55
N LEU D 98 35.58 -25.72 5.10
CA LEU D 98 35.65 -26.49 6.31
C LEU D 98 36.31 -25.62 7.40
N ARG D 99 35.58 -25.40 8.50
CA ARG D 99 36.04 -24.62 9.64
C ARG D 99 36.44 -25.56 10.76
N SER D 100 37.72 -25.68 11.02
CA SER D 100 38.22 -26.38 12.22
C SER D 100 38.06 -25.55 13.50
N VAL D 101 37.91 -26.24 14.64
CA VAL D 101 37.82 -25.58 15.94
C VAL D 101 39.15 -24.92 16.30
N ALA D 102 39.11 -23.72 16.86
CA ALA D 102 40.28 -23.05 17.36
C ALA D 102 40.10 -22.59 18.86
N ASP D 103 41.19 -22.61 19.62
CA ASP D 103 41.18 -22.18 21.02
C ASP D 103 40.72 -20.74 21.18
N ASN D 104 41.06 -19.86 20.24
CA ASN D 104 40.68 -18.43 20.38
C ASN D 104 40.89 -17.67 19.10
N LEU D 105 40.54 -16.38 19.11
CA LEU D 105 40.51 -15.60 17.87
C LEU D 105 41.86 -15.55 17.19
N ALA D 106 42.92 -15.41 17.98
CA ALA D 106 44.26 -15.23 17.44
C ALA D 106 44.79 -16.48 16.72
N SER D 107 44.46 -17.66 17.24
CA SER D 107 44.90 -18.87 16.58
C SER D 107 43.92 -19.33 15.50
N ALA D 108 42.92 -18.49 15.14
CA ALA D 108 41.87 -18.87 14.18
C ALA D 108 42.20 -18.47 12.73
N TRP D 109 43.33 -17.81 12.57
CA TRP D 109 43.68 -17.29 11.26
C TRP D 109 43.73 -18.39 10.18
N GLY D 110 44.10 -19.61 10.56
CA GLY D 110 44.29 -20.73 9.64
C GLY D 110 43.29 -21.88 9.82
N SER D 111 42.14 -21.55 10.38
CA SER D 111 41.04 -22.49 10.65
C SER D 111 40.03 -22.75 9.49
N THR D 112 40.15 -22.04 8.39
CA THR D 112 39.28 -22.30 7.24
C THR D 112 40.03 -22.81 6.03
N ARG D 113 39.72 -24.06 5.68
CA ARG D 113 40.08 -24.60 4.39
C ARG D 113 38.96 -24.39 3.36
N MET D 114 39.31 -24.44 2.08
CA MET D 114 38.29 -24.61 1.06
C MET D 114 38.62 -25.56 -0.08
N GLY D 115 37.62 -25.82 -0.91
CA GLY D 115 37.74 -26.71 -2.05
C GLY D 115 36.48 -26.81 -2.91
N GLU D 116 36.54 -27.63 -3.94
CA GLU D 116 35.41 -27.87 -4.86
C GLU D 116 35.02 -29.35 -4.80
N ASP D 117 33.73 -29.60 -4.75
CA ASP D 117 33.15 -30.96 -4.83
C ASP D 117 32.13 -31.03 -5.98
N ILE D 118 32.19 -32.15 -6.69
CA ILE D 118 31.33 -32.43 -7.82
C ILE D 118 30.69 -33.73 -7.49
N PHE D 119 29.37 -33.72 -7.39
CA PHE D 119 28.60 -34.91 -7.01
C PHE D 119 27.83 -35.46 -8.23
N PHE D 120 27.92 -36.77 -8.45
CA PHE D 120 27.13 -37.48 -9.47
C PHE D 120 26.13 -38.41 -8.81
N LYS D 121 24.94 -38.48 -9.40
CA LYS D 121 23.91 -39.42 -8.95
C LYS D 121 24.25 -40.87 -9.26
N THR D 122 23.99 -41.73 -8.29
CA THR D 122 23.97 -43.17 -8.53
C THR D 122 22.81 -43.54 -9.46
N SER E 4 3.93 -29.79 -0.49
CA SER E 4 2.84 -28.82 -0.80
C SER E 4 2.73 -27.79 0.35
N SER E 5 2.94 -26.53 0.00
CA SER E 5 3.06 -25.47 1.02
C SER E 5 1.92 -24.48 0.97
N CYS E 6 1.66 -23.85 2.12
CA CYS E 6 0.72 -22.75 2.20
C CYS E 6 1.51 -21.45 2.27
N ASN E 7 1.34 -20.60 1.28
CA ASN E 7 2.15 -19.42 1.10
C ASN E 7 1.33 -18.14 1.36
N VAL E 8 1.74 -17.39 2.38
CA VAL E 8 0.97 -16.24 2.86
C VAL E 8 0.97 -15.10 1.85
N THR E 9 2.08 -14.97 1.13
CA THR E 9 2.22 -13.99 0.07
C THR E 9 1.20 -14.25 -1.01
N GLY E 10 0.47 -13.22 -1.39
CA GLY E 10 -0.58 -13.40 -2.36
C GLY E 10 -1.71 -12.45 -2.10
N VAL E 11 -2.80 -12.66 -2.86
CA VAL E 11 -4.01 -11.88 -2.78
C VAL E 11 -5.11 -12.79 -2.26
N TRP E 12 -5.82 -12.27 -1.25
CA TRP E 12 -6.75 -13.03 -0.46
C TRP E 12 -8.08 -12.30 -0.36
N ARG E 13 -9.13 -13.08 -0.18
CA ARG E 13 -10.48 -12.58 -0.19
C ARG E 13 -11.19 -13.27 0.97
N ASN E 14 -11.89 -12.48 1.78
CA ASN E 14 -12.61 -13.09 2.86
C ASN E 14 -14.09 -13.16 2.58
N GLU E 15 -14.79 -13.79 3.53
CA GLU E 15 -16.18 -14.12 3.43
C GLU E 15 -17.08 -12.87 3.43
N LEU E 16 -16.50 -11.75 3.84
CA LEU E 16 -17.18 -10.46 3.75
C LEU E 16 -16.95 -9.82 2.41
N GLY E 17 -16.03 -10.36 1.62
CA GLY E 17 -15.63 -9.76 0.34
C GLY E 17 -14.49 -8.76 0.44
N SER E 18 -13.88 -8.63 1.62
CA SER E 18 -12.70 -7.80 1.80
C SER E 18 -11.50 -8.44 1.10
N THR E 19 -10.54 -7.61 0.71
CA THR E 19 -9.36 -8.08 0.00
C THR E 19 -8.10 -7.76 0.80
N LEU E 20 -7.24 -8.75 0.89
CA LEU E 20 -6.00 -8.65 1.65
C LEU E 20 -4.87 -8.94 0.70
N ARG E 21 -4.03 -7.95 0.47
CA ARG E 21 -2.88 -8.10 -0.42
C ARG E 21 -1.61 -8.04 0.43
N VAL E 22 -0.83 -9.10 0.32
CA VAL E 22 0.17 -9.38 1.28
C VAL E 22 1.45 -9.86 0.64
N LYS E 23 2.57 -9.34 1.14
CA LYS E 23 3.90 -9.78 0.74
C LYS E 23 4.73 -10.21 1.96
N ALA E 24 5.20 -11.46 1.96
CA ALA E 24 6.06 -11.96 3.05
C ALA E 24 7.53 -11.75 2.74
N GLU E 25 8.23 -11.05 3.61
CA GLU E 25 9.70 -10.90 3.47
C GLU E 25 10.40 -11.11 4.81
N GLY E 26 11.33 -12.06 4.82
CA GLY E 26 11.96 -12.50 6.06
C GLY E 26 10.93 -13.10 6.99
N SER E 27 10.67 -12.41 8.09
CA SER E 27 9.67 -12.81 9.09
C SER E 27 8.59 -11.72 9.24
N GLU E 28 8.53 -10.79 8.29
CA GLU E 28 7.54 -9.71 8.37
C GLU E 28 6.58 -9.77 7.19
N VAL E 29 5.40 -9.18 7.35
CA VAL E 29 4.48 -9.00 6.24
C VAL E 29 4.11 -7.53 6.13
N ARG E 30 3.92 -7.12 4.87
CA ARG E 30 3.39 -5.81 4.55
C ARG E 30 2.31 -5.93 3.49
N GLY E 31 1.61 -4.84 3.26
CA GLY E 31 0.59 -4.82 2.25
C GLY E 31 -0.58 -3.91 2.58
N VAL E 32 -1.75 -4.28 2.08
CA VAL E 32 -2.87 -3.35 1.95
C VAL E 32 -4.15 -4.12 2.22
N TYR E 33 -4.98 -3.60 3.11
CA TYR E 33 -6.27 -4.21 3.42
C TYR E 33 -7.37 -3.32 2.89
N GLN E 34 -8.24 -3.88 2.05
CA GLN E 34 -9.47 -3.19 1.68
C GLN E 34 -10.69 -3.89 2.25
N THR E 35 -11.35 -3.22 3.19
CA THR E 35 -12.52 -3.81 3.82
C THR E 35 -13.81 -3.52 3.03
N ALA E 36 -14.58 -4.57 2.76
CA ALA E 36 -15.85 -4.43 2.07
C ALA E 36 -16.95 -3.89 2.97
N VAL E 37 -16.68 -3.75 4.28
CA VAL E 37 -17.62 -3.18 5.22
C VAL E 37 -16.91 -2.30 6.27
N GLU E 38 -17.71 -1.47 6.94
CA GLU E 38 -17.21 -0.64 8.06
C GLU E 38 -18.29 -0.45 9.11
N SER E 39 -17.89 -0.06 10.30
CA SER E 39 -18.76 -0.10 11.47
C SER E 39 -19.59 1.16 11.57
N THR E 40 -19.03 2.26 11.07
CA THR E 40 -19.79 3.48 10.80
C THR E 40 -19.20 4.21 9.56
N ARG E 41 -20.06 4.85 8.78
CA ARG E 41 -19.62 5.64 7.61
C ARG E 41 -18.41 6.51 7.94
N GLY E 42 -17.43 6.50 7.06
CA GLY E 42 -16.16 7.17 7.28
C GLY E 42 -15.08 6.20 7.74
N ALA E 43 -15.34 5.49 8.84
CA ALA E 43 -14.35 4.65 9.58
C ALA E 43 -13.12 4.17 8.81
N ALA E 44 -13.34 3.47 7.70
CA ALA E 44 -12.22 2.91 6.96
C ALA E 44 -11.58 3.85 5.91
N GLY E 45 -12.17 5.02 5.69
CA GLY E 45 -11.56 6.01 4.80
C GLY E 45 -11.97 5.96 3.33
N HIS E 46 -11.18 6.64 2.49
CA HIS E 46 -11.63 7.07 1.17
C HIS E 46 -12.02 5.87 0.31
N HIS E 47 -11.13 4.90 0.18
CA HIS E 47 -11.46 3.66 -0.54
C HIS E 47 -11.50 2.46 0.39
N ARG E 48 -11.91 2.70 1.64
CA ARG E 48 -12.02 1.67 2.68
C ARG E 48 -10.73 0.80 2.78
N SER E 49 -9.59 1.50 2.76
CA SER E 49 -8.30 0.85 2.56
C SER E 49 -7.24 1.44 3.45
N ALA E 50 -6.30 0.58 3.86
CA ALA E 50 -5.21 1.01 4.72
C ALA E 50 -4.09 -0.01 4.67
N ARG E 51 -2.88 0.41 5.07
CA ARG E 51 -1.71 -0.49 5.13
C ARG E 51 -1.80 -1.53 6.26
N ILE E 52 -1.18 -2.67 6.02
CA ILE E 52 -1.01 -3.69 7.08
C ILE E 52 0.45 -3.89 7.36
N ILE E 53 0.71 -4.29 8.59
CA ILE E 53 2.05 -4.61 9.01
C ILE E 53 1.95 -5.78 9.96
N GLY E 54 2.91 -6.70 9.95
CA GLY E 54 2.85 -7.86 10.86
C GLY E 54 3.99 -8.86 10.73
N MET E 55 3.78 -10.05 11.30
CA MET E 55 4.74 -11.17 11.25
C MET E 55 4.17 -12.42 10.59
N VAL E 56 5.08 -13.24 10.06
CA VAL E 56 4.76 -14.54 9.49
C VAL E 56 5.88 -15.50 9.90
N SER E 57 5.55 -16.73 10.26
CA SER E 57 6.55 -17.73 10.69
C SER E 57 7.12 -18.46 9.46
N ASP E 58 8.14 -19.29 9.70
CA ASP E 58 8.59 -20.28 8.68
C ASP E 58 7.58 -21.41 8.62
N GLY E 59 7.91 -22.46 7.88
CA GLY E 59 7.15 -23.72 7.89
C GLY E 59 6.23 -23.91 6.67
N THR E 60 5.71 -25.12 6.59
CA THR E 60 4.76 -25.54 5.54
C THR E 60 3.35 -24.89 5.74
N GLN E 61 2.94 -24.76 7.01
CA GLN E 61 1.69 -24.12 7.40
C GLN E 61 1.92 -22.95 8.38
N PRO E 62 2.36 -21.83 7.85
CA PRO E 62 2.84 -20.75 8.70
C PRO E 62 1.77 -20.02 9.49
N THR E 63 2.14 -19.44 10.63
CA THR E 63 1.25 -18.56 11.39
C THR E 63 1.47 -17.13 10.98
N VAL E 64 0.47 -16.30 11.17
CA VAL E 64 0.58 -14.87 10.79
C VAL E 64 -0.12 -14.08 11.82
N SER E 65 0.33 -12.84 11.96
CA SER E 65 -0.25 -11.88 12.85
C SER E 65 -0.03 -10.56 12.13
N PHE E 66 -1.00 -9.66 12.15
CA PHE E 66 -0.88 -8.39 11.42
C PHE E 66 -1.87 -7.35 11.90
N SER E 67 -1.49 -6.08 11.77
CA SER E 67 -2.29 -4.97 12.32
C SER E 67 -2.70 -4.00 11.21
N VAL E 68 -3.85 -3.38 11.43
CA VAL E 68 -4.30 -2.30 10.58
C VAL E 68 -4.84 -1.15 11.41
N LEU E 69 -4.33 0.05 11.15
CA LEU E 69 -4.87 1.32 11.67
C LEU E 69 -5.73 1.92 10.60
N TRP E 70 -6.95 2.27 10.96
CA TRP E 70 -7.96 2.78 10.05
C TRP E 70 -7.97 4.29 10.09
N GLU E 71 -8.09 4.92 8.93
CA GLU E 71 -7.96 6.38 8.83
C GLU E 71 -8.55 7.16 10.01
N LYS E 72 -9.72 6.74 10.50
CA LYS E 72 -10.42 7.47 11.58
C LYS E 72 -10.01 7.13 13.02
N GLY E 73 -8.98 6.31 13.21
CA GLY E 73 -8.43 6.06 14.54
C GLY E 73 -8.83 4.77 15.23
N SER E 74 -9.75 4.00 14.63
CA SER E 74 -9.99 2.65 15.12
C SER E 74 -8.81 1.80 14.64
N CYS E 75 -8.70 0.57 15.15
CA CYS E 75 -7.67 -0.34 14.66
CA CYS E 75 -7.58 -0.35 14.85
C CYS E 75 -8.04 -1.81 14.84
N SER E 76 -7.48 -2.61 13.95
CA SER E 76 -7.71 -4.05 13.91
C SER E 76 -6.43 -4.89 13.99
N ALA E 77 -6.57 -6.12 14.46
CA ALA E 77 -5.48 -7.07 14.52
C ALA E 77 -6.02 -8.47 14.21
N TRP E 78 -5.22 -9.27 13.48
CA TRP E 78 -5.59 -10.63 13.12
C TRP E 78 -4.47 -11.54 13.61
N VAL E 79 -4.81 -12.72 14.10
CA VAL E 79 -3.84 -13.77 14.25
C VAL E 79 -4.42 -14.92 13.46
N GLY E 80 -3.58 -15.67 12.75
CA GLY E 80 -4.03 -16.82 12.00
C GLY E 80 -2.95 -17.81 11.58
N GLN E 81 -3.37 -18.89 10.94
CA GLN E 81 -2.47 -19.89 10.39
C GLN E 81 -2.93 -20.24 8.95
N CYS E 82 -1.95 -20.32 8.04
CA CYS E 82 -2.16 -20.68 6.61
C CYS E 82 -2.22 -22.22 6.53
N PHE E 83 -3.40 -22.77 6.24
CA PHE E 83 -3.50 -24.21 5.99
C PHE E 83 -3.68 -24.51 4.51
N ILE E 84 -3.19 -25.69 4.11
CA ILE E 84 -3.25 -26.19 2.74
C ILE E 84 -4.22 -27.39 2.76
N LEU E 85 -5.39 -27.22 2.16
CA LEU E 85 -6.45 -28.19 2.31
C LEU E 85 -6.28 -29.40 1.38
N ASP E 86 -7.04 -30.45 1.67
CA ASP E 86 -6.95 -31.71 0.95
C ASP E 86 -7.32 -31.53 -0.53
N ASP E 87 -8.24 -30.60 -0.85
CA ASP E 87 -8.49 -30.22 -2.25
C ASP E 87 -7.46 -29.23 -2.85
N GLY E 88 -6.40 -28.92 -2.09
CA GLY E 88 -5.30 -28.06 -2.54
C GLY E 88 -5.48 -26.55 -2.37
N ALA E 89 -6.70 -26.11 -2.04
CA ALA E 89 -6.94 -24.70 -1.76
C ALA E 89 -6.09 -24.24 -0.61
N GLN E 90 -5.55 -23.04 -0.76
CA GLN E 90 -4.80 -22.36 0.27
C GLN E 90 -5.69 -21.45 1.10
N VAL E 91 -5.65 -21.65 2.40
CA VAL E 91 -6.60 -21.02 3.28
C VAL E 91 -5.99 -20.45 4.56
N LEU E 92 -6.35 -19.20 4.83
CA LEU E 92 -5.92 -18.45 5.98
C LEU E 92 -7.08 -18.33 6.98
N LYS E 93 -6.98 -19.08 8.09
CA LYS E 93 -7.92 -19.09 9.20
C LYS E 93 -7.48 -18.06 10.23
N THR E 94 -8.31 -17.04 10.44
CA THR E 94 -7.97 -15.94 11.33
C THR E 94 -9.10 -15.66 12.29
N PHE E 95 -8.73 -15.13 13.46
CA PHE E 95 -9.62 -14.33 14.32
C PHE E 95 -9.11 -12.91 14.37
N TRP E 96 -10.05 -12.00 14.52
CA TRP E 96 -9.72 -10.60 14.56
C TRP E 96 -10.33 -9.92 15.77
N MET E 97 -9.73 -8.80 16.14
CA MET E 97 -10.29 -7.82 17.11
C MET E 97 -10.36 -6.46 16.40
N LEU E 98 -11.46 -5.74 16.56
CA LEU E 98 -11.56 -4.34 16.07
C LEU E 98 -11.76 -3.44 17.26
N ARG E 99 -10.85 -2.48 17.42
CA ARG E 99 -10.81 -1.63 18.63
C ARG E 99 -11.29 -0.23 18.22
N SER E 100 -12.51 0.13 18.61
CA SER E 100 -13.07 1.48 18.37
C SER E 100 -12.55 2.53 19.40
N VAL E 101 -12.36 3.74 18.91
CA VAL E 101 -11.91 4.83 19.75
C VAL E 101 -12.98 5.06 20.82
N ALA E 102 -12.54 5.15 22.08
CA ALA E 102 -13.40 5.60 23.19
C ALA E 102 -13.04 7.04 23.63
N ASP E 103 -13.88 7.68 24.45
CA ASP E 103 -13.59 9.04 24.98
C ASP E 103 -12.65 8.99 26.19
N ASN E 104 -12.80 7.95 27.00
CA ASN E 104 -12.01 7.80 28.22
C ASN E 104 -12.05 6.33 28.64
N LEU E 105 -11.37 6.01 29.73
CA LEU E 105 -11.31 4.64 30.19
C LEU E 105 -12.68 4.08 30.56
N ALA E 106 -13.50 4.90 31.21
CA ALA E 106 -14.74 4.42 31.82
C ALA E 106 -15.74 3.95 30.75
N SER E 107 -15.76 4.67 29.62
CA SER E 107 -16.61 4.34 28.48
C SER E 107 -16.03 3.31 27.49
N ALA E 108 -14.90 2.68 27.80
CA ALA E 108 -14.26 1.79 26.84
C ALA E 108 -14.66 0.31 26.94
N TRP E 109 -15.36 -0.08 28.00
CA TRP E 109 -15.84 -1.46 28.19
C TRP E 109 -16.43 -2.10 26.93
N GLY E 110 -16.95 -1.28 26.01
CA GLY E 110 -17.69 -1.80 24.89
C GLY E 110 -16.99 -1.53 23.59
N SER E 111 -15.71 -1.14 23.65
CA SER E 111 -14.97 -0.70 22.48
C SER E 111 -14.27 -1.82 21.69
N THR E 112 -14.35 -3.05 22.20
CA THR E 112 -13.70 -4.20 21.56
C THR E 112 -14.70 -5.24 20.99
N ARG E 113 -14.63 -5.41 19.67
CA ARG E 113 -15.36 -6.43 18.95
C ARG E 113 -14.46 -7.55 18.48
N MET E 114 -15.03 -8.70 18.17
CA MET E 114 -14.24 -9.77 17.60
CA MET E 114 -14.25 -9.78 17.60
C MET E 114 -15.02 -10.57 16.57
N GLY E 115 -14.29 -11.40 15.85
CA GLY E 115 -14.85 -12.33 14.90
C GLY E 115 -13.81 -13.23 14.24
N GLU E 116 -14.28 -14.01 13.28
CA GLU E 116 -13.47 -14.92 12.52
C GLU E 116 -13.52 -14.46 11.09
N ASP E 117 -12.37 -14.28 10.45
CA ASP E 117 -12.29 -14.13 9.00
C ASP E 117 -11.58 -15.36 8.42
N ILE E 118 -12.18 -15.94 7.39
CA ILE E 118 -11.53 -16.99 6.60
C ILE E 118 -11.18 -16.43 5.23
N PHE E 119 -9.89 -16.46 4.89
CA PHE E 119 -9.42 -15.91 3.62
C PHE E 119 -9.04 -17.04 2.63
N PHE E 120 -9.48 -16.95 1.38
CA PHE E 120 -9.13 -17.89 0.30
C PHE E 120 -8.36 -17.15 -0.76
N LYS E 121 -7.46 -17.85 -1.43
CA LYS E 121 -6.61 -17.22 -2.44
C LYS E 121 -7.36 -17.01 -3.73
N THR E 122 -7.21 -15.82 -4.32
CA THR E 122 -7.82 -15.49 -5.61
C THR E 122 -6.78 -14.85 -6.53
N SER F 5 -13.26 -23.12 50.31
CA SER F 5 -14.17 -23.11 49.11
C SER F 5 -14.56 -21.71 48.66
N CYS F 6 -14.82 -21.59 47.36
CA CYS F 6 -15.39 -20.38 46.77
C CYS F 6 -16.89 -20.68 46.50
N ASN F 7 -17.78 -19.78 46.92
CA ASN F 7 -19.23 -19.99 46.82
C ASN F 7 -19.87 -18.97 45.87
N VAL F 8 -20.47 -19.48 44.80
CA VAL F 8 -21.00 -18.64 43.73
C VAL F 8 -22.25 -17.90 44.20
N THR F 9 -23.14 -18.63 44.90
CA THR F 9 -24.35 -18.04 45.48
C THR F 9 -24.03 -16.77 46.26
N GLY F 10 -24.74 -15.69 45.97
CA GLY F 10 -24.48 -14.43 46.65
C GLY F 10 -24.76 -13.19 45.84
N VAL F 11 -24.40 -12.05 46.39
CA VAL F 11 -24.47 -10.78 45.69
C VAL F 11 -23.07 -10.30 45.32
N TRP F 12 -22.87 -10.05 44.03
CA TRP F 12 -21.54 -9.72 43.48
C TRP F 12 -21.55 -8.40 42.73
N ARG F 13 -20.37 -7.79 42.67
CA ARG F 13 -20.20 -6.49 42.04
C ARG F 13 -18.92 -6.49 41.24
N ASN F 14 -18.93 -5.86 40.08
CA ASN F 14 -17.77 -5.87 39.20
C ASN F 14 -17.21 -4.49 38.95
N GLU F 15 -16.12 -4.43 38.21
CA GLU F 15 -15.33 -3.19 38.05
C GLU F 15 -16.11 -2.04 37.48
N LEU F 16 -17.19 -2.35 36.75
CA LEU F 16 -18.06 -1.32 36.19
C LEU F 16 -19.14 -0.80 37.17
N GLY F 17 -19.34 -1.49 38.30
CA GLY F 17 -20.40 -1.19 39.25
C GLY F 17 -21.65 -2.02 39.09
N SER F 18 -21.63 -2.99 38.17
CA SER F 18 -22.78 -3.84 37.92
C SER F 18 -22.94 -4.83 39.05
N THR F 19 -24.20 -5.21 39.28
CA THR F 19 -24.56 -6.05 40.39
C THR F 19 -25.09 -7.36 39.86
N LEU F 20 -24.67 -8.44 40.49
CA LEU F 20 -25.07 -9.77 40.08
C LEU F 20 -25.56 -10.58 41.30
N ARG F 21 -26.87 -10.81 41.36
CA ARG F 21 -27.47 -11.63 42.41
C ARG F 21 -27.75 -12.99 41.82
N VAL F 22 -27.15 -14.00 42.44
CA VAL F 22 -27.21 -15.35 41.95
C VAL F 22 -27.48 -16.28 43.14
N LYS F 23 -28.18 -17.38 42.87
CA LYS F 23 -28.30 -18.48 43.81
C LYS F 23 -28.03 -19.74 43.01
N ALA F 24 -27.53 -20.79 43.68
CA ALA F 24 -27.12 -22.06 43.05
C ALA F 24 -27.96 -23.24 43.54
N GLU F 25 -28.29 -24.15 42.62
CA GLU F 25 -29.23 -25.25 42.88
C GLU F 25 -28.87 -26.50 42.07
N GLY F 26 -28.23 -27.45 42.73
CA GLY F 26 -27.54 -28.50 42.05
C GLY F 26 -26.45 -27.81 41.26
N SER F 27 -26.38 -28.09 39.97
CA SER F 27 -25.40 -27.48 39.11
C SER F 27 -26.05 -26.38 38.23
N GLU F 28 -27.14 -25.79 38.72
CA GLU F 28 -27.82 -24.73 37.98
C GLU F 28 -27.75 -23.43 38.77
N VAL F 29 -27.41 -22.35 38.10
CA VAL F 29 -27.47 -20.98 38.67
C VAL F 29 -28.64 -20.16 38.10
N ARG F 30 -29.19 -19.29 38.94
CA ARG F 30 -30.32 -18.40 38.56
C ARG F 30 -30.18 -17.10 39.34
N GLY F 31 -30.93 -16.08 38.95
CA GLY F 31 -30.82 -14.81 39.65
C GLY F 31 -31.01 -13.65 38.74
N VAL F 32 -30.49 -12.48 39.15
CA VAL F 32 -30.72 -11.21 38.46
C VAL F 32 -29.37 -10.53 38.27
N TYR F 33 -29.21 -9.88 37.11
CA TYR F 33 -28.05 -9.08 36.81
C TYR F 33 -28.53 -7.65 36.68
N GLN F 34 -27.83 -6.73 37.32
CA GLN F 34 -28.13 -5.33 37.05
C GLN F 34 -26.90 -4.64 36.51
N THR F 35 -26.90 -4.37 35.21
CA THR F 35 -25.74 -3.77 34.57
C THR F 35 -25.69 -2.27 34.83
N ALA F 36 -24.50 -1.79 35.23
CA ALA F 36 -24.25 -0.34 35.36
C ALA F 36 -24.13 0.35 33.99
N VAL F 37 -24.12 -0.40 32.90
CA VAL F 37 -23.93 0.21 31.59
C VAL F 37 -24.72 -0.48 30.49
N GLU F 38 -24.90 0.23 29.40
CA GLU F 38 -25.46 -0.34 28.18
C GLU F 38 -24.91 0.32 26.91
N SER F 39 -24.95 -0.44 25.81
CA SER F 39 -24.56 0.00 24.46
C SER F 39 -25.30 1.23 23.95
N THR F 40 -26.61 1.20 24.14
CA THR F 40 -27.51 2.27 23.69
C THR F 40 -28.47 2.61 24.82
N ARG F 41 -29.02 3.82 24.81
CA ARG F 41 -29.99 4.20 25.82
C ARG F 41 -31.15 3.20 25.84
N GLY F 42 -31.32 2.48 26.93
CA GLY F 42 -32.46 1.59 27.08
C GLY F 42 -32.31 0.16 26.62
N ALA F 43 -31.14 -0.21 26.06
CA ALA F 43 -30.87 -1.60 25.62
C ALA F 43 -31.14 -2.65 26.71
N ALA F 44 -30.82 -2.31 27.97
CA ALA F 44 -31.07 -3.19 29.10
C ALA F 44 -32.45 -2.99 29.74
N GLY F 45 -33.32 -2.21 29.11
CA GLY F 45 -34.63 -1.88 29.65
C GLY F 45 -34.52 -0.66 30.56
N HIS F 46 -35.67 -0.07 30.87
CA HIS F 46 -35.75 1.10 31.76
C HIS F 46 -35.01 0.90 33.12
N HIS F 47 -35.05 -0.31 33.70
CA HIS F 47 -34.36 -0.59 34.98
C HIS F 47 -32.99 -1.32 34.90
N ARG F 48 -32.53 -1.57 33.68
CA ARG F 48 -31.24 -2.24 33.41
C ARG F 48 -31.03 -3.53 34.20
N SER F 49 -32.09 -4.30 34.38
CA SER F 49 -32.00 -5.59 35.05
C SER F 49 -32.51 -6.70 34.15
N ALA F 50 -31.99 -7.91 34.36
CA ALA F 50 -32.51 -9.06 33.61
C ALA F 50 -32.18 -10.30 34.40
N ARG F 51 -32.87 -11.39 34.11
CA ARG F 51 -32.60 -12.63 34.80
C ARG F 51 -31.38 -13.29 34.21
N ILE F 52 -30.76 -14.13 35.02
CA ILE F 52 -29.61 -14.90 34.60
C ILE F 52 -29.95 -16.37 34.64
N ILE F 53 -29.40 -17.15 33.71
CA ILE F 53 -29.50 -18.61 33.77
C ILE F 53 -28.18 -19.22 33.35
N GLY F 54 -27.79 -20.32 33.97
CA GLY F 54 -26.49 -20.90 33.72
C GLY F 54 -26.12 -22.11 34.58
N MET F 55 -24.81 -22.33 34.73
CA MET F 55 -24.28 -23.55 35.34
C MET F 55 -23.06 -23.27 36.20
N VAL F 56 -22.87 -24.13 37.19
CA VAL F 56 -21.76 -23.97 38.11
C VAL F 56 -21.30 -25.38 38.45
N SER F 57 -19.99 -25.57 38.57
CA SER F 57 -19.44 -26.90 38.78
C SER F 57 -19.35 -27.17 40.27
N ASP F 58 -19.00 -28.41 40.61
CA ASP F 58 -18.66 -28.73 42.01
C ASP F 58 -17.21 -28.26 42.26
N GLY F 59 -16.63 -28.70 43.38
CA GLY F 59 -15.24 -28.44 43.64
C GLY F 59 -15.07 -27.22 44.50
N THR F 60 -13.84 -27.00 44.93
CA THR F 60 -13.52 -25.94 45.87
C THR F 60 -13.51 -24.58 45.16
N GLN F 61 -13.09 -24.59 43.90
CA GLN F 61 -13.00 -23.36 43.10
C GLN F 61 -13.77 -23.55 41.78
N PRO F 62 -15.10 -23.46 41.87
CA PRO F 62 -15.87 -23.99 40.78
C PRO F 62 -15.93 -23.03 39.60
N THR F 63 -16.08 -23.59 38.41
CA THR F 63 -16.31 -22.82 37.20
C THR F 63 -17.82 -22.48 37.06
N VAL F 64 -18.11 -21.45 36.26
CA VAL F 64 -19.47 -20.93 36.08
C VAL F 64 -19.68 -20.49 34.65
N SER F 65 -20.89 -20.71 34.16
CA SER F 65 -21.28 -20.27 32.83
CA SER F 65 -21.27 -20.26 32.84
C SER F 65 -22.71 -19.78 32.88
N PHE F 66 -22.91 -18.47 32.69
CA PHE F 66 -24.28 -17.95 32.66
C PHE F 66 -24.58 -17.01 31.48
N SER F 67 -25.89 -16.93 31.18
CA SER F 67 -26.46 -16.10 30.11
C SER F 67 -27.44 -15.12 30.68
N VAL F 68 -27.63 -14.05 29.94
CA VAL F 68 -28.68 -13.08 30.16
C VAL F 68 -29.26 -12.64 28.81
N LEU F 69 -30.59 -12.58 28.72
CA LEU F 69 -31.28 -11.97 27.59
C LEU F 69 -31.74 -10.58 28.01
N TRP F 70 -31.33 -9.57 27.24
CA TRP F 70 -31.66 -8.20 27.55
C TRP F 70 -32.97 -7.78 26.91
N GLU F 71 -33.56 -6.69 27.43
CA GLU F 71 -34.93 -6.30 27.05
C GLU F 71 -35.12 -6.07 25.55
N LYS F 72 -34.17 -5.42 24.88
CA LYS F 72 -34.31 -5.10 23.45
C LYS F 72 -33.69 -6.11 22.49
N GLY F 73 -33.42 -7.34 22.95
CA GLY F 73 -33.02 -8.42 22.07
C GLY F 73 -31.55 -8.83 22.12
N SER F 74 -30.67 -7.98 22.62
CA SER F 74 -29.28 -8.40 22.72
C SER F 74 -29.14 -9.45 23.85
N CYS F 75 -28.01 -10.14 23.87
CA CYS F 75 -27.73 -11.10 24.93
C CYS F 75 -26.26 -11.16 25.27
N SER F 76 -25.98 -11.59 26.48
CA SER F 76 -24.63 -11.67 27.00
C SER F 76 -24.39 -13.05 27.64
N ALA F 77 -23.16 -13.55 27.54
CA ALA F 77 -22.75 -14.78 28.24
C ALA F 77 -21.42 -14.58 28.93
N TRP F 78 -21.26 -15.20 30.08
CA TRP F 78 -20.05 -15.12 30.84
C TRP F 78 -19.60 -16.53 31.05
N VAL F 79 -18.29 -16.73 31.00
CA VAL F 79 -17.68 -17.96 31.51
C VAL F 79 -16.65 -17.53 32.53
N GLY F 80 -16.46 -18.33 33.57
CA GLY F 80 -15.47 -18.00 34.57
C GLY F 80 -15.18 -19.03 35.65
N GLN F 81 -14.45 -18.53 36.65
CA GLN F 81 -14.13 -19.30 37.83
C GLN F 81 -14.13 -18.49 39.12
N CYS F 82 -14.56 -19.15 40.20
CA CYS F 82 -14.55 -18.58 41.55
C CYS F 82 -13.26 -19.03 42.20
N PHE F 83 -12.30 -18.12 42.21
CA PHE F 83 -11.03 -18.30 42.91
C PHE F 83 -11.08 -17.71 44.32
N ILE F 84 -10.68 -18.50 45.31
CA ILE F 84 -10.49 -18.01 46.70
C ILE F 84 -9.01 -17.68 46.91
N LEU F 85 -8.73 -16.46 47.36
CA LEU F 85 -7.36 -15.95 47.53
C LEU F 85 -6.74 -16.32 48.89
N ASP F 86 -5.53 -15.83 49.14
CA ASP F 86 -4.88 -15.97 50.45
C ASP F 86 -5.75 -15.31 51.51
N ASP F 87 -5.87 -13.99 51.39
CA ASP F 87 -6.56 -13.16 52.39
C ASP F 87 -8.00 -13.61 52.69
N GLY F 88 -8.44 -14.71 52.07
CA GLY F 88 -9.78 -15.27 52.33
C GLY F 88 -10.83 -14.69 51.39
N ALA F 89 -10.40 -13.80 50.51
CA ALA F 89 -11.31 -13.11 49.60
C ALA F 89 -11.76 -14.04 48.47
N GLN F 90 -13.06 -14.01 48.19
CA GLN F 90 -13.66 -14.76 47.08
C GLN F 90 -13.75 -13.83 45.87
N VAL F 91 -13.45 -14.37 44.69
CA VAL F 91 -13.36 -13.57 43.46
C VAL F 91 -13.81 -14.33 42.22
N LEU F 92 -14.83 -13.78 41.56
CA LEU F 92 -15.34 -14.37 40.33
C LEU F 92 -14.64 -13.75 39.13
N LYS F 93 -13.89 -14.56 38.40
CA LYS F 93 -13.10 -14.12 37.25
C LYS F 93 -13.68 -14.60 35.90
N THR F 94 -14.01 -13.65 35.04
CA THR F 94 -14.83 -13.93 33.88
C THR F 94 -14.40 -13.20 32.62
N PHE F 95 -14.82 -13.77 31.49
CA PHE F 95 -14.80 -13.10 30.22
C PHE F 95 -16.21 -13.21 29.67
N TRP F 96 -16.62 -12.20 28.93
CA TRP F 96 -17.97 -12.16 28.38
C TRP F 96 -18.05 -11.87 26.88
N MET F 97 -19.20 -12.19 26.33
CA MET F 97 -19.54 -11.76 25.00
C MET F 97 -20.87 -11.08 25.06
N LEU F 98 -21.03 -10.05 24.25
CA LEU F 98 -22.32 -9.37 24.08
C LEU F 98 -22.70 -9.40 22.59
N ARG F 99 -23.76 -10.14 22.25
CA ARG F 99 -24.25 -10.10 20.88
C ARG F 99 -25.39 -9.09 20.76
N SER F 100 -25.30 -8.20 19.75
CA SER F 100 -26.33 -7.18 19.41
C SER F 100 -27.22 -7.71 18.28
N VAL F 101 -28.50 -7.31 18.31
CA VAL F 101 -29.45 -7.68 17.24
C VAL F 101 -28.91 -7.11 15.91
N ALA F 102 -28.90 -7.97 14.89
CA ALA F 102 -28.62 -7.59 13.50
C ALA F 102 -29.85 -7.86 12.62
N ASP F 103 -30.01 -7.07 11.58
CA ASP F 103 -31.11 -7.27 10.65
C ASP F 103 -30.96 -8.50 9.75
N ASN F 104 -29.73 -8.90 9.45
CA ASN F 104 -29.51 -10.09 8.59
C ASN F 104 -28.09 -10.59 8.68
N LEU F 105 -27.80 -11.69 8.00
CA LEU F 105 -26.52 -12.37 8.17
C LEU F 105 -25.34 -11.47 7.87
N ALA F 106 -25.40 -10.84 6.70
CA ALA F 106 -24.33 -9.99 6.18
C ALA F 106 -24.00 -8.84 7.12
N SER F 107 -25.01 -8.24 7.72
CA SER F 107 -24.74 -7.05 8.53
C SER F 107 -24.50 -7.39 9.99
N ALA F 108 -24.35 -8.68 10.31
CA ALA F 108 -24.08 -9.20 11.66
C ALA F 108 -22.56 -9.38 11.99
N TRP F 109 -21.70 -9.01 11.04
CA TRP F 109 -20.26 -9.24 11.10
C TRP F 109 -19.62 -8.57 12.26
N GLY F 110 -20.19 -7.43 12.69
CA GLY F 110 -19.67 -6.62 13.78
C GLY F 110 -20.55 -6.62 15.01
N SER F 111 -21.31 -7.67 15.20
CA SER F 111 -22.34 -7.70 16.23
C SER F 111 -21.88 -8.38 17.51
N THR F 112 -20.63 -8.79 17.61
CA THR F 112 -20.15 -9.46 18.81
C THR F 112 -18.98 -8.71 19.48
N ARG F 113 -19.17 -8.36 20.76
CA ARG F 113 -18.11 -7.73 21.59
C ARG F 113 -17.73 -8.66 22.72
N MET F 114 -16.58 -8.37 23.32
CA MET F 114 -16.14 -9.12 24.47
C MET F 114 -15.45 -8.23 25.47
N GLY F 115 -15.17 -8.82 26.63
CA GLY F 115 -14.44 -8.15 27.69
C GLY F 115 -14.17 -9.06 28.85
N GLU F 116 -13.48 -8.50 29.87
CA GLU F 116 -13.24 -9.17 31.13
C GLU F 116 -14.06 -8.51 32.22
N ASP F 117 -14.75 -9.32 33.03
CA ASP F 117 -15.37 -8.84 34.27
C ASP F 117 -14.81 -9.60 35.47
N ILE F 118 -14.37 -8.82 36.45
CA ILE F 118 -13.90 -9.35 37.72
C ILE F 118 -14.88 -8.95 38.83
N PHE F 119 -15.53 -9.94 39.44
CA PHE F 119 -16.57 -9.72 40.47
C PHE F 119 -16.02 -9.95 41.89
N PHE F 120 -16.38 -9.06 42.81
CA PHE F 120 -16.05 -9.19 44.23
C PHE F 120 -17.34 -9.26 45.02
N LYS F 121 -17.24 -9.76 46.26
CA LYS F 121 -18.42 -10.01 47.07
C LYS F 121 -18.76 -8.87 48.04
N THR F 122 -20.02 -8.90 48.52
CA THR F 122 -20.59 -7.83 49.34
C THR F 122 -20.75 -8.23 50.81
N SER G 4 -41.79 -15.36 7.06
CA SER G 4 -40.64 -16.30 7.20
C SER G 4 -39.72 -15.92 8.39
N SER G 5 -39.45 -16.91 9.23
CA SER G 5 -38.72 -16.73 10.46
C SER G 5 -37.59 -17.75 10.57
N CYS G 6 -36.84 -17.68 11.66
CA CYS G 6 -35.82 -18.68 11.91
C CYS G 6 -36.31 -19.35 13.16
N ASN G 7 -36.21 -20.66 13.20
CA ASN G 7 -36.77 -21.44 14.29
C ASN G 7 -35.66 -22.21 15.05
N VAL G 8 -35.52 -21.88 16.32
CA VAL G 8 -34.39 -22.33 17.10
C VAL G 8 -34.56 -23.81 17.51
N THR G 9 -35.81 -24.24 17.64
CA THR G 9 -36.12 -25.60 18.04
C THR G 9 -35.73 -26.63 16.94
N GLY G 10 -35.21 -27.77 17.36
CA GLY G 10 -34.63 -28.77 16.44
C GLY G 10 -33.18 -29.26 16.68
N VAL G 11 -32.62 -29.86 15.64
CA VAL G 11 -31.30 -30.48 15.67
C VAL G 11 -30.44 -29.72 14.70
N TRP G 12 -29.35 -29.15 15.19
CA TRP G 12 -28.41 -28.41 14.32
C TRP G 12 -27.08 -29.12 14.30
N ARG G 13 -26.32 -28.79 13.28
CA ARG G 13 -25.01 -29.36 13.07
C ARG G 13 -24.09 -28.21 12.66
N ASN G 14 -22.93 -28.11 13.31
CA ASN G 14 -21.93 -27.09 12.91
C ASN G 14 -20.75 -27.64 12.07
N GLU G 15 -19.80 -26.74 11.78
CA GLU G 15 -18.65 -27.03 10.91
C GLU G 15 -17.72 -28.16 11.43
N LEU G 16 -17.60 -28.34 12.75
CA LEU G 16 -16.80 -29.43 13.31
C LEU G 16 -17.59 -30.76 13.36
N GLY G 17 -18.85 -30.78 12.96
CA GLY G 17 -19.67 -32.00 13.12
C GLY G 17 -20.36 -32.16 14.47
N SER G 18 -20.20 -31.19 15.35
CA SER G 18 -20.95 -31.21 16.58
C SER G 18 -22.46 -31.01 16.35
N THR G 19 -23.29 -31.72 17.12
CA THR G 19 -24.75 -31.61 16.98
C THR G 19 -25.34 -30.95 18.22
N LEU G 20 -26.23 -29.99 17.98
CA LEU G 20 -26.91 -29.26 19.05
C LEU G 20 -28.42 -29.54 18.96
N ARG G 21 -29.02 -30.05 20.04
CA ARG G 21 -30.47 -30.25 20.09
C ARG G 21 -31.13 -29.28 21.04
N VAL G 22 -31.94 -28.40 20.48
CA VAL G 22 -32.61 -27.30 21.19
C VAL G 22 -34.15 -27.49 21.32
N LYS G 23 -34.60 -27.37 22.57
CA LYS G 23 -35.99 -27.34 22.96
C LYS G 23 -36.23 -26.01 23.69
N ALA G 24 -37.08 -25.17 23.15
CA ALA G 24 -37.50 -23.95 23.87
C ALA G 24 -38.59 -24.25 24.89
N GLU G 25 -38.42 -23.69 26.08
CA GLU G 25 -39.47 -23.72 27.07
C GLU G 25 -39.56 -22.31 27.61
N GLY G 26 -40.43 -21.54 26.95
CA GLY G 26 -40.59 -20.12 27.19
C GLY G 26 -39.43 -19.33 26.64
N SER G 27 -38.85 -18.52 27.50
CA SER G 27 -37.63 -17.78 27.21
C SER G 27 -36.36 -18.61 27.38
N GLU G 28 -36.50 -19.81 27.93
CA GLU G 28 -35.35 -20.64 28.18
C GLU G 28 -35.17 -21.57 27.02
N VAL G 29 -33.94 -22.04 26.86
CA VAL G 29 -33.66 -23.17 25.99
C VAL G 29 -33.06 -24.24 26.88
N ARG G 30 -33.42 -25.48 26.58
CA ARG G 30 -32.83 -26.66 27.18
C ARG G 30 -32.47 -27.58 26.04
N GLY G 31 -31.85 -28.73 26.33
CA GLY G 31 -31.40 -29.63 25.27
C GLY G 31 -30.05 -30.32 25.49
N VAL G 32 -29.49 -30.82 24.39
CA VAL G 32 -28.29 -31.69 24.42
C VAL G 32 -27.23 -31.19 23.42
N TYR G 33 -25.98 -31.10 23.87
CA TYR G 33 -24.83 -30.82 22.98
C TYR G 33 -23.93 -32.04 22.87
N GLN G 34 -23.68 -32.47 21.63
CA GLN G 34 -22.69 -33.50 21.40
C GLN G 34 -21.52 -32.96 20.60
N THR G 35 -20.40 -32.73 21.28
CA THR G 35 -19.23 -32.17 20.60
C THR G 35 -18.47 -33.24 19.88
N ALA G 36 -18.04 -32.94 18.67
CA ALA G 36 -17.20 -33.82 17.86
C ALA G 36 -15.75 -33.81 18.32
N VAL G 37 -15.35 -32.78 19.05
CA VAL G 37 -13.96 -32.57 19.38
C VAL G 37 -13.87 -32.24 20.85
N GLU G 38 -12.71 -32.53 21.46
CA GLU G 38 -12.40 -32.10 22.84
C GLU G 38 -10.90 -31.78 22.95
N SER G 39 -10.57 -30.94 23.94
CA SER G 39 -9.23 -30.47 24.26
C SER G 39 -8.23 -31.56 24.57
N THR G 40 -8.58 -32.36 25.56
CA THR G 40 -7.74 -33.39 26.09
C THR G 40 -8.71 -34.57 26.20
N ARG G 41 -8.25 -35.80 25.91
CA ARG G 41 -9.16 -36.94 25.87
C ARG G 41 -10.03 -37.00 27.14
N GLY G 42 -11.34 -37.13 26.94
CA GLY G 42 -12.28 -37.29 28.02
C GLY G 42 -12.75 -36.00 28.66
N ALA G 43 -12.33 -34.85 28.13
CA ALA G 43 -12.73 -33.55 28.68
C ALA G 43 -14.22 -33.38 28.57
N ALA G 44 -14.80 -33.85 27.47
CA ALA G 44 -16.27 -33.79 27.26
C ALA G 44 -17.03 -35.04 27.79
N GLY G 45 -16.36 -35.86 28.60
CA GLY G 45 -16.97 -37.05 29.21
C GLY G 45 -17.16 -38.23 28.27
N HIS G 46 -17.84 -39.24 28.79
CA HIS G 46 -17.94 -40.57 28.17
C HIS G 46 -18.45 -40.54 26.75
N HIS G 47 -19.43 -39.68 26.52
CA HIS G 47 -20.12 -39.60 25.23
C HIS G 47 -19.97 -38.24 24.58
N ARG G 48 -18.96 -37.48 25.01
CA ARG G 48 -18.73 -36.11 24.53
C ARG G 48 -20.01 -35.27 24.51
N SER G 49 -20.75 -35.34 25.61
CA SER G 49 -22.15 -34.92 25.64
C SER G 49 -22.50 -34.31 26.95
N ALA G 50 -23.25 -33.22 26.87
CA ALA G 50 -23.76 -32.61 28.06
C ALA G 50 -24.99 -31.77 27.72
N ARG G 51 -25.61 -31.27 28.77
CA ARG G 51 -26.87 -30.58 28.64
C ARG G 51 -26.62 -29.10 28.36
N ILE G 52 -27.65 -28.43 27.86
CA ILE G 52 -27.65 -27.02 27.53
C ILE G 52 -28.64 -26.21 28.39
N ILE G 53 -28.23 -24.99 28.74
CA ILE G 53 -29.12 -24.07 29.40
C ILE G 53 -28.87 -22.62 28.97
N GLY G 54 -29.96 -21.88 28.75
CA GLY G 54 -29.87 -20.53 28.19
C GLY G 54 -31.18 -19.87 27.85
N MET G 55 -31.09 -18.87 26.97
CA MET G 55 -32.19 -17.98 26.64
C MET G 55 -32.39 -17.79 25.13
N VAL G 56 -33.64 -17.62 24.70
CA VAL G 56 -33.94 -17.23 23.31
C VAL G 56 -34.94 -16.08 23.31
N SER G 57 -34.68 -15.06 22.49
CA SER G 57 -35.51 -13.89 22.39
C SER G 57 -36.78 -14.15 21.58
N ASP G 58 -37.53 -13.09 21.31
CA ASP G 58 -38.84 -13.21 20.68
C ASP G 58 -38.92 -12.79 19.20
N GLY G 59 -37.83 -12.61 18.49
CA GLY G 59 -37.99 -12.21 17.08
C GLY G 59 -38.38 -13.29 16.04
N THR G 60 -38.70 -12.80 14.85
CA THR G 60 -38.51 -13.48 13.61
C THR G 60 -37.15 -14.16 13.50
N GLN G 61 -36.12 -13.40 13.87
CA GLN G 61 -34.73 -13.88 13.77
C GLN G 61 -34.14 -13.78 15.15
N PRO G 62 -34.44 -14.76 16.01
CA PRO G 62 -34.09 -14.63 17.41
C PRO G 62 -32.59 -14.69 17.72
N THR G 63 -32.24 -14.05 18.83
CA THR G 63 -30.92 -14.19 19.40
C THR G 63 -31.01 -15.31 20.41
N VAL G 64 -29.89 -15.99 20.59
CA VAL G 64 -29.76 -16.99 21.65
C VAL G 64 -28.47 -16.85 22.47
N SER G 65 -28.55 -17.37 23.69
CA SER G 65 -27.42 -17.50 24.58
C SER G 65 -27.52 -18.84 25.29
N PHE G 66 -26.47 -19.66 25.29
CA PHE G 66 -26.50 -20.90 26.05
C PHE G 66 -25.15 -21.39 26.59
N SER G 67 -25.23 -22.26 27.59
CA SER G 67 -24.08 -22.63 28.41
C SER G 67 -24.07 -24.11 28.62
N VAL G 68 -22.87 -24.63 28.81
CA VAL G 68 -22.64 -26.06 28.90
C VAL G 68 -21.51 -26.27 29.90
N LEU G 69 -21.77 -27.07 30.93
CA LEU G 69 -20.78 -27.53 31.87
C LEU G 69 -20.34 -28.93 31.40
N TRP G 70 -19.05 -29.10 31.11
CA TRP G 70 -18.57 -30.41 30.69
C TRP G 70 -18.24 -31.24 31.94
N GLU G 71 -18.06 -32.55 31.72
CA GLU G 71 -17.86 -33.56 32.81
C GLU G 71 -16.65 -33.21 33.67
N LYS G 72 -15.51 -32.89 33.06
CA LYS G 72 -14.33 -32.55 33.85
C LYS G 72 -14.23 -31.10 34.34
N GLY G 73 -15.26 -30.28 34.12
CA GLY G 73 -15.34 -28.98 34.79
C GLY G 73 -15.11 -27.77 33.92
N SER G 74 -14.44 -27.93 32.79
CA SER G 74 -14.38 -26.83 31.84
C SER G 74 -15.81 -26.44 31.46
N CYS G 75 -16.05 -25.19 31.10
CA CYS G 75 -17.39 -24.79 30.66
CA CYS G 75 -17.39 -24.70 30.72
C CYS G 75 -17.32 -23.96 29.39
N SER G 76 -18.42 -23.97 28.64
CA SER G 76 -18.52 -23.26 27.39
C SER G 76 -19.78 -22.44 27.32
N ALA G 77 -19.72 -21.32 26.63
CA ALA G 77 -20.93 -20.51 26.37
C ALA G 77 -20.93 -20.02 24.94
N TRP G 78 -22.12 -19.96 24.32
CA TRP G 78 -22.29 -19.43 22.96
C TRP G 78 -23.29 -18.30 22.97
N VAL G 79 -23.05 -17.27 22.18
CA VAL G 79 -24.06 -16.25 21.90
C VAL G 79 -24.29 -16.15 20.40
N GLY G 80 -25.51 -15.81 19.99
CA GLY G 80 -25.81 -15.92 18.57
C GLY G 80 -27.16 -15.40 18.10
N GLN G 81 -27.33 -15.38 16.78
CA GLN G 81 -28.59 -15.10 16.15
C GLN G 81 -28.95 -16.13 15.08
N CYS G 82 -30.26 -16.39 14.94
CA CYS G 82 -30.89 -17.36 13.99
C CYS G 82 -31.36 -16.53 12.78
N PHE G 83 -30.67 -16.68 11.65
CA PHE G 83 -31.01 -15.94 10.44
C PHE G 83 -31.71 -16.85 9.44
N ILE G 84 -32.67 -16.30 8.72
CA ILE G 84 -33.31 -17.03 7.60
C ILE G 84 -32.78 -16.38 6.35
N LEU G 85 -32.22 -17.20 5.48
CA LEU G 85 -31.52 -16.74 4.29
C LEU G 85 -32.49 -16.60 3.10
N ASP G 86 -31.98 -16.04 2.00
CA ASP G 86 -32.76 -15.85 0.78
C ASP G 86 -33.16 -17.17 0.17
N ASP G 87 -32.31 -18.18 0.32
CA ASP G 87 -32.58 -19.49 -0.25
C ASP G 87 -33.44 -20.38 0.65
N GLY G 88 -34.08 -19.79 1.65
CA GLY G 88 -34.91 -20.56 2.59
C GLY G 88 -34.19 -21.27 3.74
N ALA G 89 -32.85 -21.27 3.73
CA ALA G 89 -32.10 -21.96 4.82
C ALA G 89 -31.99 -21.11 6.09
N GLN G 90 -32.06 -21.84 7.21
CA GLN G 90 -31.94 -21.28 8.56
C GLN G 90 -30.52 -21.53 9.01
N VAL G 91 -29.80 -20.46 9.31
CA VAL G 91 -28.41 -20.58 9.80
C VAL G 91 -28.34 -19.99 11.19
N LEU G 92 -27.84 -20.78 12.14
CA LEU G 92 -27.55 -20.29 13.49
C LEU G 92 -26.07 -19.83 13.63
N LYS G 93 -25.87 -18.53 13.69
CA LYS G 93 -24.53 -17.90 13.71
C LYS G 93 -24.10 -17.59 15.15
N THR G 94 -23.11 -18.30 15.68
CA THR G 94 -22.68 -18.09 17.07
C THR G 94 -21.20 -17.76 17.20
N PHE G 95 -20.83 -17.20 18.36
CA PHE G 95 -19.45 -17.24 18.86
C PHE G 95 -19.41 -17.87 20.22
N TRP G 96 -18.31 -18.53 20.51
CA TRP G 96 -18.21 -19.27 21.74
C TRP G 96 -16.97 -18.96 22.54
N MET G 97 -17.02 -19.33 23.82
CA MET G 97 -15.88 -19.23 24.76
C MET G 97 -15.74 -20.56 25.46
N LEU G 98 -14.51 -21.07 25.52
CA LEU G 98 -14.25 -22.27 26.32
C LEU G 98 -13.36 -21.91 27.49
N ARG G 99 -13.82 -22.24 28.68
CA ARG G 99 -13.11 -21.93 29.89
C ARG G 99 -12.54 -23.24 30.41
N SER G 100 -11.21 -23.29 30.49
CA SER G 100 -10.53 -24.45 31.12
C SER G 100 -10.36 -24.18 32.59
N VAL G 101 -10.44 -25.25 33.38
CA VAL G 101 -10.28 -25.11 34.83
C VAL G 101 -8.80 -24.78 35.05
N ALA G 102 -8.55 -23.83 35.94
CA ALA G 102 -7.19 -23.52 36.38
C ALA G 102 -7.05 -23.78 37.89
N ASP G 103 -5.81 -23.96 38.36
CA ASP G 103 -5.56 -24.17 39.79
C ASP G 103 -5.80 -22.92 40.62
N ASN G 104 -5.57 -21.74 40.05
CA ASN G 104 -5.67 -20.49 40.82
C ASN G 104 -5.67 -19.32 39.86
N LEU G 105 -5.93 -18.13 40.43
CA LEU G 105 -6.04 -16.87 39.68
C LEU G 105 -4.88 -16.55 38.74
N ALA G 106 -3.65 -16.75 39.22
CA ALA G 106 -2.44 -16.31 38.51
C ALA G 106 -2.19 -17.19 37.28
N SER G 107 -2.40 -18.50 37.41
CA SER G 107 -2.30 -19.42 36.29
C SER G 107 -3.60 -19.49 35.47
N ALA G 108 -4.52 -18.54 35.61
CA ALA G 108 -5.76 -18.55 34.80
C ALA G 108 -5.74 -17.66 33.53
N TRP G 109 -4.62 -16.96 33.30
CA TRP G 109 -4.47 -15.96 32.22
C TRP G 109 -4.76 -16.58 30.89
N GLY G 110 -4.43 -17.86 30.78
CA GLY G 110 -4.52 -18.57 29.53
C GLY G 110 -5.67 -19.54 29.49
N SER G 111 -6.65 -19.34 30.38
CA SER G 111 -7.72 -20.33 30.56
C SER G 111 -8.94 -20.11 29.69
N THR G 112 -8.94 -19.07 28.83
CA THR G 112 -10.09 -18.88 27.94
CA THR G 112 -10.10 -18.85 27.97
C THR G 112 -9.78 -18.85 26.47
N ARG G 113 -10.46 -19.72 25.74
CA ARG G 113 -10.35 -19.79 24.30
C ARG G 113 -11.65 -19.38 23.68
N MET G 114 -11.60 -19.07 22.39
CA MET G 114 -12.75 -18.57 21.67
CA MET G 114 -12.79 -18.67 21.70
C MET G 114 -12.76 -19.08 20.24
N GLY G 115 -13.95 -19.08 19.64
CA GLY G 115 -14.16 -19.39 18.22
C GLY G 115 -15.54 -19.00 17.67
N GLU G 116 -15.74 -19.23 16.37
CA GLU G 116 -17.06 -19.11 15.73
C GLU G 116 -17.64 -20.49 15.41
N ASP G 117 -18.94 -20.66 15.62
CA ASP G 117 -19.62 -21.88 15.20
C ASP G 117 -20.81 -21.45 14.35
N ILE G 118 -20.87 -21.98 13.14
CA ILE G 118 -22.00 -21.82 12.26
C ILE G 118 -22.79 -23.14 12.24
N PHE G 119 -24.03 -23.12 12.74
CA PHE G 119 -24.87 -24.31 12.79
C PHE G 119 -25.88 -24.27 11.64
N PHE G 120 -26.06 -25.42 10.97
CA PHE G 120 -27.10 -25.58 9.95
C PHE G 120 -28.07 -26.62 10.48
N LYS G 121 -29.31 -26.55 10.02
CA LYS G 121 -30.35 -27.49 10.43
C LYS G 121 -30.34 -28.82 9.65
N THR G 122 -30.34 -29.93 10.38
CA THR G 122 -30.32 -31.27 9.77
C THR G 122 -31.66 -31.61 9.07
N SER H 5 -1.81 14.17 27.74
CA SER H 5 -1.58 13.33 26.51
C SER H 5 -0.88 12.00 26.87
N CYS H 6 -1.54 10.88 26.56
CA CYS H 6 -0.98 9.52 26.79
C CYS H 6 -0.06 9.20 25.65
N ASN H 7 1.14 8.70 25.91
CA ASN H 7 2.03 8.38 24.79
C ASN H 7 2.57 6.95 24.85
N VAL H 8 2.61 6.28 23.71
CA VAL H 8 2.83 4.84 23.71
C VAL H 8 4.28 4.48 23.90
N THR H 9 5.19 5.34 23.46
CA THR H 9 6.61 5.12 23.60
C THR H 9 7.01 5.07 25.06
N GLY H 10 7.85 4.10 25.43
CA GLY H 10 8.30 3.94 26.80
C GLY H 10 8.46 2.49 27.23
N VAL H 11 8.57 2.29 28.54
CA VAL H 11 8.68 0.94 29.10
C VAL H 11 7.49 0.70 30.00
N TRP H 12 6.78 -0.42 29.72
CA TRP H 12 5.52 -0.75 30.40
C TRP H 12 5.59 -2.12 31.02
N ARG H 13 4.65 -2.37 31.93
CA ARG H 13 4.59 -3.58 32.70
C ARG H 13 3.10 -3.95 32.84
N ASN H 14 2.76 -5.25 32.80
CA ASN H 14 1.37 -5.68 32.95
C ASN H 14 1.07 -6.53 34.22
N GLU H 15 -0.22 -6.76 34.43
CA GLU H 15 -0.69 -7.42 35.62
C GLU H 15 0.00 -8.76 35.81
N LEU H 16 0.53 -9.33 34.72
CA LEU H 16 1.24 -10.62 34.81
C LEU H 16 2.72 -10.48 35.17
N GLY H 17 3.25 -9.28 35.08
CA GLY H 17 4.67 -9.08 35.30
C GLY H 17 5.46 -8.96 34.00
N SER H 18 4.76 -9.00 32.86
CA SER H 18 5.41 -8.95 31.55
C SER H 18 5.78 -7.53 31.20
N THR H 19 6.79 -7.39 30.35
CA THR H 19 7.36 -6.08 30.03
C THR H 19 7.33 -5.83 28.50
N LEU H 20 7.16 -4.56 28.18
CA LEU H 20 6.91 -4.12 26.83
C LEU H 20 7.70 -2.83 26.62
N ARG H 21 8.73 -2.91 25.78
CA ARG H 21 9.53 -1.74 25.42
C ARG H 21 9.06 -1.29 24.06
N VAL H 22 8.46 -0.12 23.99
CA VAL H 22 7.81 0.36 22.77
C VAL H 22 8.44 1.64 22.27
N LYS H 23 8.60 1.78 20.95
CA LYS H 23 9.04 3.02 20.36
C LYS H 23 8.23 3.32 19.12
N ALA H 24 7.62 4.49 19.07
CA ALA H 24 6.93 4.95 17.87
C ALA H 24 7.82 5.82 17.01
N GLU H 25 7.79 5.56 15.71
CA GLU H 25 8.25 6.52 14.72
C GLU H 25 7.04 6.77 13.81
N GLY H 26 6.22 7.74 14.20
CA GLY H 26 5.05 8.10 13.42
C GLY H 26 3.88 7.16 13.69
N SER H 27 3.42 6.47 12.63
CA SER H 27 2.30 5.51 12.74
C SER H 27 2.75 4.08 13.02
N GLU H 28 4.05 3.87 13.17
CA GLU H 28 4.59 2.54 13.34
C GLU H 28 5.12 2.38 14.73
N VAL H 29 5.04 1.16 15.23
CA VAL H 29 5.48 0.86 16.56
C VAL H 29 6.49 -0.29 16.46
N ARG H 30 7.61 -0.18 17.16
CA ARG H 30 8.60 -1.26 17.16
C ARG H 30 9.03 -1.45 18.58
N GLY H 31 9.78 -2.50 18.88
CA GLY H 31 10.09 -2.76 20.25
C GLY H 31 10.24 -4.20 20.58
N VAL H 32 10.25 -4.48 21.87
CA VAL H 32 10.55 -5.80 22.41
C VAL H 32 9.57 -6.15 23.52
N TYR H 33 9.20 -7.43 23.57
CA TYR H 33 8.22 -7.91 24.54
C TYR H 33 8.85 -9.04 25.32
N GLN H 34 8.75 -8.99 26.64
CA GLN H 34 9.20 -10.09 27.45
C GLN H 34 8.02 -10.54 28.25
N THR H 35 7.62 -11.78 28.02
CA THR H 35 6.51 -12.37 28.73
C THR H 35 6.97 -13.14 29.97
N ALA H 36 6.20 -12.98 31.05
CA ALA H 36 6.49 -13.64 32.30
C ALA H 36 5.81 -14.98 32.36
N VAL H 37 5.05 -15.32 31.34
CA VAL H 37 4.26 -16.54 31.33
C VAL H 37 4.23 -17.17 29.93
N GLU H 38 4.00 -18.48 29.90
CA GLU H 38 4.08 -19.25 28.69
C GLU H 38 3.00 -20.30 28.71
N SER H 39 2.40 -20.58 27.56
CA SER H 39 1.34 -21.59 27.46
C SER H 39 1.89 -23.02 27.50
N THR H 40 2.96 -23.28 26.76
CA THR H 40 3.85 -24.42 27.02
C THR H 40 5.23 -23.89 27.37
N ARG H 41 5.95 -24.70 28.17
CA ARG H 41 7.31 -24.37 28.65
C ARG H 41 8.26 -24.16 27.48
N GLY H 42 8.90 -22.99 27.42
CA GLY H 42 9.81 -22.66 26.31
C GLY H 42 9.12 -22.21 25.03
N ALA H 43 7.79 -22.12 25.04
CA ALA H 43 7.06 -21.67 23.86
C ALA H 43 7.55 -20.30 23.36
N ALA H 44 7.93 -19.43 24.30
CA ALA H 44 8.55 -18.14 23.96
C ALA H 44 10.09 -18.20 23.94
N GLY H 45 10.64 -19.41 23.91
CA GLY H 45 12.10 -19.55 23.98
C GLY H 45 12.70 -19.20 25.32
N HIS H 46 14.02 -19.34 25.43
CA HIS H 46 14.76 -19.23 26.70
C HIS H 46 14.77 -17.82 27.34
N HIS H 47 14.86 -16.75 26.55
CA HIS H 47 14.70 -15.40 27.12
C HIS H 47 13.24 -14.93 27.17
N ARG H 48 12.33 -15.75 26.64
CA ARG H 48 10.91 -15.37 26.50
C ARG H 48 10.73 -13.95 25.89
N SER H 49 11.65 -13.54 25.01
CA SER H 49 11.60 -12.24 24.40
C SER H 49 11.34 -12.38 22.94
N ALA H 50 10.66 -11.37 22.42
CA ALA H 50 10.50 -11.23 20.99
C ALA H 50 10.28 -9.80 20.62
N ARG H 51 10.41 -9.56 19.33
CA ARG H 51 10.16 -8.25 18.77
C ARG H 51 8.66 -8.00 18.60
N ILE H 52 8.35 -6.72 18.53
CA ILE H 52 6.99 -6.23 18.38
C ILE H 52 6.89 -5.32 17.18
N ILE H 53 5.83 -5.49 16.39
CA ILE H 53 5.53 -4.61 15.26
C ILE H 53 4.05 -4.20 15.23
N GLY H 54 3.76 -2.95 14.94
CA GLY H 54 2.38 -2.51 15.01
C GLY H 54 2.14 -1.10 14.52
N MET H 55 1.00 -0.55 14.96
CA MET H 55 0.52 0.79 14.57
C MET H 55 0.08 1.55 15.81
N VAL H 56 0.28 2.88 15.81
CA VAL H 56 -0.31 3.75 16.83
C VAL H 56 -0.93 4.97 16.16
N SER H 57 -2.13 5.37 16.61
CA SER H 57 -2.81 6.54 16.02
C SER H 57 -2.12 7.81 16.48
N ASP H 58 -2.62 8.95 16.01
CA ASP H 58 -2.28 10.24 16.60
C ASP H 58 -3.38 10.58 17.63
N GLY H 59 -3.38 11.83 18.12
CA GLY H 59 -4.35 12.24 19.12
C GLY H 59 -3.69 12.07 20.47
N THR H 60 -4.39 12.52 21.50
CA THR H 60 -3.83 12.48 22.83
C THR H 60 -4.02 11.15 23.55
N GLN H 61 -5.12 10.44 23.25
CA GLN H 61 -5.37 9.07 23.80
C GLN H 61 -5.39 8.04 22.64
N PRO H 62 -4.21 7.71 22.10
CA PRO H 62 -4.17 6.97 20.84
C PRO H 62 -4.42 5.50 20.99
N THR H 63 -4.91 4.90 19.90
CA THR H 63 -5.19 3.48 19.83
C THR H 63 -3.95 2.81 19.29
N VAL H 64 -3.86 1.51 19.53
CA VAL H 64 -2.63 0.80 19.28
C VAL H 64 -2.97 -0.62 18.89
N SER H 65 -2.17 -1.20 18.00
CA SER H 65 -2.33 -2.58 17.58
C SER H 65 -0.96 -3.14 17.30
N PHE H 66 -0.59 -4.24 17.91
CA PHE H 66 0.72 -4.76 17.62
C PHE H 66 0.77 -6.26 17.73
N SER H 67 1.73 -6.86 17.03
CA SER H 67 1.93 -8.34 16.92
C SER H 67 3.28 -8.75 17.42
N VAL H 68 3.34 -9.98 17.91
CA VAL H 68 4.55 -10.60 18.31
C VAL H 68 4.53 -11.96 17.70
N LEU H 69 5.63 -12.36 17.06
CA LEU H 69 5.86 -13.72 16.62
C LEU H 69 6.77 -14.33 17.66
N TRP H 70 6.31 -15.41 18.31
CA TRP H 70 7.09 -16.09 19.33
C TRP H 70 8.04 -17.10 18.71
N GLU H 71 9.08 -17.44 19.46
CA GLU H 71 10.19 -18.23 18.94
C GLU H 71 9.77 -19.55 18.28
N LYS H 72 8.78 -20.24 18.83
CA LYS H 72 8.41 -21.56 18.30
C LYS H 72 7.13 -21.55 17.41
N GLY H 73 6.74 -20.34 16.99
CA GLY H 73 5.75 -20.22 15.95
C GLY H 73 4.32 -19.84 16.33
N SER H 74 4.06 -19.71 17.64
CA SER H 74 2.82 -19.10 18.11
C SER H 74 2.95 -17.60 17.86
N CYS H 75 1.81 -16.91 17.89
N CYS H 75 1.80 -16.93 17.84
CA CYS H 75 1.83 -15.47 17.72
CA CYS H 75 1.67 -15.51 17.54
C CYS H 75 0.66 -14.84 18.46
C CYS H 75 0.62 -14.86 18.46
N SER H 76 0.94 -13.70 19.04
CA SER H 76 -0.03 -12.92 19.79
C SER H 76 -0.26 -11.59 19.08
N ALA H 77 -1.43 -10.98 19.33
CA ALA H 77 -1.75 -9.64 18.86
C ALA H 77 -2.52 -8.89 19.96
N TRP H 78 -2.29 -7.57 20.02
CA TRP H 78 -2.93 -6.73 21.00
C TRP H 78 -3.59 -5.59 20.28
N VAL H 79 -4.81 -5.27 20.67
CA VAL H 79 -5.37 -3.99 20.39
C VAL H 79 -5.75 -3.35 21.70
N GLY H 80 -5.74 -2.01 21.70
CA GLY H 80 -6.08 -1.24 22.89
C GLY H 80 -5.99 0.26 22.68
N GLN H 81 -6.10 1.01 23.78
CA GLN H 81 -6.05 2.46 23.74
C GLN H 81 -5.29 3.04 24.95
N CYS H 82 -4.53 4.10 24.69
CA CYS H 82 -3.69 4.76 25.69
C CYS H 82 -4.45 5.81 26.49
N PHE H 83 -4.73 5.51 27.77
CA PHE H 83 -5.55 6.40 28.60
C PHE H 83 -4.76 7.12 29.68
N ILE H 84 -5.07 8.40 29.87
CA ILE H 84 -4.61 9.16 31.04
C ILE H 84 -5.65 9.08 32.16
N LEU H 85 -5.36 8.40 33.27
CA LEU H 85 -6.29 8.33 34.38
C LEU H 85 -6.40 9.67 35.13
N ASP H 86 -7.29 9.74 36.14
CA ASP H 86 -7.52 10.98 36.89
C ASP H 86 -6.24 11.36 37.60
N ASP H 87 -5.59 10.34 38.15
CA ASP H 87 -4.40 10.46 39.00
C ASP H 87 -3.04 10.70 38.27
N GLY H 88 -3.08 11.01 36.96
CA GLY H 88 -1.87 11.22 36.17
C GLY H 88 -1.28 9.99 35.47
N ALA H 89 -1.66 8.78 35.89
CA ALA H 89 -1.10 7.54 35.35
C ALA H 89 -1.44 7.35 33.87
N GLN H 90 -0.49 6.81 33.10
CA GLN H 90 -0.71 6.45 31.69
C GLN H 90 -0.98 4.95 31.56
N VAL H 91 -2.13 4.59 31.02
CA VAL H 91 -2.49 3.18 30.98
C VAL H 91 -2.83 2.69 29.59
N LEU H 92 -2.23 1.56 29.22
CA LEU H 92 -2.58 0.87 27.98
C LEU H 92 -3.61 -0.25 28.30
N LYS H 93 -4.85 -0.05 27.87
CA LYS H 93 -5.93 -1.04 28.00
C LYS H 93 -6.03 -1.81 26.71
N THR H 94 -5.77 -3.10 26.81
CA THR H 94 -5.67 -3.93 25.63
C THR H 94 -6.44 -5.20 25.81
N PHE H 95 -6.79 -5.77 24.67
CA PHE H 95 -7.20 -7.15 24.61
C PHE H 95 -6.26 -7.86 23.65
N TRP H 96 -5.99 -9.14 23.93
CA TRP H 96 -5.09 -9.90 23.10
C TRP H 96 -5.66 -11.22 22.64
N MET H 97 -5.02 -11.77 21.62
CA MET H 97 -5.25 -13.13 21.15
C MET H 97 -3.90 -13.79 21.10
N LEU H 98 -3.84 -15.03 21.56
CA LEU H 98 -2.65 -15.90 21.38
C LEU H 98 -3.07 -17.04 20.47
N ARG H 99 -2.50 -17.09 19.27
CA ARG H 99 -2.74 -18.18 18.34
C ARG H 99 -1.67 -19.27 18.47
N SER H 100 -1.98 -20.43 19.04
CA SER H 100 -1.05 -21.57 18.99
C SER H 100 -1.05 -22.30 17.64
N VAL H 101 0.09 -22.90 17.31
CA VAL H 101 0.24 -23.67 16.06
C VAL H 101 -0.68 -24.85 16.19
N ALA H 102 -1.25 -25.27 15.07
CA ALA H 102 -1.95 -26.55 15.02
C ALA H 102 -1.46 -27.34 13.80
N ASP H 103 -1.65 -28.68 13.78
CA ASP H 103 -1.08 -29.55 12.71
C ASP H 103 -1.84 -29.44 11.39
N ASN H 104 -3.15 -29.24 11.48
CA ASN H 104 -4.04 -29.16 10.33
C ASN H 104 -5.30 -28.31 10.63
N LEU H 105 -6.05 -27.95 9.58
CA LEU H 105 -7.30 -27.18 9.76
C LEU H 105 -8.25 -27.74 10.81
N ALA H 106 -8.31 -29.07 10.93
CA ALA H 106 -9.29 -29.72 11.80
C ALA H 106 -8.94 -29.61 13.27
N SER H 107 -7.67 -29.46 13.60
CA SER H 107 -7.25 -29.29 14.98
C SER H 107 -7.18 -27.80 15.35
N ALA H 108 -7.47 -26.92 14.40
CA ALA H 108 -7.32 -25.52 14.66
C ALA H 108 -8.44 -24.90 15.54
N TRP H 109 -9.52 -25.62 15.83
CA TRP H 109 -10.65 -25.01 16.55
C TRP H 109 -10.26 -24.48 17.92
N GLY H 110 -9.37 -25.21 18.56
CA GLY H 110 -8.96 -24.86 19.92
C GLY H 110 -7.74 -24.00 20.00
N SER H 111 -7.34 -23.40 18.88
CA SER H 111 -6.03 -22.73 18.77
C SER H 111 -5.95 -21.29 19.24
N THR H 112 -7.07 -20.69 19.59
CA THR H 112 -7.07 -19.25 19.87
C THR H 112 -7.60 -18.94 21.27
N ARG H 113 -6.70 -18.44 22.11
CA ARG H 113 -7.00 -17.95 23.42
C ARG H 113 -7.19 -16.44 23.40
N MET H 114 -7.82 -15.90 24.42
CA MET H 114 -7.81 -14.44 24.61
C MET H 114 -7.81 -13.95 26.04
N GLY H 115 -7.54 -12.67 26.19
CA GLY H 115 -7.59 -12.06 27.48
C GLY H 115 -7.45 -10.56 27.46
N GLU H 116 -7.46 -9.95 28.64
CA GLU H 116 -7.22 -8.52 28.78
C GLU H 116 -5.85 -8.32 29.42
N ASP H 117 -5.11 -7.34 28.93
CA ASP H 117 -3.81 -6.90 29.49
C ASP H 117 -3.86 -5.42 29.79
N ILE H 118 -3.53 -5.08 31.03
CA ILE H 118 -3.42 -3.70 31.44
C ILE H 118 -1.94 -3.44 31.59
N PHE H 119 -1.43 -2.54 30.77
CA PHE H 119 -0.03 -2.11 30.87
C PHE H 119 0.06 -0.75 31.56
N PHE H 120 0.93 -0.69 32.58
CA PHE H 120 1.27 0.51 33.34
C PHE H 120 2.73 0.85 33.07
N LYS H 121 3.05 2.13 33.16
CA LYS H 121 4.39 2.63 32.82
C LYS H 121 5.46 2.57 33.92
N THR H 122 6.53 1.81 33.72
CA THR H 122 7.69 1.85 34.61
C THR H 122 8.38 3.22 34.54
N SER I 4 -22.23 54.72 16.32
CA SER I 4 -21.57 53.51 16.92
C SER I 4 -21.84 52.26 16.04
N SER I 5 -20.83 51.41 15.84
CA SER I 5 -20.94 50.24 14.92
C SER I 5 -20.85 48.87 15.65
N CYS I 6 -21.57 47.87 15.13
CA CYS I 6 -21.37 46.48 15.54
C CYS I 6 -20.35 45.90 14.56
N ASN I 7 -19.22 45.43 15.08
CA ASN I 7 -18.09 44.89 14.31
C ASN I 7 -18.02 43.34 14.49
N VAL I 8 -18.04 42.61 13.39
CA VAL I 8 -18.17 41.15 13.39
C VAL I 8 -16.82 40.51 13.67
N THR I 9 -15.77 41.24 13.36
CA THR I 9 -14.41 40.74 13.57
C THR I 9 -14.07 40.67 15.06
N GLY I 10 -13.47 39.57 15.47
CA GLY I 10 -13.16 39.41 16.86
C GLY I 10 -13.46 37.97 17.25
N VAL I 11 -13.66 37.76 18.57
CA VAL I 11 -13.95 36.43 19.13
C VAL I 11 -15.23 36.48 19.92
N TRP I 12 -16.07 35.47 19.71
CA TRP I 12 -17.42 35.45 20.20
C TRP I 12 -17.66 34.08 20.80
N ARG I 13 -18.63 34.00 21.69
CA ARG I 13 -19.04 32.79 22.40
C ARG I 13 -20.57 32.76 22.36
N ASN I 14 -21.19 31.60 22.34
CA ASN I 14 -22.64 31.56 22.25
C ASN I 14 -23.24 30.84 23.44
N GLU I 15 -24.55 30.67 23.40
CA GLU I 15 -25.30 30.16 24.51
C GLU I 15 -24.97 28.72 24.83
N LEU I 16 -24.31 28.01 23.91
CA LEU I 16 -23.91 26.63 24.11
C LEU I 16 -22.48 26.50 24.61
N GLY I 17 -21.72 27.58 24.63
CA GLY I 17 -20.29 27.53 25.03
C GLY I 17 -19.33 27.45 23.85
N SER I 18 -19.86 27.42 22.63
CA SER I 18 -19.06 27.31 21.43
C SER I 18 -18.30 28.58 21.20
N THR I 19 -17.24 28.55 20.39
CA THR I 19 -16.45 29.76 20.11
C THR I 19 -16.29 30.06 18.61
N LEU I 20 -16.48 31.32 18.24
CA LEU I 20 -16.43 31.76 16.84
C LEU I 20 -15.36 32.84 16.71
N ARG I 21 -14.29 32.57 15.94
CA ARG I 21 -13.26 33.58 15.66
C ARG I 21 -13.46 34.09 14.24
N VAL I 22 -13.72 35.37 14.09
CA VAL I 22 -14.04 35.90 12.79
C VAL I 22 -13.04 36.94 12.34
N LYS I 23 -12.66 36.90 11.06
CA LYS I 23 -11.99 38.01 10.44
C LYS I 23 -12.67 38.34 9.11
N ALA I 24 -12.38 39.50 8.57
CA ALA I 24 -13.05 39.92 7.35
C ALA I 24 -12.11 40.69 6.46
N GLU I 25 -12.10 40.34 5.19
CA GLU I 25 -11.34 41.05 4.17
C GLU I 25 -12.33 41.43 3.09
N GLY I 26 -12.62 42.72 2.98
CA GLY I 26 -13.68 43.20 2.10
C GLY I 26 -15.03 42.65 2.53
N SER I 27 -15.70 41.97 1.58
CA SER I 27 -17.02 41.37 1.84
C SER I 27 -16.96 39.96 2.40
N GLU I 28 -15.77 39.39 2.48
CA GLU I 28 -15.62 37.99 2.86
C GLU I 28 -15.20 37.83 4.34
N VAL I 29 -15.82 36.86 5.03
CA VAL I 29 -15.41 36.43 6.37
C VAL I 29 -14.71 35.09 6.35
N ARG I 30 -13.68 34.97 7.19
CA ARG I 30 -12.91 33.74 7.42
C ARG I 30 -12.64 33.56 8.94
N GLY I 31 -12.06 32.42 9.31
CA GLY I 31 -11.73 32.14 10.70
C GLY I 31 -12.06 30.74 11.09
N VAL I 32 -12.42 30.56 12.36
CA VAL I 32 -12.42 29.24 12.98
C VAL I 32 -13.60 29.18 13.92
N TYR I 33 -14.22 28.00 14.02
CA TYR I 33 -15.36 27.77 14.89
C TYR I 33 -15.03 26.58 15.73
N GLN I 34 -15.33 26.66 17.01
CA GLN I 34 -15.15 25.56 17.91
C GLN I 34 -16.41 25.35 18.69
N THR I 35 -17.08 24.24 18.41
CA THR I 35 -18.39 23.96 18.98
C THR I 35 -18.25 23.15 20.25
N ALA I 36 -19.12 23.40 21.22
CA ALA I 36 -19.04 22.74 22.57
C ALA I 36 -19.83 21.49 22.54
N VAL I 37 -20.57 21.30 21.45
CA VAL I 37 -21.49 20.18 21.33
C VAL I 37 -21.37 19.55 19.93
N GLU I 38 -21.67 18.25 19.87
CA GLU I 38 -21.74 17.54 18.59
C GLU I 38 -22.93 16.57 18.64
N SER I 39 -23.53 16.31 17.48
CA SER I 39 -24.74 15.51 17.44
C SER I 39 -24.43 14.04 17.56
N THR I 40 -23.19 13.64 17.28
CA THR I 40 -22.67 12.32 17.66
C THR I 40 -21.17 12.39 17.93
N ARG I 41 -20.70 11.57 18.88
CA ARG I 41 -19.26 11.34 19.15
C ARG I 41 -18.39 11.45 17.91
N GLY I 42 -17.52 12.44 17.84
CA GLY I 42 -16.56 12.59 16.73
C GLY I 42 -17.06 13.30 15.47
N ALA I 43 -18.36 13.53 15.36
CA ALA I 43 -18.92 14.21 14.18
C ALA I 43 -18.14 15.49 13.82
N ALA I 44 -17.84 16.33 14.81
CA ALA I 44 -16.97 17.48 14.62
C ALA I 44 -15.48 17.11 14.64
N GLY I 45 -15.15 15.96 15.24
CA GLY I 45 -13.80 15.39 15.17
C GLY I 45 -12.80 16.18 15.98
N HIS I 46 -11.51 16.00 15.65
CA HIS I 46 -10.40 16.84 16.14
C HIS I 46 -10.72 17.42 17.55
N HIS I 47 -10.52 18.71 17.75
CA HIS I 47 -10.96 19.36 18.97
C HIS I 47 -12.22 20.12 18.63
N ARG I 48 -13.13 19.41 17.96
CA ARG I 48 -14.43 19.94 17.57
C ARG I 48 -14.30 21.33 16.97
N SER I 49 -13.33 21.45 16.07
CA SER I 49 -12.90 22.72 15.47
C SER I 49 -12.93 22.67 13.95
N ALA I 50 -13.17 23.83 13.32
CA ALA I 50 -13.15 23.91 11.86
C ALA I 50 -13.30 25.33 11.31
N ARG I 51 -12.71 25.50 10.13
CA ARG I 51 -12.74 26.74 9.40
C ARG I 51 -14.17 27.20 8.99
N ILE I 52 -14.35 28.52 8.87
CA ILE I 52 -15.57 29.10 8.34
C ILE I 52 -15.29 29.87 7.05
N ILE I 53 -16.30 29.98 6.24
CA ILE I 53 -16.19 30.85 5.11
C ILE I 53 -17.55 31.48 4.89
N GLY I 54 -17.55 32.75 4.50
CA GLY I 54 -18.77 33.52 4.34
C GLY I 54 -18.64 34.97 3.86
N MET I 55 -19.75 35.70 4.03
CA MET I 55 -19.92 37.08 3.60
C MET I 55 -20.45 37.94 4.76
N VAL I 56 -19.98 39.19 4.82
CA VAL I 56 -20.46 40.21 5.72
C VAL I 56 -20.81 41.47 4.92
N SER I 57 -21.91 42.16 5.27
CA SER I 57 -22.36 43.42 4.62
C SER I 57 -21.66 44.62 5.20
N ASP I 58 -22.03 45.84 4.82
CA ASP I 58 -21.37 47.00 5.42
C ASP I 58 -22.37 47.65 6.36
N GLY I 59 -22.23 48.94 6.62
CA GLY I 59 -23.12 49.65 7.55
C GLY I 59 -22.83 49.32 9.00
N THR I 60 -23.55 49.99 9.89
CA THR I 60 -23.25 49.97 11.33
C THR I 60 -23.70 48.68 12.06
N GLN I 61 -24.70 48.01 11.47
CA GLN I 61 -25.25 46.76 11.98
C GLN I 61 -25.27 45.73 10.83
N PRO I 62 -24.11 45.16 10.56
CA PRO I 62 -23.99 44.32 9.39
C PRO I 62 -24.69 42.95 9.48
N THR I 63 -25.14 42.46 8.34
CA THR I 63 -25.71 41.14 8.24
C THR I 63 -24.54 40.25 7.95
N VAL I 64 -24.54 39.02 8.51
CA VAL I 64 -23.56 38.01 8.11
C VAL I 64 -24.21 36.75 7.61
N SER I 65 -23.42 35.99 6.86
CA SER I 65 -23.76 34.64 6.47
C SER I 65 -22.50 33.76 6.38
N PHE I 66 -22.44 32.67 7.12
CA PHE I 66 -21.27 31.81 6.99
C PHE I 66 -21.59 30.33 7.10
N SER I 67 -20.63 29.49 6.71
CA SER I 67 -20.79 28.07 6.85
C SER I 67 -19.54 27.30 7.17
N VAL I 68 -19.75 26.09 7.70
CA VAL I 68 -18.70 25.24 8.18
C VAL I 68 -18.87 23.85 7.57
N LEU I 69 -17.82 23.35 6.96
CA LEU I 69 -17.74 21.93 6.66
C LEU I 69 -17.10 21.26 7.87
N TRP I 70 -17.79 20.27 8.44
CA TRP I 70 -17.28 19.54 9.61
C TRP I 70 -16.53 18.31 9.16
N GLU I 71 -15.65 17.79 10.00
CA GLU I 71 -14.79 16.67 9.63
C GLU I 71 -15.48 15.44 9.03
N LYS I 72 -16.58 14.98 9.57
CA LYS I 72 -17.23 13.84 8.98
C LYS I 72 -18.31 14.17 7.94
N GLY I 73 -18.24 15.38 7.35
CA GLY I 73 -18.97 15.71 6.14
C GLY I 73 -20.32 16.41 6.32
N SER I 74 -20.72 16.57 7.59
CA SER I 74 -21.88 17.38 7.94
C SER I 74 -21.49 18.83 7.77
N CYS I 75 -22.48 19.69 7.64
CA CYS I 75 -22.20 21.10 7.46
C CYS I 75 -23.32 21.96 8.01
N SER I 76 -22.86 23.11 8.50
CA SER I 76 -23.63 24.07 9.19
C SER I 76 -23.57 25.35 8.41
N ALA I 77 -24.69 26.10 8.44
CA ALA I 77 -24.72 27.50 7.96
C ALA I 77 -25.49 28.43 8.94
N TRP I 78 -25.00 29.68 9.11
CA TRP I 78 -25.61 30.70 9.94
C TRP I 78 -25.92 31.96 9.09
N VAL I 79 -27.08 32.55 9.28
CA VAL I 79 -27.33 33.89 8.82
C VAL I 79 -27.66 34.75 10.01
N GLY I 80 -27.26 35.99 9.98
CA GLY I 80 -27.42 36.77 11.19
C GLY I 80 -27.19 38.24 11.02
N GLN I 81 -27.35 38.92 12.15
CA GLN I 81 -27.13 40.36 12.20
C GLN I 81 -26.43 40.79 13.49
N CYS I 82 -25.47 41.70 13.33
CA CYS I 82 -24.67 42.31 14.37
C CYS I 82 -25.42 43.53 14.91
N PHE I 83 -26.05 43.37 16.07
CA PHE I 83 -26.72 44.48 16.73
C PHE I 83 -25.88 45.07 17.87
N ILE I 84 -25.97 46.40 18.01
CA ILE I 84 -25.53 47.11 19.20
C ILE I 84 -26.70 47.24 20.18
N LEU I 85 -26.61 46.63 21.36
CA LEU I 85 -27.68 46.76 22.35
C LEU I 85 -27.54 48.08 23.07
N ASP I 86 -28.58 48.43 23.81
CA ASP I 86 -28.67 49.70 24.55
C ASP I 86 -27.61 49.82 25.63
N ASP I 87 -27.29 48.70 26.27
CA ASP I 87 -26.19 48.66 27.20
C ASP I 87 -24.80 48.73 26.55
N GLY I 88 -24.75 48.79 25.22
CA GLY I 88 -23.50 48.83 24.46
C GLY I 88 -22.95 47.46 24.05
N ALA I 89 -23.55 46.36 24.50
CA ALA I 89 -23.07 45.03 24.06
C ALA I 89 -23.19 44.81 22.53
N GLN I 90 -22.20 44.13 21.98
CA GLN I 90 -22.23 43.74 20.61
C GLN I 90 -22.69 42.31 20.53
N VAL I 91 -23.75 42.11 19.74
CA VAL I 91 -24.43 40.81 19.62
C VAL I 91 -24.68 40.31 18.18
N LEU I 92 -24.19 39.09 17.90
CA LEU I 92 -24.59 38.33 16.67
C LEU I 92 -25.80 37.47 16.94
N LYS I 93 -26.91 37.90 16.38
CA LYS I 93 -28.12 37.14 16.46
C LYS I 93 -28.24 36.35 15.15
N THR I 94 -28.21 35.03 15.27
CA THR I 94 -28.17 34.17 14.12
C THR I 94 -29.16 33.06 14.19
N PHE I 95 -29.59 32.59 13.02
CA PHE I 95 -30.31 31.31 12.90
C PHE I 95 -29.41 30.36 12.12
N TRP I 96 -29.39 29.07 12.50
CA TRP I 96 -28.55 28.07 11.76
C TRP I 96 -29.30 26.86 11.31
N MET I 97 -28.70 26.18 10.31
CA MET I 97 -29.05 24.84 9.84
C MET I 97 -27.86 23.90 9.87
N LEU I 98 -28.12 22.64 10.24
CA LEU I 98 -27.09 21.61 10.31
C LEU I 98 -27.57 20.44 9.45
N ARG I 99 -26.90 20.22 8.35
CA ARG I 99 -27.23 19.15 7.48
C ARG I 99 -26.35 17.93 7.72
N SER I 100 -26.97 16.79 8.02
CA SER I 100 -26.28 15.51 8.22
C SER I 100 -26.18 14.77 6.88
N VAL I 101 -25.08 14.04 6.68
CA VAL I 101 -24.89 13.20 5.48
C VAL I 101 -25.98 12.09 5.43
N ALA I 102 -26.51 11.85 4.23
CA ALA I 102 -27.43 10.72 3.99
C ALA I 102 -26.92 9.90 2.82
N ASP I 103 -27.34 8.62 2.74
CA ASP I 103 -26.91 7.68 1.67
C ASP I 103 -27.58 7.93 0.31
N ASN I 104 -28.78 8.50 0.34
CA ASN I 104 -29.55 8.83 -0.87
C ASN I 104 -30.62 9.87 -0.60
N LEU I 105 -31.37 10.27 -1.64
CA LEU I 105 -32.34 11.36 -1.55
C LEU I 105 -33.53 11.01 -0.63
N ALA I 106 -34.06 9.79 -0.74
CA ALA I 106 -35.24 9.35 0.03
C ALA I 106 -35.02 9.25 1.52
N SER I 107 -33.78 8.97 1.92
CA SER I 107 -33.43 8.81 3.31
C SER I 107 -32.89 10.12 3.87
N ALA I 108 -32.92 11.17 3.07
CA ALA I 108 -32.44 12.46 3.49
C ALA I 108 -33.55 13.39 4.01
N TRP I 109 -34.76 12.86 4.11
CA TRP I 109 -35.90 13.66 4.53
C TRP I 109 -35.74 14.26 5.92
N GLY I 110 -35.02 13.54 6.81
CA GLY I 110 -34.82 13.94 8.21
C GLY I 110 -33.43 14.48 8.58
N SER I 111 -32.68 14.85 7.55
CA SER I 111 -31.28 15.23 7.69
C SER I 111 -31.04 16.73 7.86
N THR I 112 -32.06 17.54 8.03
CA THR I 112 -31.79 18.97 8.27
C THR I 112 -32.35 19.47 9.61
N ARG I 113 -31.44 19.86 10.48
CA ARG I 113 -31.79 20.46 11.77
C ARG I 113 -31.66 21.96 11.70
N MET I 114 -32.44 22.65 12.54
CA MET I 114 -32.33 24.11 12.68
C MET I 114 -32.25 24.57 14.14
N GLY I 115 -31.68 25.75 14.32
CA GLY I 115 -31.78 26.44 15.59
C GLY I 115 -31.36 27.89 15.58
N GLU I 116 -31.32 28.49 16.75
CA GLU I 116 -30.89 29.88 16.93
C GLU I 116 -29.65 29.90 17.80
N ASP I 117 -28.68 30.72 17.42
CA ASP I 117 -27.51 31.02 18.24
C ASP I 117 -27.34 32.53 18.46
N ILE I 118 -27.11 32.94 19.69
CA ILE I 118 -26.79 34.31 20.02
C ILE I 118 -25.32 34.38 20.45
N PHE I 119 -24.53 35.19 19.77
CA PHE I 119 -23.14 35.30 20.10
C PHE I 119 -22.84 36.61 20.89
N PHE I 120 -21.92 36.56 21.85
CA PHE I 120 -21.47 37.76 22.58
C PHE I 120 -19.94 37.88 22.48
N LYS I 121 -19.44 39.09 22.40
CA LYS I 121 -17.99 39.31 22.32
C LYS I 121 -17.16 39.04 23.58
N THR I 122 -15.89 38.73 23.33
CA THR I 122 -14.87 38.41 24.33
C THR I 122 -13.72 39.46 24.25
N SER J 4 -64.21 27.92 -7.89
CA SER J 4 -63.53 26.63 -7.54
C SER J 4 -62.55 26.86 -6.41
N SER J 5 -62.70 26.07 -5.35
CA SER J 5 -61.90 26.20 -4.13
C SER J 5 -60.96 25.02 -3.87
N CYS J 6 -59.78 25.31 -3.32
CA CYS J 6 -58.96 24.27 -2.68
C CYS J 6 -59.65 23.95 -1.36
N ASN J 7 -60.13 22.70 -1.23
CA ASN J 7 -60.74 22.20 0.00
C ASN J 7 -59.76 21.33 0.76
N VAL J 8 -59.55 21.65 2.02
CA VAL J 8 -58.62 20.87 2.82
C VAL J 8 -59.09 19.41 3.04
N THR J 9 -60.41 19.19 3.09
CA THR J 9 -60.95 17.86 3.45
C THR J 9 -60.66 16.88 2.35
N GLY J 10 -60.25 15.68 2.74
CA GLY J 10 -60.00 14.60 1.79
C GLY J 10 -58.75 13.85 2.18
N VAL J 11 -58.22 13.07 1.25
CA VAL J 11 -57.09 12.21 1.55
C VAL J 11 -55.94 12.73 0.73
N TRP J 12 -54.79 12.89 1.37
CA TRP J 12 -53.67 13.55 0.74
C TRP J 12 -52.44 12.66 0.84
N ARG J 13 -51.70 12.57 -0.26
CA ARG J 13 -50.49 11.86 -0.27
C ARG J 13 -49.33 12.86 -0.46
N ASN J 14 -48.25 12.67 0.31
CA ASN J 14 -47.02 13.43 0.08
C ASN J 14 -45.92 12.66 -0.66
N GLU J 15 -44.81 13.37 -0.89
CA GLU J 15 -43.69 12.91 -1.72
C GLU J 15 -42.86 11.80 -1.08
N LEU J 16 -42.96 11.63 0.24
CA LEU J 16 -42.36 10.47 0.93
C LEU J 16 -43.29 9.23 0.86
N GLY J 17 -44.56 9.44 0.57
CA GLY J 17 -45.54 8.37 0.60
C GLY J 17 -46.47 8.37 1.81
N SER J 18 -46.30 9.35 2.71
CA SER J 18 -47.16 9.44 3.89
C SER J 18 -48.59 9.84 3.48
N THR J 19 -49.58 9.44 4.26
CA THR J 19 -50.93 9.91 3.98
CA THR J 19 -50.99 9.79 4.01
C THR J 19 -51.54 10.63 5.15
N LEU J 20 -52.36 11.61 4.77
CA LEU J 20 -53.01 12.54 5.66
C LEU J 20 -54.50 12.49 5.31
N ARG J 21 -55.32 12.18 6.30
CA ARG J 21 -56.76 12.08 6.11
C ARG J 21 -57.38 13.17 6.97
N VAL J 22 -58.01 14.14 6.32
CA VAL J 22 -58.34 15.42 6.91
C VAL J 22 -59.82 15.69 6.84
N LYS J 23 -60.38 16.10 7.97
CA LYS J 23 -61.76 16.57 8.10
C LYS J 23 -61.74 17.96 8.73
N ALA J 24 -61.97 18.97 7.91
CA ALA J 24 -62.11 20.34 8.38
C ALA J 24 -63.58 20.69 8.69
N GLU J 25 -63.79 21.41 9.76
CA GLU J 25 -65.12 21.91 10.07
C GLU J 25 -64.93 23.16 10.89
N GLY J 26 -65.67 24.20 10.56
CA GLY J 26 -65.72 25.38 11.40
C GLY J 26 -64.33 25.80 11.83
N SER J 27 -63.42 25.88 10.87
CA SER J 27 -62.06 26.37 11.19
C SER J 27 -61.16 25.40 11.95
N GLU J 28 -61.55 24.15 12.12
CA GLU J 28 -60.72 23.23 12.88
C GLU J 28 -60.53 21.96 12.11
N VAL J 29 -59.35 21.41 12.26
CA VAL J 29 -58.87 20.34 11.44
C VAL J 29 -58.74 19.13 12.38
N ARG J 30 -59.34 18.01 12.01
CA ARG J 30 -59.06 16.76 12.68
C ARG J 30 -58.71 15.68 11.69
N GLY J 31 -58.31 14.51 12.16
CA GLY J 31 -58.02 13.39 11.24
C GLY J 31 -56.86 12.52 11.67
N VAL J 32 -56.28 11.80 10.71
CA VAL J 32 -55.21 10.86 11.00
C VAL J 32 -54.08 11.10 10.02
N TYR J 33 -52.86 10.92 10.50
CA TYR J 33 -51.70 11.01 9.65
C TYR J 33 -51.00 9.67 9.73
N GLN J 34 -50.63 9.16 8.59
CA GLN J 34 -49.84 7.98 8.55
C GLN J 34 -48.57 8.28 7.84
N THR J 35 -47.46 8.29 8.57
CA THR J 35 -46.16 8.54 7.97
C THR J 35 -45.53 7.27 7.46
N ALA J 36 -44.93 7.38 6.29
CA ALA J 36 -44.23 6.28 5.67
C ALA J 36 -42.78 6.21 6.09
N VAL J 37 -42.32 7.15 6.92
CA VAL J 37 -40.97 7.12 7.46
C VAL J 37 -40.97 7.50 8.95
N GLU J 38 -39.99 6.99 9.67
CA GLU J 38 -39.78 7.42 11.02
C GLU J 38 -38.29 7.62 11.20
N SER J 39 -37.97 8.59 12.08
CA SER J 39 -36.60 8.99 12.35
C SER J 39 -35.88 7.90 13.09
N THR J 40 -36.62 7.13 13.90
CA THR J 40 -36.10 5.90 14.54
C THR J 40 -37.16 4.83 14.53
N ARG J 41 -36.73 3.58 14.33
CA ARG J 41 -37.65 2.45 14.30
C ARG J 41 -38.47 2.46 15.57
N GLY J 42 -39.79 2.44 15.43
CA GLY J 42 -40.70 2.52 16.58
C GLY J 42 -41.27 3.92 16.89
N ALA J 43 -40.51 4.96 16.59
CA ALA J 43 -40.86 6.34 16.96
C ALA J 43 -42.30 6.77 16.69
N ALA J 44 -42.79 6.52 15.49
CA ALA J 44 -44.19 6.88 15.11
C ALA J 44 -45.30 5.88 15.52
N GLY J 45 -44.95 4.84 16.27
CA GLY J 45 -45.97 3.89 16.70
C GLY J 45 -46.15 2.66 15.82
N HIS J 46 -46.97 1.72 16.30
CA HIS J 46 -46.98 0.37 15.71
C HIS J 46 -47.54 0.35 14.25
N HIS J 47 -48.52 1.22 13.98
CA HIS J 47 -49.00 1.47 12.61
C HIS J 47 -48.46 2.77 11.98
N ARG J 48 -47.56 3.44 12.69
CA ARG J 48 -47.02 4.72 12.25
C ARG J 48 -48.11 5.77 12.02
N SER J 49 -49.19 5.70 12.81
CA SER J 49 -50.32 6.62 12.70
C SER J 49 -50.53 7.35 14.00
N ALA J 50 -51.27 8.45 13.91
CA ALA J 50 -51.52 9.30 15.04
C ALA J 50 -52.48 10.38 14.59
N ARG J 51 -53.20 10.93 15.55
CA ARG J 51 -54.22 11.90 15.26
C ARG J 51 -53.66 13.32 15.01
N ILE J 52 -54.39 14.04 14.18
CA ILE J 52 -54.03 15.42 13.82
C ILE J 52 -55.01 16.42 14.42
N ILE J 53 -54.54 17.63 14.69
CA ILE J 53 -55.43 18.72 15.10
C ILE J 53 -54.83 20.06 14.71
N GLY J 54 -55.67 21.05 14.41
CA GLY J 54 -55.17 22.35 13.99
C GLY J 54 -56.23 23.19 13.34
N MET J 55 -55.79 24.21 12.59
CA MET J 55 -56.67 25.24 12.09
C MET J 55 -56.57 25.42 10.57
N VAL J 56 -57.60 26.03 10.02
CA VAL J 56 -57.72 26.23 8.60
C VAL J 56 -58.57 27.48 8.32
N SER J 57 -58.08 28.35 7.48
CA SER J 57 -58.73 29.62 7.27
C SER J 57 -59.75 29.48 6.17
N ASP J 58 -60.35 30.62 5.80
CA ASP J 58 -61.33 30.71 4.72
C ASP J 58 -60.60 30.98 3.43
N GLY J 59 -61.39 31.20 2.37
CA GLY J 59 -60.89 31.70 1.12
C GLY J 59 -60.81 30.60 0.10
N THR J 60 -60.50 30.97 -1.14
CA THR J 60 -60.31 30.00 -2.23
C THR J 60 -59.13 29.03 -1.98
N GLN J 61 -58.06 29.58 -1.40
CA GLN J 61 -56.78 28.90 -1.13
C GLN J 61 -56.42 29.08 0.35
N PRO J 62 -57.05 28.28 1.24
CA PRO J 62 -56.89 28.47 2.68
C PRO J 62 -55.52 28.10 3.21
N THR J 63 -55.10 28.79 4.26
CA THR J 63 -53.95 28.38 5.04
C THR J 63 -54.39 27.36 6.05
N VAL J 64 -53.43 26.57 6.49
CA VAL J 64 -53.69 25.46 7.38
C VAL J 64 -52.48 25.36 8.31
N SER J 65 -52.73 24.76 9.47
CA SER J 65 -51.70 24.58 10.47
C SER J 65 -52.19 23.39 11.24
N PHE J 66 -51.36 22.39 11.44
CA PHE J 66 -51.75 21.31 12.31
C PHE J 66 -50.61 20.61 13.01
N SER J 67 -50.95 19.93 14.10
CA SER J 67 -50.01 19.21 14.95
C SER J 67 -50.35 17.75 15.06
N VAL J 68 -49.28 16.97 15.23
CA VAL J 68 -49.31 15.56 15.56
C VAL J 68 -48.42 15.24 16.78
N LEU J 69 -48.94 14.48 17.73
CA LEU J 69 -48.16 13.99 18.87
C LEU J 69 -47.90 12.54 18.59
N TRP J 70 -46.66 12.12 18.42
CA TRP J 70 -46.37 10.70 18.15
C TRP J 70 -46.37 9.80 19.41
N GLU J 71 -46.48 8.48 19.19
CA GLU J 71 -46.62 7.51 20.29
C GLU J 71 -45.49 7.62 21.28
N LYS J 72 -44.25 7.75 20.81
CA LYS J 72 -43.11 7.78 21.75
C LYS J 72 -42.69 9.18 22.24
N GLY J 73 -43.52 10.21 22.02
CA GLY J 73 -43.28 11.54 22.61
C GLY J 73 -42.76 12.65 21.71
N SER J 74 -42.31 12.31 20.50
CA SER J 74 -41.89 13.33 19.57
C SER J 74 -43.17 13.97 19.04
N CYS J 75 -43.05 15.13 18.41
N CYS J 75 -43.05 15.18 18.48
CA CYS J 75 -44.20 15.79 17.82
CA CYS J 75 -44.20 15.98 17.98
C CYS J 75 -43.81 16.66 16.65
C CYS J 75 -43.79 16.59 16.63
N SER J 76 -44.77 16.83 15.74
CA SER J 76 -44.54 17.47 14.47
C SER J 76 -45.61 18.52 14.27
N ALA J 77 -45.26 19.60 13.58
CA ALA J 77 -46.26 20.54 13.12
C ALA J 77 -45.95 20.97 11.72
N TRP J 78 -47.01 21.36 11.02
CA TRP J 78 -46.98 21.74 9.63
C TRP J 78 -47.71 23.07 9.51
N VAL J 79 -47.18 23.97 8.69
CA VAL J 79 -47.98 25.07 8.18
C VAL J 79 -47.93 25.07 6.68
N GLY J 80 -48.98 25.62 6.09
CA GLY J 80 -49.07 25.68 4.67
C GLY J 80 -50.25 26.38 4.10
N GLN J 81 -50.43 26.13 2.83
CA GLN J 81 -51.52 26.70 2.08
C GLN J 81 -51.94 25.75 0.94
N CYS J 82 -53.25 25.62 0.81
CA CYS J 82 -53.93 24.78 -0.17
C CYS J 82 -54.10 25.63 -1.42
N PHE J 83 -53.47 25.24 -2.53
CA PHE J 83 -53.52 25.98 -3.81
C PHE J 83 -54.27 25.18 -4.90
N ILE J 84 -54.90 25.90 -5.84
CA ILE J 84 -55.54 25.29 -7.02
C ILE J 84 -54.81 25.78 -8.24
N LEU J 85 -54.24 24.85 -8.97
CA LEU J 85 -53.44 25.20 -10.12
C LEU J 85 -54.34 25.57 -11.32
N ASP J 86 -53.70 26.12 -12.36
CA ASP J 86 -54.29 26.24 -13.70
C ASP J 86 -55.11 24.97 -14.02
N ASP J 87 -54.44 23.80 -13.94
CA ASP J 87 -55.06 22.47 -14.01
C ASP J 87 -56.48 22.44 -13.47
N GLY J 88 -56.54 22.48 -12.15
CA GLY J 88 -57.67 21.96 -11.40
C GLY J 88 -57.18 21.11 -10.22
N ALA J 89 -55.91 20.69 -10.24
CA ALA J 89 -55.30 20.02 -9.08
C ALA J 89 -55.31 20.91 -7.83
N GLN J 90 -55.59 20.28 -6.72
CA GLN J 90 -55.44 20.89 -5.45
C GLN J 90 -54.11 20.46 -4.82
N VAL J 91 -53.23 21.42 -4.56
CA VAL J 91 -51.98 21.13 -3.84
C VAL J 91 -51.83 21.80 -2.44
N LEU J 92 -51.50 20.99 -1.43
CA LEU J 92 -51.12 21.49 -0.11
C LEU J 92 -49.57 21.63 0.02
N LYS J 93 -49.09 22.87 -0.04
CA LYS J 93 -47.66 23.22 0.13
C LYS J 93 -47.38 23.42 1.60
N THR J 94 -46.47 22.66 2.19
CA THR J 94 -46.26 22.82 3.62
C THR J 94 -44.77 22.93 3.98
N PHE J 95 -44.54 23.45 5.17
CA PHE J 95 -43.33 23.21 5.89
C PHE J 95 -43.62 22.60 7.25
N TRP J 96 -42.69 21.77 7.72
CA TRP J 96 -42.89 21.07 8.96
C TRP J 96 -41.67 21.17 9.83
N MET J 97 -41.90 21.09 11.13
CA MET J 97 -40.87 20.91 12.12
C MET J 97 -41.16 19.56 12.81
N LEU J 98 -40.14 18.77 13.10
CA LEU J 98 -40.27 17.58 13.97
C LEU J 98 -39.43 17.75 15.24
N ARG J 99 -40.07 17.72 16.38
CA ARG J 99 -39.40 17.91 17.68
C ARG J 99 -39.19 16.59 18.37
N SER J 100 -37.92 16.22 18.58
CA SER J 100 -37.62 15.00 19.32
C SER J 100 -37.47 15.26 20.80
N VAL J 101 -37.75 14.20 21.58
CA VAL J 101 -37.61 14.22 23.06
C VAL J 101 -36.15 14.49 23.40
N ALA J 102 -35.91 15.46 24.27
CA ALA J 102 -34.58 15.71 24.83
C ALA J 102 -34.60 15.45 26.31
N ASP J 103 -33.42 15.22 26.89
CA ASP J 103 -33.26 14.90 28.33
C ASP J 103 -33.45 16.08 29.24
N ASN J 104 -32.87 17.17 28.83
CA ASN J 104 -32.95 18.40 29.56
C ASN J 104 -32.78 19.52 28.55
N LEU J 105 -32.87 20.75 29.05
CA LEU J 105 -32.79 21.96 28.25
C LEU J 105 -31.43 22.09 27.54
N ALA J 106 -30.33 21.94 28.28
CA ALA J 106 -28.97 22.02 27.71
C ALA J 106 -28.67 21.03 26.55
N SER J 107 -29.32 19.88 26.52
CA SER J 107 -29.05 18.92 25.45
C SER J 107 -30.08 19.05 24.32
N ALA J 108 -31.00 20.01 24.41
CA ALA J 108 -32.08 20.16 23.41
C ALA J 108 -31.70 20.97 22.14
N TRP J 109 -30.45 21.40 21.99
CA TRP J 109 -30.07 22.23 20.82
C TRP J 109 -30.31 21.50 19.47
N GLY J 110 -30.21 20.18 19.49
CA GLY J 110 -30.25 19.37 18.27
C GLY J 110 -31.57 18.68 18.07
N SER J 111 -32.64 19.12 18.75
CA SER J 111 -33.90 18.39 18.77
C SER J 111 -34.97 18.78 17.72
N THR J 112 -34.60 19.68 16.83
CA THR J 112 -35.62 20.23 15.95
C THR J 112 -35.20 20.06 14.50
N ARG J 113 -35.90 19.20 13.80
CA ARG J 113 -35.71 19.08 12.36
C ARG J 113 -36.75 19.85 11.57
N MET J 114 -36.41 20.16 10.32
CA MET J 114 -37.42 20.72 9.43
C MET J 114 -37.32 20.19 8.00
N GLY J 115 -38.40 20.36 7.25
CA GLY J 115 -38.42 20.10 5.86
C GLY J 115 -39.65 20.63 5.18
N GLU J 116 -39.76 20.29 3.91
CA GLU J 116 -40.88 20.66 3.06
C GLU J 116 -41.67 19.41 2.71
N ASP J 117 -43.00 19.48 2.88
CA ASP J 117 -43.90 18.40 2.47
C ASP J 117 -44.88 19.01 1.44
N ILE J 118 -45.08 18.32 0.34
CA ILE J 118 -46.04 18.74 -0.67
C ILE J 118 -47.02 17.59 -0.80
N PHE J 119 -48.30 17.92 -0.63
CA PHE J 119 -49.35 16.92 -0.59
C PHE J 119 -50.25 17.11 -1.81
N PHE J 120 -50.50 16.01 -2.54
CA PHE J 120 -51.44 15.96 -3.69
C PHE J 120 -52.61 15.13 -3.25
N LYS J 121 -53.80 15.51 -3.70
CA LYS J 121 -55.04 14.90 -3.23
C LYS J 121 -55.34 13.60 -3.96
N THR J 122 -55.83 12.60 -3.22
CA THR J 122 -56.35 11.34 -3.76
C THR J 122 -57.78 11.53 -4.27
N VAL K 3 -41.45 22.37 42.74
CA VAL K 3 -42.20 21.48 41.80
C VAL K 3 -41.26 20.49 41.09
N SER K 4 -41.82 19.35 40.69
CA SER K 4 -41.10 18.19 40.14
C SER K 4 -41.46 17.88 38.68
N SER K 5 -42.59 18.43 38.21
CA SER K 5 -43.06 18.36 36.82
C SER K 5 -43.05 19.76 36.16
N CYS K 6 -42.99 19.78 34.83
CA CYS K 6 -43.24 20.99 34.02
C CYS K 6 -44.68 20.85 33.53
N ASN K 7 -45.53 21.73 34.01
CA ASN K 7 -46.97 21.64 33.70
C ASN K 7 -47.34 22.71 32.64
N VAL K 8 -47.75 22.28 31.46
CA VAL K 8 -48.03 23.20 30.36
C VAL K 8 -49.26 24.09 30.61
N THR K 9 -50.15 23.66 31.52
CA THR K 9 -51.34 24.45 31.90
C THR K 9 -50.90 25.61 32.80
N GLY K 10 -51.39 26.82 32.49
CA GLY K 10 -51.00 28.06 33.18
C GLY K 10 -50.81 29.22 32.24
N VAL K 11 -50.24 30.32 32.75
CA VAL K 11 -49.98 31.51 31.96
C VAL K 11 -48.52 31.58 31.67
N TRP K 12 -48.19 31.96 30.43
CA TRP K 12 -46.80 31.97 29.97
C TRP K 12 -46.44 33.26 29.26
N ARG K 13 -45.17 33.68 29.35
CA ARG K 13 -44.68 34.88 28.63
C ARG K 13 -43.35 34.66 27.93
N ASN K 14 -43.23 35.06 26.68
CA ASN K 14 -41.96 34.86 25.96
C ASN K 14 -41.10 36.11 25.94
N GLU K 15 -39.94 36.01 25.31
CA GLU K 15 -38.90 37.03 25.30
C GLU K 15 -39.27 38.22 24.47
N LEU K 16 -40.30 38.09 23.65
CA LEU K 16 -40.89 39.24 23.00
C LEU K 16 -42.01 39.94 23.83
N GLY K 17 -42.39 39.35 24.97
CA GLY K 17 -43.47 39.88 25.78
C GLY K 17 -44.88 39.47 25.36
N SER K 18 -44.96 38.54 24.42
CA SER K 18 -46.24 37.92 24.03
C SER K 18 -46.62 37.04 25.20
N THR K 19 -47.92 36.83 25.42
CA THR K 19 -48.33 35.95 26.49
C THR K 19 -49.20 34.85 25.92
N LEU K 20 -49.21 33.73 26.62
CA LEU K 20 -49.86 32.53 26.13
C LEU K 20 -50.58 31.90 27.31
N ARG K 21 -51.89 31.64 27.15
CA ARG K 21 -52.65 30.99 28.20
C ARG K 21 -53.09 29.60 27.77
N VAL K 22 -52.70 28.59 28.53
CA VAL K 22 -52.93 27.20 28.14
C VAL K 22 -53.81 26.43 29.13
N LYS K 23 -54.70 25.60 28.59
CA LYS K 23 -55.43 24.65 29.39
C LYS K 23 -55.36 23.22 28.79
N ALA K 24 -54.71 22.29 29.48
CA ALA K 24 -54.64 20.89 28.99
C ALA K 24 -55.87 20.11 29.41
N GLU K 25 -56.34 19.25 28.50
CA GLU K 25 -57.41 18.28 28.73
C GLU K 25 -56.93 16.98 28.15
N GLY K 26 -56.55 16.02 28.98
CA GLY K 26 -55.88 14.80 28.49
C GLY K 26 -54.69 15.17 27.62
N SER K 27 -54.64 14.65 26.40
CA SER K 27 -53.49 14.94 25.57
C SER K 27 -53.66 16.16 24.62
N GLU K 28 -54.78 16.89 24.70
CA GLU K 28 -54.98 18.10 23.88
C GLU K 28 -54.77 19.39 24.70
N VAL K 29 -54.42 20.49 24.02
CA VAL K 29 -54.33 21.81 24.65
C VAL K 29 -55.25 22.81 23.98
N ARG K 30 -55.81 23.73 24.77
CA ARG K 30 -56.50 24.91 24.21
C ARG K 30 -56.12 26.14 24.98
N GLY K 31 -56.55 27.30 24.50
CA GLY K 31 -56.23 28.53 25.16
C GLY K 31 -56.19 29.69 24.22
N VAL K 32 -55.42 30.72 24.62
CA VAL K 32 -55.38 31.99 23.91
C VAL K 32 -53.94 32.49 23.91
N TYR K 33 -53.49 32.95 22.73
CA TYR K 33 -52.19 33.55 22.48
C TYR K 33 -52.37 35.04 22.23
N GLN K 34 -51.61 35.87 22.95
CA GLN K 34 -51.58 37.29 22.65
C GLN K 34 -50.16 37.75 22.26
N THR K 35 -49.95 37.99 20.96
CA THR K 35 -48.63 38.36 20.45
C THR K 35 -48.35 39.82 20.73
N ALA K 36 -47.10 40.12 21.08
CA ALA K 36 -46.69 41.49 21.37
C ALA K 36 -46.32 42.22 20.08
N VAL K 37 -46.17 41.46 18.99
CA VAL K 37 -45.60 41.99 17.76
C VAL K 37 -46.39 41.43 16.56
N GLU K 38 -46.42 42.15 15.46
CA GLU K 38 -47.09 41.61 14.25
C GLU K 38 -46.42 42.06 12.98
N SER K 39 -46.51 41.25 11.92
CA SER K 39 -45.69 41.51 10.72
C SER K 39 -46.24 42.69 9.97
N THR K 40 -47.55 42.90 10.09
CA THR K 40 -48.20 44.09 9.54
C THR K 40 -49.17 44.62 10.56
N ARG K 41 -49.44 45.93 10.48
CA ARG K 41 -50.61 46.56 11.12
C ARG K 41 -51.90 45.73 10.96
N GLY K 42 -52.39 45.12 12.06
CA GLY K 42 -53.67 44.41 12.06
C GLY K 42 -53.67 42.94 11.65
N ALA K 43 -52.53 42.42 11.21
CA ALA K 43 -52.34 40.99 10.95
C ALA K 43 -52.86 40.08 12.07
N ALA K 44 -52.63 40.46 13.31
CA ALA K 44 -53.00 39.66 14.45
C ALA K 44 -54.38 40.00 15.01
N GLY K 45 -55.11 40.93 14.37
CA GLY K 45 -56.42 41.35 14.89
C GLY K 45 -56.34 42.54 15.85
N HIS K 46 -57.50 42.98 16.34
CA HIS K 46 -57.55 44.26 17.10
C HIS K 46 -56.87 44.18 18.49
N HIS K 47 -57.10 43.09 19.23
CA HIS K 47 -56.41 42.88 20.50
C HIS K 47 -55.18 41.97 20.37
N ARG K 48 -54.78 41.70 19.13
CA ARG K 48 -53.61 40.88 18.79
C ARG K 48 -53.67 39.50 19.41
N SER K 49 -54.89 38.96 19.50
CA SER K 49 -55.19 37.70 20.17
C SER K 49 -55.90 36.67 19.27
N ALA K 50 -55.53 35.39 19.43
CA ALA K 50 -56.28 34.31 18.84
C ALA K 50 -56.12 33.02 19.64
N ARG K 51 -57.01 32.07 19.31
CA ARG K 51 -57.05 30.74 19.89
C ARG K 51 -55.86 29.95 19.48
N ILE K 52 -55.48 29.00 20.32
CA ILE K 52 -54.52 27.98 20.02
C ILE K 52 -55.19 26.60 20.03
N ILE K 53 -54.62 25.64 19.32
CA ILE K 53 -55.04 24.29 19.52
C ILE K 53 -53.88 23.34 19.29
N GLY K 54 -53.86 22.25 20.02
CA GLY K 54 -52.69 21.38 19.91
C GLY K 54 -52.71 20.25 20.86
N MET K 55 -51.51 19.71 21.04
CA MET K 55 -51.25 18.51 21.79
C MET K 55 -50.17 18.76 22.85
N VAL K 56 -50.19 17.95 23.90
CA VAL K 56 -49.15 17.92 24.93
C VAL K 56 -48.96 16.44 25.30
N SER K 57 -47.73 15.97 25.30
CA SER K 57 -47.44 14.56 25.67
C SER K 57 -47.52 14.44 27.18
N ASP K 58 -47.32 13.24 27.70
CA ASP K 58 -47.20 13.08 29.14
C ASP K 58 -45.73 13.04 29.53
N GLY K 59 -45.48 12.78 30.80
CA GLY K 59 -44.16 12.82 31.37
C GLY K 59 -43.94 14.06 32.22
N THR K 60 -42.76 14.11 32.81
CA THR K 60 -42.39 15.17 33.69
C THR K 60 -41.91 16.42 32.88
N GLN K 61 -41.34 16.18 31.70
CA GLN K 61 -40.94 17.22 30.79
C GLN K 61 -41.60 17.09 29.39
N PRO K 62 -42.94 17.33 29.31
CA PRO K 62 -43.73 17.02 28.14
C PRO K 62 -43.33 17.74 26.88
N THR K 63 -43.55 17.11 25.73
CA THR K 63 -43.42 17.85 24.49
C THR K 63 -44.75 18.49 24.19
N VAL K 64 -44.71 19.58 23.45
CA VAL K 64 -45.96 20.21 23.03
C VAL K 64 -45.91 20.67 21.60
N SER K 65 -47.08 20.80 21.02
N SER K 65 -47.08 20.86 21.03
CA SER K 65 -47.26 21.26 19.66
CA SER K 65 -47.22 21.27 19.65
C SER K 65 -48.54 22.07 19.65
C SER K 65 -48.54 21.99 19.47
N PHE K 66 -48.53 23.27 19.10
CA PHE K 66 -49.80 23.97 18.84
C PHE K 66 -49.82 24.93 17.65
N SER K 67 -51.02 25.29 17.24
CA SER K 67 -51.18 26.28 16.15
C SER K 67 -52.23 27.34 16.42
N VAL K 68 -52.05 28.42 15.69
CA VAL K 68 -52.92 29.55 15.74
C VAL K 68 -53.25 29.91 14.31
N LEU K 69 -54.52 30.19 14.05
CA LEU K 69 -54.93 30.83 12.81
C LEU K 69 -55.17 32.26 13.24
N TRP K 70 -54.44 33.21 12.67
CA TRP K 70 -54.58 34.62 12.96
C TRP K 70 -55.65 35.33 12.11
N GLU K 71 -56.07 36.51 12.51
CA GLU K 71 -57.23 37.13 11.88
C GLU K 71 -57.12 37.40 10.36
N LYS K 72 -55.93 37.68 9.84
CA LYS K 72 -55.87 37.99 8.40
C LYS K 72 -55.40 36.83 7.54
N GLY K 73 -55.56 35.60 8.04
CA GLY K 73 -55.22 34.44 7.25
C GLY K 73 -53.82 33.87 7.42
N SER K 74 -52.96 34.56 8.17
CA SER K 74 -51.68 34.00 8.51
C SER K 74 -51.92 32.99 9.63
N CYS K 75 -51.00 32.07 9.80
CA CYS K 75 -51.17 31.05 10.80
C CYS K 75 -49.76 30.73 11.30
N SER K 76 -49.65 30.27 12.54
CA SER K 76 -48.39 29.94 13.16
C SER K 76 -48.44 28.56 13.83
N ALA K 77 -47.28 27.94 14.00
CA ALA K 77 -47.19 26.69 14.72
C ALA K 77 -45.93 26.66 15.56
N TRP K 78 -46.03 26.08 16.76
CA TRP K 78 -44.89 25.92 17.65
C TRP K 78 -44.75 24.45 17.99
N VAL K 79 -43.52 23.98 17.98
CA VAL K 79 -43.21 22.72 18.62
C VAL K 79 -42.15 22.99 19.66
N GLY K 80 -42.13 22.12 20.67
CA GLY K 80 -41.17 22.29 21.76
C GLY K 80 -41.29 21.34 22.94
N GLN K 81 -40.54 21.67 24.00
CA GLN K 81 -40.53 20.89 25.25
C GLN K 81 -40.61 21.79 26.50
N CYS K 82 -41.33 21.29 27.48
CA CYS K 82 -41.50 21.90 28.78
C CYS K 82 -40.43 21.29 29.71
N PHE K 83 -39.41 22.10 30.04
CA PHE K 83 -38.31 21.67 30.89
C PHE K 83 -38.46 22.20 32.29
N ILE K 84 -38.04 21.40 33.27
CA ILE K 84 -37.99 21.85 34.67
C ILE K 84 -36.52 21.98 35.09
N LEU K 85 -36.12 23.16 35.58
CA LEU K 85 -34.71 23.43 35.91
C LEU K 85 -34.41 23.19 37.40
N ASP K 86 -33.12 23.01 37.71
CA ASP K 86 -32.63 22.86 39.07
C ASP K 86 -33.28 23.79 40.06
N ASP K 87 -33.37 25.08 39.71
CA ASP K 87 -33.95 26.11 40.59
C ASP K 87 -35.49 26.08 40.74
N GLY K 88 -36.13 25.08 40.16
CA GLY K 88 -37.59 24.99 40.19
C GLY K 88 -38.30 25.64 39.02
N ALA K 89 -37.60 26.42 38.20
CA ALA K 89 -38.24 27.12 37.08
C ALA K 89 -38.78 26.18 35.97
N GLN K 90 -40.00 26.49 35.53
CA GLN K 90 -40.64 25.83 34.43
C GLN K 90 -40.47 26.65 33.14
N VAL K 91 -39.94 26.00 32.11
CA VAL K 91 -39.51 26.71 30.90
C VAL K 91 -39.81 25.98 29.59
N LEU K 92 -40.52 26.68 28.73
CA LEU K 92 -41.03 26.11 27.49
C LEU K 92 -40.17 26.60 26.36
N LYS K 93 -39.33 25.70 25.85
CA LYS K 93 -38.42 25.95 24.71
C LYS K 93 -39.06 25.53 23.41
N THR K 94 -39.36 26.49 22.53
CA THR K 94 -40.08 26.22 21.28
C THR K 94 -39.38 26.78 20.05
N PHE K 95 -39.70 26.21 18.90
CA PHE K 95 -39.46 26.84 17.63
C PHE K 95 -40.79 26.99 16.92
N TRP K 96 -40.86 27.95 16.00
CA TRP K 96 -42.09 28.25 15.34
C TRP K 96 -41.94 28.57 13.87
N MET K 97 -43.05 28.44 13.16
CA MET K 97 -43.13 28.88 11.76
C MET K 97 -44.32 29.78 11.63
N LEU K 98 -44.16 30.83 10.85
CA LEU K 98 -45.29 31.71 10.55
C LEU K 98 -45.46 31.67 9.02
N ARG K 99 -46.63 31.20 8.61
CA ARG K 99 -47.05 31.12 7.23
C ARG K 99 -47.94 32.31 6.86
N SER K 100 -47.43 33.15 5.99
CA SER K 100 -48.22 34.23 5.37
C SER K 100 -48.98 33.76 4.11
N VAL K 101 -50.06 34.50 3.81
CA VAL K 101 -50.88 34.22 2.65
C VAL K 101 -50.15 34.61 1.40
N ALA K 102 -50.15 33.72 0.41
CA ALA K 102 -49.70 34.09 -0.94
C ALA K 102 -50.89 33.93 -1.91
N ASP K 103 -50.80 34.59 -3.08
CA ASP K 103 -51.83 34.57 -4.14
C ASP K 103 -51.87 33.28 -4.96
N ASN K 104 -50.70 32.70 -5.19
CA ASN K 104 -50.55 31.42 -5.87
C ASN K 104 -49.27 30.71 -5.42
N LEU K 105 -49.14 29.47 -5.86
CA LEU K 105 -48.04 28.61 -5.49
C LEU K 105 -46.68 29.21 -5.86
N ALA K 106 -46.58 29.80 -7.06
CA ALA K 106 -45.29 30.33 -7.54
C ALA K 106 -44.77 31.33 -6.54
N SER K 107 -45.62 32.27 -6.17
CA SER K 107 -45.25 33.39 -5.31
C SER K 107 -45.09 33.01 -3.82
N ALA K 108 -45.27 31.73 -3.49
CA ALA K 108 -45.25 31.29 -2.09
C ALA K 108 -43.84 31.00 -1.55
N TRP K 109 -42.83 31.09 -2.40
CA TRP K 109 -41.46 30.76 -1.98
C TRP K 109 -41.01 31.43 -0.68
N GLY K 110 -41.40 32.68 -0.49
CA GLY K 110 -40.98 33.42 0.67
C GLY K 110 -42.04 33.64 1.73
N SER K 111 -43.03 32.75 1.81
CA SER K 111 -44.15 32.93 2.74
C SER K 111 -44.03 32.27 4.11
N THR K 112 -42.90 31.62 4.38
CA THR K 112 -42.68 30.93 5.66
C THR K 112 -41.49 31.52 6.43
N ARG K 113 -41.76 32.15 7.55
CA ARG K 113 -40.68 32.60 8.47
C ARG K 113 -40.53 31.63 9.59
N MET K 114 -39.44 31.76 10.33
CA MET K 114 -39.27 30.98 11.51
C MET K 114 -38.46 31.67 12.59
N GLY K 115 -38.55 31.08 13.79
CA GLY K 115 -37.71 31.50 14.90
C GLY K 115 -37.87 30.69 16.16
N GLU K 116 -37.31 31.22 17.24
CA GLU K 116 -37.35 30.60 18.58
C GLU K 116 -38.10 31.46 19.60
N ASP K 117 -39.11 30.86 20.26
CA ASP K 117 -39.68 31.41 21.51
C ASP K 117 -39.36 30.61 22.76
N ILE K 118 -38.90 31.32 23.77
CA ILE K 118 -38.64 30.75 25.08
C ILE K 118 -39.72 31.36 25.96
N PHE K 119 -40.55 30.51 26.61
CA PHE K 119 -41.62 30.96 27.51
C PHE K 119 -41.28 30.56 28.96
N PHE K 120 -41.47 31.50 29.90
CA PHE K 120 -41.48 31.19 31.32
C PHE K 120 -42.87 31.39 31.92
N LYS K 121 -43.13 30.72 33.05
CA LYS K 121 -44.42 30.82 33.74
C LYS K 121 -44.56 32.10 34.55
N THR K 122 -45.79 32.60 34.55
CA THR K 122 -46.15 33.87 35.13
C THR K 122 -46.80 33.57 36.47
N SER L 4 -20.91 7.70 -11.73
CA SER L 4 -20.53 7.21 -10.37
C SER L 4 -20.55 8.38 -9.35
N SER L 5 -20.07 9.56 -9.74
CA SER L 5 -20.01 10.74 -8.84
C SER L 5 -21.13 11.79 -9.03
N CYS L 6 -21.38 12.57 -7.98
CA CYS L 6 -22.13 13.83 -8.09
C CYS L 6 -21.08 14.90 -7.95
N ASN L 7 -20.97 15.72 -8.99
CA ASN L 7 -20.02 16.81 -9.08
C ASN L 7 -20.72 18.20 -8.94
N VAL L 8 -20.40 18.88 -7.85
CA VAL L 8 -21.00 20.18 -7.56
C VAL L 8 -20.72 21.22 -8.65
N THR L 9 -19.57 21.11 -9.30
CA THR L 9 -19.19 22.09 -10.29
C THR L 9 -20.14 22.06 -11.46
N GLY L 10 -20.52 23.24 -11.94
CA GLY L 10 -21.39 23.36 -13.12
C GLY L 10 -22.41 24.50 -13.02
N VAL L 11 -23.44 24.39 -13.85
CA VAL L 11 -24.51 25.37 -13.94
C VAL L 11 -25.77 24.61 -13.55
N TRP L 12 -26.44 25.07 -12.51
CA TRP L 12 -27.61 24.38 -12.00
C TRP L 12 -28.80 25.30 -12.14
N ARG L 13 -29.99 24.73 -12.05
CA ARG L 13 -31.21 25.51 -12.10
C ARG L 13 -32.10 24.93 -11.03
N ASN L 14 -32.75 25.80 -10.24
CA ASN L 14 -33.75 25.32 -9.27
C ASN L 14 -35.20 25.45 -9.75
N GLU L 15 -36.13 25.00 -8.93
CA GLU L 15 -37.54 25.00 -9.26
C GLU L 15 -38.19 26.39 -9.47
N LEU L 16 -37.54 27.46 -8.96
CA LEU L 16 -38.00 28.84 -9.14
C LEU L 16 -37.43 29.45 -10.42
N GLY L 17 -36.50 28.76 -11.07
CA GLY L 17 -35.88 29.28 -12.26
C GLY L 17 -34.56 29.96 -12.00
N SER L 18 -34.16 30.12 -10.74
CA SER L 18 -32.85 30.66 -10.40
C SER L 18 -31.73 29.76 -10.97
N THR L 19 -30.57 30.34 -11.28
CA THR L 19 -29.43 29.59 -11.78
C THR L 19 -28.25 29.87 -10.89
N LEU L 20 -27.51 28.81 -10.61
CA LEU L 20 -26.38 28.80 -9.70
C LEU L 20 -25.23 28.40 -10.62
N ARG L 21 -24.20 29.23 -10.69
CA ARG L 21 -22.98 28.95 -11.44
C ARG L 21 -21.88 28.75 -10.39
N VAL L 22 -21.36 27.51 -10.29
CA VAL L 22 -20.43 27.17 -9.20
C VAL L 22 -19.21 26.38 -9.65
N LYS L 23 -18.06 26.78 -9.11
CA LYS L 23 -16.80 26.07 -9.25
C LYS L 23 -16.33 25.65 -7.85
N ALA L 24 -16.11 24.35 -7.70
CA ALA L 24 -15.49 23.74 -6.53
C ALA L 24 -13.97 23.79 -6.66
N GLU L 25 -13.27 24.36 -5.68
CA GLU L 25 -11.82 24.52 -5.73
C GLU L 25 -11.19 23.98 -4.47
N GLY L 26 -10.87 22.69 -4.50
CA GLY L 26 -10.50 21.95 -3.30
C GLY L 26 -11.72 21.73 -2.42
N SER L 27 -11.67 22.28 -1.21
CA SER L 27 -12.77 22.17 -0.29
C SER L 27 -13.73 23.36 -0.38
N GLU L 28 -13.48 24.31 -1.29
CA GLU L 28 -14.25 25.54 -1.34
C GLU L 28 -14.99 25.71 -2.66
N VAL L 29 -16.13 26.38 -2.57
CA VAL L 29 -16.90 26.79 -3.74
C VAL L 29 -16.97 28.32 -3.90
N ARG L 30 -16.98 28.75 -5.15
CA ARG L 30 -17.18 30.12 -5.52
C ARG L 30 -18.06 30.06 -6.74
N GLY L 31 -18.63 31.20 -7.10
CA GLY L 31 -19.41 31.30 -8.31
C GLY L 31 -20.39 32.43 -8.25
N VAL L 32 -21.43 32.33 -9.08
CA VAL L 32 -22.47 33.35 -9.21
C VAL L 32 -23.85 32.72 -9.11
N TYR L 33 -24.71 33.42 -8.37
CA TYR L 33 -26.08 33.02 -8.21
C TYR L 33 -26.96 34.08 -8.86
N GLN L 34 -27.94 33.62 -9.64
CA GLN L 34 -28.89 34.56 -10.23
C GLN L 34 -30.23 34.11 -9.78
N THR L 35 -30.86 34.85 -8.87
CA THR L 35 -32.23 34.52 -8.42
C THR L 35 -33.30 35.07 -9.38
N ALA L 36 -34.36 34.29 -9.52
CA ALA L 36 -35.47 34.65 -10.38
C ALA L 36 -36.55 35.35 -9.57
N VAL L 37 -36.40 35.36 -8.25
CA VAL L 37 -37.34 36.01 -7.36
C VAL L 37 -36.63 36.92 -6.36
N GLU L 38 -37.36 37.87 -5.80
CA GLU L 38 -36.81 38.62 -4.69
C GLU L 38 -37.92 39.10 -3.80
N SER L 39 -37.60 39.23 -2.51
CA SER L 39 -38.53 39.68 -1.48
C SER L 39 -39.22 40.98 -1.85
N THR L 40 -38.47 41.87 -2.48
CA THR L 40 -38.88 43.21 -2.66
C THR L 40 -38.05 43.76 -3.80
N ARG L 41 -38.69 44.56 -4.68
CA ARG L 41 -38.02 45.09 -5.88
C ARG L 41 -36.69 45.65 -5.48
N GLY L 42 -35.66 45.28 -6.26
CA GLY L 42 -34.29 45.71 -5.98
C GLY L 42 -33.53 44.94 -4.89
N ALA L 43 -34.23 44.23 -4.00
CA ALA L 43 -33.53 43.50 -2.94
C ALA L 43 -32.28 42.80 -3.46
N ALA L 44 -32.38 42.13 -4.61
CA ALA L 44 -31.28 41.35 -5.16
C ALA L 44 -30.41 42.11 -6.13
N GLY L 45 -30.71 43.37 -6.37
CA GLY L 45 -29.80 44.24 -7.10
C GLY L 45 -29.69 43.96 -8.59
N HIS L 46 -28.52 44.29 -9.15
CA HIS L 46 -28.31 44.35 -10.58
C HIS L 46 -28.38 42.98 -11.22
N HIS L 47 -29.36 42.85 -12.13
CA HIS L 47 -29.65 41.58 -12.80
C HIS L 47 -29.89 40.48 -11.80
N ARG L 48 -30.34 40.86 -10.60
CA ARG L 48 -30.58 39.93 -9.51
C ARG L 48 -29.44 38.93 -9.27
N SER L 49 -28.20 39.39 -9.37
CA SER L 49 -27.00 38.53 -9.33
C SER L 49 -26.01 38.92 -8.25
N ALA L 50 -25.31 37.93 -7.69
CA ALA L 50 -24.37 38.17 -6.63
C ALA L 50 -23.43 36.98 -6.50
N ARG L 51 -22.28 37.21 -5.88
CA ARG L 51 -21.31 36.15 -5.70
C ARG L 51 -21.77 35.16 -4.63
N ILE L 52 -21.36 33.90 -4.77
CA ILE L 52 -21.54 32.91 -3.73
C ILE L 52 -20.19 32.60 -3.11
N ILE L 53 -20.20 32.14 -1.88
CA ILE L 53 -18.98 31.61 -1.25
C ILE L 53 -19.34 30.42 -0.37
N GLY L 54 -18.52 29.37 -0.34
CA GLY L 54 -18.85 28.23 0.52
C GLY L 54 -17.84 27.10 0.60
N MET L 55 -18.29 25.98 1.19
CA MET L 55 -17.51 24.75 1.38
C MET L 55 -18.18 23.57 0.70
N VAL L 56 -17.36 22.61 0.26
CA VAL L 56 -17.83 21.38 -0.37
C VAL L 56 -17.01 20.19 0.14
N SER L 57 -17.66 19.12 0.55
CA SER L 57 -16.96 17.97 1.07
C SER L 57 -16.41 17.12 -0.10
N ASP L 58 -15.70 16.06 0.23
CA ASP L 58 -15.27 15.10 -0.78
C ASP L 58 -16.26 13.95 -0.82
N GLY L 59 -15.92 12.92 -1.58
CA GLY L 59 -16.76 11.73 -1.71
C GLY L 59 -17.62 11.70 -2.95
N THR L 60 -18.42 10.67 -3.06
CA THR L 60 -19.22 10.41 -4.23
C THR L 60 -20.49 11.30 -4.29
N GLN L 61 -20.98 11.68 -3.12
CA GLN L 61 -22.20 12.45 -2.99
C GLN L 61 -22.00 13.55 -1.97
N PRO L 62 -21.18 14.55 -2.31
CA PRO L 62 -20.72 15.52 -1.31
C PRO L 62 -21.74 16.54 -0.77
N THR L 63 -21.43 17.05 0.40
CA THR L 63 -22.29 18.01 1.02
C THR L 63 -21.77 19.35 0.56
N VAL L 64 -22.67 20.33 0.56
CA VAL L 64 -22.30 21.68 0.23
C VAL L 64 -22.97 22.63 1.18
N SER L 65 -22.25 23.68 1.54
CA SER L 65 -22.83 24.81 2.23
C SER L 65 -22.32 26.04 1.54
N PHE L 66 -23.15 27.06 1.36
CA PHE L 66 -22.71 28.31 0.76
C PHE L 66 -23.58 29.50 1.13
N SER L 67 -23.04 30.70 0.88
CA SER L 67 -23.64 31.96 1.31
C SER L 67 -23.69 32.98 0.16
N VAL L 68 -24.75 33.79 0.15
CA VAL L 68 -24.85 34.92 -0.73
C VAL L 68 -25.24 36.17 0.06
N LEU L 69 -24.45 37.23 -0.14
CA LEU L 69 -24.77 38.59 0.26
C LEU L 69 -25.41 39.33 -0.94
N TRP L 70 -26.62 39.82 -0.72
CA TRP L 70 -27.37 40.57 -1.70
C TRP L 70 -27.06 42.07 -1.63
N GLU L 71 -27.39 42.75 -2.71
CA GLU L 71 -27.07 44.17 -2.86
C GLU L 71 -27.58 45.11 -1.79
N LYS L 72 -28.79 44.88 -1.30
CA LYS L 72 -29.36 45.77 -0.30
C LYS L 72 -29.12 45.28 1.12
N GLY L 73 -28.29 44.26 1.31
CA GLY L 73 -27.93 43.87 2.67
C GLY L 73 -28.51 42.58 3.23
N SER L 74 -29.58 42.07 2.64
CA SER L 74 -30.07 40.74 3.06
C SER L 74 -28.98 39.68 2.70
N CYS L 75 -29.06 38.51 3.33
N CYS L 75 -29.02 38.53 3.38
CA CYS L 75 -28.14 37.43 3.00
CA CYS L 75 -28.12 37.42 3.11
C CYS L 75 -28.82 36.07 3.10
C CYS L 75 -28.91 36.12 3.02
N SER L 76 -28.46 35.19 2.18
CA SER L 76 -29.06 33.86 2.09
C SER L 76 -27.99 32.81 2.42
N ALA L 77 -28.41 31.65 2.92
CA ALA L 77 -27.48 30.53 3.08
C ALA L 77 -28.16 29.22 2.74
N TRP L 78 -27.44 28.34 2.06
CA TRP L 78 -27.94 27.01 1.75
C TRP L 78 -27.04 25.93 2.32
N VAL L 79 -27.66 24.84 2.80
CA VAL L 79 -26.93 23.61 3.13
C VAL L 79 -27.56 22.47 2.33
N GLY L 80 -26.72 21.61 1.77
CA GLY L 80 -27.26 20.47 1.03
C GLY L 80 -26.34 19.31 0.73
N GLN L 81 -26.89 18.40 -0.06
CA GLN L 81 -26.13 17.31 -0.61
C GLN L 81 -26.40 17.07 -2.09
N CYS L 82 -25.31 16.71 -2.75
CA CYS L 82 -25.30 16.32 -4.16
C CYS L 82 -25.54 14.81 -4.23
N PHE L 83 -26.75 14.39 -4.63
CA PHE L 83 -27.12 13.00 -4.92
C PHE L 83 -27.11 12.62 -6.40
N ILE L 84 -26.65 11.39 -6.69
CA ILE L 84 -26.87 10.77 -8.00
C ILE L 84 -28.15 9.96 -7.87
N LEU L 85 -29.15 10.26 -8.70
CA LEU L 85 -30.37 9.51 -8.66
C LEU L 85 -30.24 8.20 -9.42
N ASP L 86 -31.28 7.38 -9.34
CA ASP L 86 -31.31 6.08 -10.03
C ASP L 86 -31.26 6.26 -11.55
N ASP L 87 -31.94 7.29 -12.03
CA ASP L 87 -31.98 7.62 -13.44
C ASP L 87 -30.72 8.28 -13.99
N GLY L 88 -29.72 8.52 -13.13
CA GLY L 88 -28.45 9.13 -13.54
C GLY L 88 -28.36 10.62 -13.30
N ALA L 89 -29.48 11.24 -12.88
CA ALA L 89 -29.47 12.68 -12.61
C ALA L 89 -28.65 13.01 -11.37
N GLN L 90 -27.91 14.10 -11.48
CA GLN L 90 -27.23 14.71 -10.39
C GLN L 90 -28.13 15.83 -9.81
N VAL L 91 -28.38 15.77 -8.51
CA VAL L 91 -29.29 16.70 -7.83
C VAL L 91 -28.64 17.27 -6.56
N LEU L 92 -28.78 18.58 -6.40
CA LEU L 92 -28.32 19.28 -5.24
C LEU L 92 -29.58 19.45 -4.44
N LYS L 93 -29.67 18.76 -3.29
CA LYS L 93 -30.83 18.90 -2.37
C LYS L 93 -30.53 19.88 -1.23
N THR L 94 -31.19 21.02 -1.20
CA THR L 94 -30.82 22.05 -0.22
C THR L 94 -31.97 22.54 0.59
N PHE L 95 -31.63 23.02 1.78
CA PHE L 95 -32.42 23.89 2.58
C PHE L 95 -31.75 25.26 2.71
N TRP L 96 -32.55 26.33 2.81
CA TRP L 96 -32.01 27.68 2.81
C TRP L 96 -32.64 28.62 3.81
N MET L 97 -31.87 29.60 4.24
CA MET L 97 -32.40 30.71 5.04
C MET L 97 -32.11 32.00 4.32
N LEU L 98 -33.08 32.90 4.41
CA LEU L 98 -32.94 34.25 3.91
C LEU L 98 -33.11 35.21 5.07
N ARG L 99 -32.09 36.00 5.35
CA ARG L 99 -32.14 37.00 6.42
C ARG L 99 -32.32 38.43 5.87
N SER L 100 -33.41 39.09 6.24
CA SER L 100 -33.57 40.54 5.90
C SER L 100 -33.09 41.42 7.04
N VAL L 101 -32.76 42.63 6.64
CA VAL L 101 -32.18 43.66 7.46
C VAL L 101 -33.23 44.13 8.46
N ALA L 102 -32.83 44.20 9.73
CA ALA L 102 -33.67 44.74 10.79
C ALA L 102 -32.94 45.97 11.35
N ASP L 103 -33.71 46.88 11.98
CA ASP L 103 -33.17 48.13 12.53
C ASP L 103 -32.62 48.00 13.96
N ASN L 104 -33.06 46.97 14.66
CA ASN L 104 -32.58 46.70 16.01
C ASN L 104 -33.03 45.31 16.37
N LEU L 105 -32.46 44.73 17.44
CA LEU L 105 -32.75 43.35 17.78
C LEU L 105 -34.25 43.07 18.00
N ALA L 106 -34.93 43.90 18.80
CA ALA L 106 -36.37 43.70 19.06
C ALA L 106 -37.24 43.63 17.79
N SER L 107 -36.82 44.29 16.74
CA SER L 107 -37.64 44.30 15.55
C SER L 107 -37.25 43.16 14.57
N ALA L 108 -36.28 42.34 14.97
CA ALA L 108 -35.70 41.29 14.14
C ALA L 108 -36.41 39.92 14.28
N TRP L 109 -37.38 39.84 15.20
CA TRP L 109 -38.14 38.58 15.42
C TRP L 109 -38.63 37.89 14.13
N GLY L 110 -38.95 38.68 13.13
CA GLY L 110 -39.61 38.20 11.90
C GLY L 110 -38.71 38.31 10.70
N SER L 111 -37.40 38.44 10.93
CA SER L 111 -36.44 38.74 9.85
C SER L 111 -35.82 37.53 9.08
N THR L 112 -36.29 36.31 9.33
CA THR L 112 -35.66 35.11 8.80
C THR L 112 -36.67 34.19 8.10
N ARG L 113 -36.47 33.97 6.80
CA ARG L 113 -37.30 33.03 6.04
C ARG L 113 -36.59 31.72 5.72
N MET L 114 -37.37 30.69 5.46
CA MET L 114 -36.79 29.40 5.10
C MET L 114 -37.53 28.66 4.02
N GLY L 115 -36.84 27.65 3.50
CA GLY L 115 -37.31 26.90 2.37
C GLY L 115 -36.34 25.85 1.87
N GLU L 116 -36.74 25.21 0.78
CA GLU L 116 -36.03 24.13 0.15
C GLU L 116 -35.89 24.48 -1.33
N ASP L 117 -34.66 24.45 -1.84
CA ASP L 117 -34.38 24.53 -3.24
C ASP L 117 -33.80 23.16 -3.68
N ILE L 118 -34.23 22.70 -4.86
CA ILE L 118 -33.70 21.51 -5.51
C ILE L 118 -33.09 21.98 -6.82
N PHE L 119 -31.79 21.75 -6.99
CA PHE L 119 -31.10 22.18 -8.18
C PHE L 119 -30.88 20.98 -9.13
N PHE L 120 -31.21 21.14 -10.42
CA PHE L 120 -30.88 20.15 -11.47
C PHE L 120 -29.87 20.83 -12.41
N LYS L 121 -28.90 20.10 -12.94
CA LYS L 121 -27.96 20.64 -13.96
C LYS L 121 -28.59 21.01 -15.33
N THR L 122 -28.18 22.14 -15.91
CA THR L 122 -28.62 22.63 -17.23
C THR L 122 -27.40 22.96 -18.06
N GLY L 123 -27.32 22.41 -19.28
CA GLY L 123 -26.22 22.69 -20.21
C GLY L 123 -25.47 21.43 -20.60
N VAL L 124 -24.19 21.60 -20.95
CA VAL L 124 -23.35 20.44 -21.31
C VAL L 124 -22.78 19.78 -20.05
N SER M 4 -11.21 -11.16 -45.17
CA SER M 4 -11.02 -9.67 -45.05
C SER M 4 -11.08 -9.13 -43.61
N SER M 5 -10.68 -9.94 -42.63
CA SER M 5 -10.75 -9.55 -41.22
C SER M 5 -9.49 -9.97 -40.45
N CYS M 6 -8.89 -9.02 -39.72
CA CYS M 6 -7.67 -9.30 -38.98
C CYS M 6 -7.99 -9.48 -37.52
N ASN M 7 -7.63 -10.66 -37.00
CA ASN M 7 -8.09 -11.14 -35.73
C ASN M 7 -6.93 -11.34 -34.75
N VAL M 8 -6.88 -10.45 -33.76
CA VAL M 8 -5.81 -10.42 -32.77
C VAL M 8 -5.77 -11.64 -31.86
N THR M 9 -6.93 -12.25 -31.64
CA THR M 9 -6.99 -13.48 -30.86
C THR M 9 -6.28 -14.61 -31.62
N GLY M 10 -5.28 -15.21 -30.99
CA GLY M 10 -4.58 -16.33 -31.59
C GLY M 10 -3.26 -16.58 -30.91
N VAL M 11 -2.38 -17.26 -31.63
CA VAL M 11 -0.99 -17.41 -31.26
C VAL M 11 -0.17 -16.79 -32.39
N TRP M 12 0.90 -16.10 -31.97
CA TRP M 12 1.69 -15.25 -32.83
C TRP M 12 3.15 -15.45 -32.51
N ARG M 13 4.01 -15.44 -33.53
CA ARG M 13 5.47 -15.50 -33.35
C ARG M 13 6.05 -14.26 -34.03
N ASN M 14 7.22 -13.78 -33.58
CA ASN M 14 7.83 -12.59 -34.15
C ASN M 14 9.23 -12.79 -34.70
N GLU M 15 9.69 -11.80 -35.43
CA GLU M 15 11.02 -11.82 -36.04
C GLU M 15 12.18 -12.21 -35.10
N LEU M 16 11.97 -12.14 -33.78
CA LEU M 16 13.00 -12.59 -32.81
C LEU M 16 12.79 -14.02 -32.35
N GLY M 17 11.66 -14.62 -32.70
CA GLY M 17 11.36 -15.96 -32.25
C GLY M 17 10.50 -15.95 -31.01
N SER M 18 10.21 -14.77 -30.46
CA SER M 18 9.28 -14.66 -29.32
C SER M 18 7.86 -15.02 -29.71
N THR M 19 7.05 -15.34 -28.70
CA THR M 19 5.65 -15.81 -28.92
C THR M 19 4.65 -14.98 -28.10
N LEU M 20 3.45 -14.82 -28.63
CA LEU M 20 2.45 -13.98 -27.98
C LEU M 20 1.09 -14.65 -28.15
N ARG M 21 0.50 -15.02 -27.01
CA ARG M 21 -0.78 -15.75 -26.98
C ARG M 21 -1.83 -14.79 -26.44
N VAL M 22 -2.80 -14.44 -27.28
CA VAL M 22 -3.73 -13.37 -26.99
C VAL M 22 -5.18 -13.79 -27.05
N LYS M 23 -5.96 -13.22 -26.13
CA LYS M 23 -7.41 -13.43 -26.12
C LYS M 23 -8.13 -12.09 -25.99
N ALA M 24 -8.75 -11.66 -27.07
CA ALA M 24 -9.45 -10.41 -27.10
C ALA M 24 -10.84 -10.55 -26.50
N GLU M 25 -11.12 -9.82 -25.42
CA GLU M 25 -12.45 -9.83 -24.77
C GLU M 25 -13.44 -8.94 -25.54
N GLY M 26 -13.86 -7.82 -24.96
CA GLY M 26 -14.68 -6.84 -25.67
C GLY M 26 -13.69 -5.89 -26.32
N SER M 27 -13.35 -4.82 -25.61
CA SER M 27 -12.26 -3.92 -26.02
C SER M 27 -10.94 -4.22 -25.30
N GLU M 28 -10.83 -5.38 -24.65
CA GLU M 28 -9.68 -5.70 -23.79
C GLU M 28 -8.97 -6.91 -24.30
N VAL M 29 -7.66 -7.01 -23.99
CA VAL M 29 -6.85 -8.19 -24.31
C VAL M 29 -6.03 -8.67 -23.12
N ARG M 30 -6.02 -9.99 -22.92
CA ARG M 30 -5.13 -10.63 -21.95
C ARG M 30 -4.42 -11.74 -22.68
N GLY M 31 -3.46 -12.38 -22.02
CA GLY M 31 -2.69 -13.46 -22.64
C GLY M 31 -1.32 -13.66 -22.04
N VAL M 32 -0.39 -14.21 -22.81
CA VAL M 32 0.94 -14.54 -22.31
C VAL M 32 2.00 -14.23 -23.39
N TYR M 33 3.20 -13.85 -22.95
CA TYR M 33 4.27 -13.48 -23.85
C TYR M 33 5.51 -14.18 -23.44
N GLN M 34 6.11 -14.91 -24.36
CA GLN M 34 7.37 -15.52 -24.07
C GLN M 34 8.42 -14.95 -25.02
N THR M 35 9.42 -14.30 -24.45
CA THR M 35 10.43 -13.63 -25.25
C THR M 35 11.67 -14.50 -25.42
N ALA M 36 12.19 -14.59 -26.66
CA ALA M 36 13.41 -15.37 -26.96
C ALA M 36 14.69 -14.66 -26.57
N VAL M 37 14.58 -13.40 -26.12
CA VAL M 37 15.74 -12.56 -25.74
C VAL M 37 15.49 -11.87 -24.41
N GLU M 38 16.61 -11.46 -23.80
CA GLU M 38 16.63 -10.82 -22.49
C GLU M 38 17.75 -9.84 -22.49
N SER M 39 17.47 -8.63 -21.97
CA SER M 39 18.48 -7.59 -21.76
C SER M 39 19.63 -8.11 -20.92
N THR M 40 19.27 -8.92 -19.94
CA THR M 40 20.25 -9.45 -19.04
C THR M 40 19.79 -10.80 -18.46
N ARG M 41 20.76 -11.64 -18.11
CA ARG M 41 20.49 -12.99 -17.59
C ARG M 41 19.35 -12.93 -16.58
N GLY M 42 18.25 -13.60 -16.84
CA GLY M 42 17.14 -13.67 -15.89
C GLY M 42 16.09 -12.56 -15.92
N ALA M 43 16.36 -11.45 -16.62
CA ALA M 43 15.44 -10.28 -16.66
C ALA M 43 13.95 -10.64 -16.73
N ALA M 44 13.60 -11.47 -17.71
CA ALA M 44 12.24 -12.03 -17.85
C ALA M 44 12.04 -13.36 -17.13
N GLY M 45 12.87 -13.64 -16.13
CA GLY M 45 12.66 -14.76 -15.24
C GLY M 45 12.65 -16.13 -15.90
N HIS M 46 12.02 -17.09 -15.21
CA HIS M 46 11.96 -18.47 -15.65
C HIS M 46 10.86 -18.63 -16.71
N HIS M 47 11.21 -19.41 -17.74
CA HIS M 47 10.37 -19.56 -18.95
C HIS M 47 10.19 -18.24 -19.72
N ARG M 48 10.88 -17.18 -19.27
CA ARG M 48 10.92 -15.88 -19.92
C ARG M 48 9.52 -15.46 -20.36
N SER M 49 8.56 -15.64 -19.47
CA SER M 49 7.18 -15.45 -19.80
C SER M 49 6.49 -14.56 -18.76
N ALA M 50 5.47 -13.85 -19.19
CA ALA M 50 4.71 -13.00 -18.29
C ALA M 50 3.38 -12.66 -18.94
N ARG M 51 2.41 -12.26 -18.12
CA ARG M 51 1.08 -11.94 -18.63
C ARG M 51 1.08 -10.59 -19.37
N ILE M 52 0.09 -10.42 -20.23
CA ILE M 52 -0.02 -9.19 -20.96
C ILE M 52 -1.33 -8.60 -20.57
N ILE M 53 -1.49 -7.30 -20.76
CA ILE M 53 -2.80 -6.70 -20.57
C ILE M 53 -2.90 -5.52 -21.52
N GLY M 54 -4.07 -5.29 -22.10
CA GLY M 54 -4.21 -4.15 -23.02
C GLY M 54 -5.56 -3.92 -23.67
N MET M 55 -5.54 -3.29 -24.83
CA MET M 55 -6.77 -2.92 -25.56
C MET M 55 -6.69 -3.24 -27.05
N VAL M 56 -7.86 -3.47 -27.67
CA VAL M 56 -7.98 -3.70 -29.11
C VAL M 56 -9.22 -3.01 -29.58
N SER M 57 -9.17 -2.54 -30.81
CA SER M 57 -10.22 -1.73 -31.34
C SER M 57 -11.14 -2.61 -32.12
N ASP M 58 -12.12 -1.98 -32.76
CA ASP M 58 -13.02 -2.63 -33.70
C ASP M 58 -12.59 -2.37 -35.14
N GLY M 59 -13.44 -2.71 -36.10
CA GLY M 59 -13.07 -2.63 -37.52
C GLY M 59 -12.39 -3.89 -38.03
N THR M 60 -11.99 -3.85 -39.29
CA THR M 60 -11.48 -5.05 -39.96
C THR M 60 -9.96 -5.25 -39.76
N GLN M 61 -9.30 -4.15 -39.39
CA GLN M 61 -7.87 -4.11 -39.12
C GLN M 61 -7.63 -3.32 -37.80
N PRO M 62 -7.87 -3.96 -36.67
CA PRO M 62 -7.92 -3.18 -35.45
C PRO M 62 -6.56 -2.75 -34.95
N THR M 63 -6.53 -1.68 -34.16
CA THR M 63 -5.29 -1.23 -33.53
C THR M 63 -5.21 -1.90 -32.21
N VAL M 64 -4.00 -2.26 -31.78
CA VAL M 64 -3.80 -2.91 -30.50
C VAL M 64 -2.80 -2.15 -29.66
N SER M 65 -2.86 -2.41 -28.35
CA SER M 65 -1.98 -1.78 -27.36
C SER M 65 -1.86 -2.69 -26.16
N PHE M 66 -0.66 -3.05 -25.74
CA PHE M 66 -0.53 -3.97 -24.60
C PHE M 66 0.73 -3.85 -23.78
N SER M 67 0.66 -4.41 -22.57
CA SER M 67 1.73 -4.26 -21.59
C SER M 67 2.13 -5.55 -20.96
N VAL M 68 3.41 -5.61 -20.61
CA VAL M 68 4.01 -6.72 -19.95
C VAL M 68 4.90 -6.21 -18.84
N LEU M 69 4.64 -6.68 -17.63
CA LEU M 69 5.57 -6.45 -16.54
C LEU M 69 6.41 -7.70 -16.36
N TRP M 70 7.73 -7.56 -16.37
CA TRP M 70 8.68 -8.69 -16.30
C TRP M 70 9.15 -8.91 -14.86
N GLU M 71 9.63 -10.13 -14.60
CA GLU M 71 10.00 -10.54 -13.24
C GLU M 71 10.96 -9.60 -12.51
N LYS M 72 12.06 -9.15 -13.13
CA LYS M 72 12.99 -8.23 -12.46
C LYS M 72 12.53 -6.75 -12.44
N GLY M 73 11.28 -6.49 -12.80
CA GLY M 73 10.65 -5.16 -12.67
C GLY M 73 10.77 -4.17 -13.83
N SER M 74 11.39 -4.60 -14.94
CA SER M 74 11.41 -3.84 -16.18
C SER M 74 10.06 -4.05 -16.80
N CYS M 75 9.70 -3.18 -17.74
CA CYS M 75 8.40 -3.28 -18.39
CA CYS M 75 8.37 -3.14 -18.35
C CYS M 75 8.46 -2.88 -19.85
N SER M 76 7.58 -3.50 -20.61
CA SER M 76 7.52 -3.32 -22.03
C SER M 76 6.13 -2.83 -22.44
N ALA M 77 6.02 -2.15 -23.56
CA ALA M 77 4.69 -1.86 -24.10
C ALA M 77 4.70 -1.86 -25.64
N TRP M 78 3.60 -2.32 -26.26
CA TRP M 78 3.51 -2.39 -27.71
C TRP M 78 2.29 -1.61 -28.15
N VAL M 79 2.42 -0.82 -29.23
CA VAL M 79 1.29 -0.34 -29.99
C VAL M 79 1.36 -0.90 -31.42
N GLY M 80 0.22 -1.12 -32.03
CA GLY M 80 0.23 -1.62 -33.39
C GLY M 80 -1.11 -1.76 -34.06
N GLN M 81 -1.09 -2.37 -35.22
CA GLN M 81 -2.29 -2.56 -36.01
C GLN M 81 -2.24 -3.93 -36.69
N CYS M 82 -3.33 -4.69 -36.57
CA CYS M 82 -3.51 -6.00 -37.23
C CYS M 82 -3.87 -5.76 -38.70
N PHE M 83 -2.95 -6.08 -39.62
CA PHE M 83 -3.22 -5.87 -41.05
C PHE M 83 -3.55 -7.19 -41.74
N ILE M 84 -4.38 -7.14 -42.79
CA ILE M 84 -4.55 -8.30 -43.71
C ILE M 84 -3.76 -8.00 -44.94
N LEU M 85 -2.78 -8.83 -45.27
CA LEU M 85 -1.99 -8.63 -46.47
C LEU M 85 -2.72 -9.04 -47.76
N ASP M 86 -2.09 -8.73 -48.89
CA ASP M 86 -2.66 -9.07 -50.19
C ASP M 86 -2.73 -10.57 -50.35
N ASP M 87 -1.74 -11.27 -49.79
CA ASP M 87 -1.69 -12.73 -49.87
C ASP M 87 -2.57 -13.50 -48.86
N GLY M 88 -3.40 -12.81 -48.09
CA GLY M 88 -4.20 -13.42 -47.05
C GLY M 88 -3.59 -13.40 -45.65
N ALA M 89 -2.30 -13.11 -45.52
CA ALA M 89 -1.66 -13.20 -44.20
C ALA M 89 -2.18 -12.18 -43.18
N GLN M 90 -2.33 -12.65 -41.96
CA GLN M 90 -2.71 -11.80 -40.88
C GLN M 90 -1.47 -11.42 -40.11
N VAL M 91 -1.30 -10.11 -39.90
CA VAL M 91 -0.05 -9.53 -39.43
C VAL M 91 -0.19 -8.41 -38.39
N LEU M 92 0.61 -8.51 -37.34
CA LEU M 92 0.60 -7.51 -36.28
C LEU M 92 1.85 -6.61 -36.37
N LYS M 93 1.68 -5.42 -36.90
CA LYS M 93 2.75 -4.47 -37.01
C LYS M 93 2.76 -3.63 -35.72
N THR M 94 3.90 -3.63 -35.02
CA THR M 94 4.03 -2.96 -33.73
C THR M 94 5.36 -2.26 -33.58
N PHE M 95 5.38 -1.28 -32.68
CA PHE M 95 6.59 -0.74 -32.06
C PHE M 95 6.48 -0.94 -30.59
N TRP M 96 7.62 -1.09 -29.95
CA TRP M 96 7.61 -1.30 -28.54
C TRP M 96 8.58 -0.42 -27.83
N MET M 97 8.30 -0.17 -26.55
CA MET M 97 9.28 0.39 -25.63
C MET M 97 9.55 -0.59 -24.52
N LEU M 98 10.84 -0.68 -24.16
CA LEU M 98 11.29 -1.44 -23.00
C LEU M 98 11.92 -0.49 -22.00
N ARG M 99 11.38 -0.51 -20.80
CA ARG M 99 11.80 0.35 -19.74
C ARG M 99 12.46 -0.47 -18.66
N SER M 100 13.73 -0.10 -18.37
CA SER M 100 14.50 -0.68 -17.27
C SER M 100 14.40 0.18 -16.02
N VAL M 101 14.53 -0.51 -14.88
CA VAL M 101 14.49 0.09 -13.54
C VAL M 101 15.71 0.99 -13.33
N ALA M 102 15.50 2.16 -12.77
CA ALA M 102 16.64 3.04 -12.50
C ALA M 102 16.63 3.34 -11.03
N ASP M 103 17.79 3.66 -10.48
CA ASP M 103 17.89 4.07 -9.07
C ASP M 103 17.19 5.39 -8.79
N ASN M 104 17.20 6.30 -9.76
CA ASN M 104 16.64 7.66 -9.57
C ASN M 104 16.49 8.41 -10.88
N LEU M 105 15.78 9.53 -10.85
CA LEU M 105 15.40 10.24 -12.09
C LEU M 105 16.63 10.64 -12.91
N ALA M 106 17.51 11.42 -12.32
CA ALA M 106 18.75 11.81 -12.99
C ALA M 106 19.46 10.64 -13.69
N SER M 107 19.41 9.43 -13.12
CA SER M 107 20.16 8.31 -13.66
C SER M 107 19.28 7.42 -14.58
N ALA M 108 18.08 7.90 -14.91
CA ALA M 108 17.15 7.18 -15.76
C ALA M 108 17.14 7.64 -17.22
N TRP M 109 17.96 8.63 -17.57
CA TRP M 109 18.01 9.16 -18.94
C TRP M 109 18.20 8.08 -20.07
N GLY M 110 18.76 6.92 -19.70
CA GLY M 110 19.19 5.90 -20.65
C GLY M 110 18.42 4.62 -20.46
N SER M 111 17.39 4.73 -19.63
CA SER M 111 16.53 3.61 -19.30
C SER M 111 15.40 3.23 -20.31
N THR M 112 15.23 3.96 -21.43
CA THR M 112 14.17 3.54 -22.41
C THR M 112 14.63 3.17 -23.83
N ARG M 113 14.39 1.92 -24.16
CA ARG M 113 14.79 1.35 -25.44
C ARG M 113 13.56 1.23 -26.29
N MET M 114 13.73 1.26 -27.60
CA MET M 114 12.60 0.93 -28.47
C MET M 114 12.96 0.04 -29.63
N GLY M 115 11.92 -0.34 -30.36
CA GLY M 115 12.07 -1.16 -31.55
C GLY M 115 10.75 -1.53 -32.19
N GLU M 116 10.86 -2.33 -33.24
CA GLU M 116 9.71 -2.79 -33.97
C GLU M 116 9.64 -4.29 -33.91
N ASP M 117 8.46 -4.81 -33.63
CA ASP M 117 8.15 -6.24 -33.73
C ASP M 117 7.05 -6.50 -34.78
N ILE M 118 7.32 -7.49 -35.61
CA ILE M 118 6.37 -7.91 -36.60
C ILE M 118 5.97 -9.31 -36.23
N PHE M 119 4.69 -9.54 -36.00
CA PHE M 119 4.18 -10.83 -35.55
C PHE M 119 3.40 -11.52 -36.68
N PHE M 120 3.57 -12.81 -36.83
CA PHE M 120 2.71 -13.59 -37.76
C PHE M 120 2.08 -14.78 -37.06
N LYS M 121 0.91 -15.20 -37.52
CA LYS M 121 0.24 -16.36 -36.90
C LYS M 121 0.93 -17.71 -37.12
N THR M 122 0.67 -18.63 -36.19
CA THR M 122 1.22 -19.98 -36.27
C THR M 122 0.40 -20.91 -35.34
N GLY M 123 -0.28 -21.90 -35.93
CA GLY M 123 -1.18 -22.78 -35.17
C GLY M 123 -2.37 -23.18 -36.01
N SER N 5 13.30 36.06 -33.68
CA SER N 5 13.65 34.78 -34.36
C SER N 5 14.63 33.89 -33.54
N CYS N 6 14.37 32.57 -33.55
CA CYS N 6 15.25 31.57 -32.88
C CYS N 6 16.41 31.27 -33.81
N ASN N 7 17.63 31.47 -33.33
CA ASN N 7 18.81 31.14 -34.10
C ASN N 7 19.63 30.09 -33.36
N VAL N 8 20.04 29.07 -34.12
CA VAL N 8 20.61 27.85 -33.58
C VAL N 8 22.06 27.99 -33.12
N THR N 9 22.75 28.98 -33.68
CA THR N 9 24.17 29.20 -33.40
C THR N 9 24.40 29.68 -31.99
N GLY N 10 25.33 29.04 -31.29
CA GLY N 10 25.67 29.39 -29.92
C GLY N 10 26.04 28.22 -29.04
N VAL N 11 25.98 28.47 -27.73
CA VAL N 11 26.26 27.49 -26.67
C VAL N 11 24.96 27.18 -25.98
N TRP N 12 24.64 25.89 -25.93
CA TRP N 12 23.39 25.38 -25.40
C TRP N 12 23.64 24.39 -24.27
N ARG N 13 22.75 24.41 -23.29
CA ARG N 13 22.82 23.49 -22.20
C ARG N 13 21.50 22.72 -22.11
N ASN N 14 21.58 21.43 -21.76
CA ASN N 14 20.39 20.66 -21.45
C ASN N 14 20.25 20.23 -19.99
N GLU N 15 19.11 19.60 -19.75
CA GLU N 15 18.63 19.21 -18.44
C GLU N 15 19.53 18.18 -17.75
N LEU N 16 20.36 17.46 -18.50
CA LEU N 16 21.37 16.54 -17.94
C LEU N 16 22.66 17.26 -17.62
N GLY N 17 22.77 18.46 -18.19
CA GLY N 17 23.92 19.31 -17.99
C GLY N 17 24.96 19.10 -19.06
N SER N 18 24.52 18.64 -20.22
CA SER N 18 25.41 18.48 -21.35
C SER N 18 25.48 19.81 -22.09
N THR N 19 26.60 20.02 -22.76
CA THR N 19 26.82 21.25 -23.46
C THR N 19 26.93 20.99 -24.94
N LEU N 20 26.25 21.83 -25.70
CA LEU N 20 26.20 21.73 -27.12
C LEU N 20 26.74 23.05 -27.65
N ARG N 21 27.87 23.00 -28.35
CA ARG N 21 28.37 24.14 -29.09
C ARG N 21 28.17 24.00 -30.64
N VAL N 22 27.30 24.85 -31.18
CA VAL N 22 26.82 24.84 -32.56
C VAL N 22 27.19 26.12 -33.31
N LYS N 23 27.81 25.98 -34.47
CA LYS N 23 27.91 27.06 -35.46
C LYS N 23 27.13 26.62 -36.70
N ALA N 24 25.96 27.22 -36.93
CA ALA N 24 25.17 26.94 -38.13
C ALA N 24 25.71 27.83 -39.22
N GLU N 25 25.44 27.47 -40.47
CA GLU N 25 26.16 28.08 -41.58
C GLU N 25 25.38 28.12 -42.88
N GLY N 26 25.44 27.10 -43.72
CA GLY N 26 24.76 27.21 -45.01
C GLY N 26 23.33 26.84 -44.76
N SER N 27 23.09 25.55 -44.77
CA SER N 27 22.01 24.97 -44.01
C SER N 27 22.62 23.77 -43.33
N GLU N 28 23.81 23.99 -42.77
CA GLU N 28 24.62 22.93 -42.15
C GLU N 28 25.10 23.39 -40.80
N VAL N 29 25.09 22.47 -39.84
CA VAL N 29 25.53 22.72 -38.49
C VAL N 29 26.83 21.97 -38.30
N ARG N 30 27.82 22.62 -37.69
CA ARG N 30 29.04 21.93 -37.23
C ARG N 30 29.18 22.17 -35.74
N GLY N 31 30.14 21.51 -35.09
CA GLY N 31 30.41 21.81 -33.69
C GLY N 31 30.84 20.68 -32.77
N VAL N 32 30.72 20.93 -31.48
CA VAL N 32 31.13 20.00 -30.42
C VAL N 32 29.95 19.76 -29.49
N TYR N 33 29.87 18.53 -29.00
CA TYR N 33 28.88 18.12 -28.03
C TYR N 33 29.69 17.56 -26.91
N GLN N 34 29.40 18.01 -25.69
CA GLN N 34 29.99 17.40 -24.50
C GLN N 34 28.89 16.85 -23.63
N THR N 35 28.90 15.55 -23.37
CA THR N 35 27.83 14.95 -22.59
C THR N 35 28.24 14.80 -21.14
N ALA N 36 27.29 15.02 -20.21
CA ALA N 36 27.54 14.95 -18.76
C ALA N 36 27.35 13.54 -18.23
N VAL N 37 26.88 12.65 -19.09
CA VAL N 37 26.54 11.28 -18.75
C VAL N 37 27.04 10.37 -19.86
N GLU N 38 27.34 9.14 -19.53
CA GLU N 38 27.64 8.19 -20.54
C GLU N 38 27.10 6.89 -20.09
N SER N 39 26.86 5.99 -21.05
CA SER N 39 26.08 4.81 -20.77
C SER N 39 26.94 3.81 -20.02
N THR N 40 28.21 3.78 -20.34
CA THR N 40 29.17 2.95 -19.63
C THR N 40 30.42 3.75 -19.54
N ARG N 41 31.17 3.56 -18.46
CA ARG N 41 32.38 4.33 -18.22
C ARG N 41 33.26 4.26 -19.46
N GLY N 42 33.63 5.41 -20.01
CA GLY N 42 34.50 5.47 -21.19
C GLY N 42 33.79 5.63 -22.54
N ALA N 43 32.50 5.32 -22.59
CA ALA N 43 31.79 5.27 -23.87
C ALA N 43 31.93 6.55 -24.69
N ALA N 44 31.86 7.69 -24.03
CA ALA N 44 32.02 8.96 -24.73
C ALA N 44 33.49 9.45 -24.86
N GLY N 45 34.46 8.60 -24.54
CA GLY N 45 35.85 9.03 -24.64
C GLY N 45 36.35 9.83 -23.43
N HIS N 46 37.53 10.45 -23.57
CA HIS N 46 38.28 10.85 -22.39
C HIS N 46 37.79 12.18 -21.81
N HIS N 47 37.45 13.14 -22.67
CA HIS N 47 36.75 14.36 -22.20
C HIS N 47 35.25 14.35 -22.48
N ARG N 48 34.72 13.15 -22.74
CA ARG N 48 33.29 12.95 -23.03
C ARG N 48 32.80 13.92 -24.09
N SER N 49 33.65 14.18 -25.08
CA SER N 49 33.35 15.13 -26.16
C SER N 49 33.50 14.51 -27.54
N ALA N 50 32.84 15.11 -28.53
CA ALA N 50 32.82 14.54 -29.88
C ALA N 50 32.24 15.57 -30.80
N ARG N 51 32.66 15.54 -32.06
CA ARG N 51 32.16 16.48 -33.07
C ARG N 51 30.72 16.19 -33.44
N ILE N 52 29.96 17.24 -33.75
CA ILE N 52 28.59 17.10 -34.28
C ILE N 52 28.56 17.48 -35.78
N ILE N 53 27.59 16.94 -36.52
CA ILE N 53 27.30 17.40 -37.92
C ILE N 53 25.83 17.23 -38.24
N GLY N 54 25.28 17.99 -39.15
CA GLY N 54 23.87 17.85 -39.44
C GLY N 54 23.36 19.04 -40.20
N MET N 55 22.05 19.27 -40.16
CA MET N 55 21.34 20.30 -40.98
C MET N 55 20.45 21.23 -40.14
N VAL N 56 19.98 22.32 -40.75
CA VAL N 56 19.10 23.27 -40.05
C VAL N 56 18.41 24.17 -41.04
N SER N 57 17.12 24.37 -40.88
CA SER N 57 16.32 24.96 -41.95
C SER N 57 16.25 26.49 -41.89
N ASP N 58 15.39 27.05 -42.74
CA ASP N 58 15.02 28.47 -42.75
C ASP N 58 14.11 28.80 -41.58
N GLY N 59 13.59 30.04 -41.60
CA GLY N 59 12.41 30.39 -40.84
C GLY N 59 12.78 31.04 -39.54
N THR N 60 11.78 31.48 -38.82
CA THR N 60 12.01 32.16 -37.55
C THR N 60 12.23 31.16 -36.39
N GLN N 61 11.67 29.95 -36.54
CA GLN N 61 11.86 28.82 -35.61
C GLN N 61 12.38 27.59 -36.38
N PRO N 62 13.68 27.60 -36.70
CA PRO N 62 14.15 26.56 -37.59
C PRO N 62 14.11 25.18 -36.98
N THR N 63 13.97 24.18 -37.83
CA THR N 63 14.14 22.81 -37.41
C THR N 63 15.62 22.44 -37.55
N VAL N 64 16.03 21.44 -36.78
CA VAL N 64 17.39 20.97 -36.82
C VAL N 64 17.45 19.45 -36.76
N SER N 65 18.49 18.92 -37.38
CA SER N 65 18.86 17.54 -37.25
C SER N 65 20.34 17.45 -37.15
N PHE N 66 20.86 16.66 -36.22
CA PHE N 66 22.29 16.47 -36.17
C PHE N 66 22.69 15.14 -35.55
N SER N 67 23.97 14.79 -35.74
CA SER N 67 24.56 13.48 -35.39
CA SER N 67 24.50 13.50 -35.27
C SER N 67 25.91 13.63 -34.70
N VAL N 68 26.25 12.64 -33.88
CA VAL N 68 27.53 12.55 -33.16
C VAL N 68 27.98 11.12 -33.22
N LEU N 69 29.22 10.89 -33.58
CA LEU N 69 29.84 9.59 -33.50
C LEU N 69 30.73 9.62 -32.27
N TRP N 70 30.51 8.71 -31.34
CA TRP N 70 31.28 8.69 -30.09
C TRP N 70 32.55 7.84 -30.27
N GLU N 71 33.52 8.08 -29.40
CA GLU N 71 34.87 7.45 -29.49
C GLU N 71 34.90 5.92 -29.51
N LYS N 72 34.11 5.24 -28.69
CA LYS N 72 34.06 3.76 -28.73
C LYS N 72 32.96 3.25 -29.68
N GLY N 73 32.56 4.08 -30.63
CA GLY N 73 31.76 3.61 -31.75
C GLY N 73 30.26 3.64 -31.57
N SER N 74 29.74 4.05 -30.42
CA SER N 74 28.29 4.31 -30.33
C SER N 74 27.99 5.62 -31.11
N CYS N 75 26.70 5.86 -31.40
CA CYS N 75 26.34 7.01 -32.21
CA CYS N 75 26.26 6.92 -32.33
C CYS N 75 24.95 7.55 -31.88
N SER N 76 24.85 8.87 -31.89
CA SER N 76 23.66 9.57 -31.41
C SER N 76 23.10 10.43 -32.50
N ALA N 77 21.78 10.53 -32.56
CA ALA N 77 21.17 11.54 -33.48
C ALA N 77 20.12 12.34 -32.75
N TRP N 78 19.99 13.63 -33.05
CA TRP N 78 18.92 14.45 -32.46
C TRP N 78 18.11 15.06 -33.59
N VAL N 79 16.78 15.09 -33.48
CA VAL N 79 15.94 15.98 -34.28
C VAL N 79 15.21 16.97 -33.37
N GLY N 80 15.01 18.18 -33.87
CA GLY N 80 14.41 19.21 -33.06
C GLY N 80 13.87 20.43 -33.77
N GLN N 81 13.38 21.36 -32.95
CA GLN N 81 12.98 22.68 -33.39
C GLN N 81 13.41 23.76 -32.36
N CYS N 82 13.85 24.91 -32.89
CA CYS N 82 14.33 26.05 -32.10
C CYS N 82 13.14 26.98 -31.94
N PHE N 83 12.75 27.26 -30.71
CA PHE N 83 11.56 28.07 -30.39
C PHE N 83 11.89 29.37 -29.62
N ILE N 84 11.16 30.45 -29.95
CA ILE N 84 11.19 31.70 -29.15
C ILE N 84 9.90 31.74 -28.36
N LEU N 85 10.01 31.72 -27.04
CA LEU N 85 8.84 31.84 -26.16
C LEU N 85 8.35 33.30 -26.06
N ASP N 86 7.20 33.49 -25.40
CA ASP N 86 6.63 34.84 -25.19
C ASP N 86 7.64 35.75 -24.50
N ASP N 87 8.21 35.27 -23.39
CA ASP N 87 9.25 36.02 -22.67
C ASP N 87 10.60 36.12 -23.43
N GLY N 88 10.57 35.85 -24.75
CA GLY N 88 11.70 36.09 -25.63
C GLY N 88 12.86 35.12 -25.51
N ALA N 89 12.73 34.10 -24.67
CA ALA N 89 13.83 33.15 -24.46
C ALA N 89 13.89 32.11 -25.60
N GLN N 90 15.10 31.61 -25.86
CA GLN N 90 15.31 30.65 -26.94
C GLN N 90 15.51 29.24 -26.44
N VAL N 91 14.71 28.32 -26.96
CA VAL N 91 14.70 26.93 -26.49
C VAL N 91 14.74 25.94 -27.65
N LEU N 92 15.78 25.11 -27.66
CA LEU N 92 15.90 24.00 -28.61
C LEU N 92 15.26 22.68 -28.05
N LYS N 93 14.10 22.32 -28.59
CA LYS N 93 13.36 21.09 -28.22
C LYS N 93 13.79 19.92 -29.12
N THR N 94 14.16 18.79 -28.50
CA THR N 94 14.74 17.67 -29.26
C THR N 94 14.26 16.33 -28.75
N PHE N 95 14.45 15.31 -29.57
CA PHE N 95 14.36 13.93 -29.16
C PHE N 95 15.53 13.29 -29.80
N TRP N 96 16.02 12.24 -29.17
CA TRP N 96 17.25 11.68 -29.63
C TRP N 96 17.17 10.16 -29.62
N MET N 97 18.05 9.56 -30.39
CA MET N 97 18.32 8.15 -30.38
C MET N 97 19.81 7.96 -30.10
N LEU N 98 20.13 6.96 -29.31
CA LEU N 98 21.48 6.50 -29.11
C LEU N 98 21.53 5.03 -29.56
N ARG N 99 22.39 4.74 -30.53
CA ARG N 99 22.67 3.38 -30.96
C ARG N 99 24.01 2.94 -30.41
N SER N 100 23.97 1.84 -29.69
CA SER N 100 25.17 1.19 -29.19
C SER N 100 25.55 0.10 -30.16
N VAL N 101 26.84 -0.20 -30.14
CA VAL N 101 27.45 -1.25 -30.97
C VAL N 101 26.90 -2.62 -30.60
N ALA N 102 26.58 -3.43 -31.63
CA ALA N 102 26.16 -4.82 -31.41
C ALA N 102 27.15 -5.74 -32.07
N ASP N 103 27.09 -7.02 -31.70
CA ASP N 103 27.97 -8.04 -32.27
C ASP N 103 27.54 -8.50 -33.67
N ASN N 104 26.25 -8.70 -33.85
CA ASN N 104 25.68 -9.13 -35.11
C ASN N 104 24.24 -8.61 -35.17
N LEU N 105 23.58 -8.86 -36.30
CA LEU N 105 22.21 -8.48 -36.48
C LEU N 105 21.29 -9.03 -35.38
N ALA N 106 21.41 -10.32 -35.06
CA ALA N 106 20.54 -10.97 -34.05
C ALA N 106 20.50 -10.20 -32.73
N SER N 107 21.66 -9.80 -32.24
CA SER N 107 21.78 -9.23 -30.90
C SER N 107 21.58 -7.71 -30.89
N ALA N 108 21.05 -7.16 -31.97
CA ALA N 108 20.91 -5.71 -32.08
C ALA N 108 19.52 -5.26 -31.67
N TRP N 109 18.67 -6.18 -31.24
CA TRP N 109 17.29 -5.79 -30.91
C TRP N 109 17.24 -4.72 -29.82
N GLY N 110 18.25 -4.70 -28.97
CA GLY N 110 18.23 -3.84 -27.78
C GLY N 110 19.24 -2.74 -27.85
N SER N 111 19.71 -2.43 -29.07
CA SER N 111 20.77 -1.44 -29.27
C SER N 111 20.33 0.02 -29.36
N THR N 112 19.03 0.28 -29.31
CA THR N 112 18.58 1.66 -29.56
C THR N 112 17.77 2.21 -28.38
N ARG N 113 18.26 3.30 -27.83
CA ARG N 113 17.62 4.00 -26.71
C ARG N 113 17.07 5.27 -27.23
N MET N 114 16.07 5.84 -26.54
CA MET N 114 15.65 7.20 -26.89
CA MET N 114 15.55 7.16 -26.90
C MET N 114 15.26 8.02 -25.67
N GLY N 115 15.16 9.33 -25.88
CA GLY N 115 14.81 10.27 -24.86
C GLY N 115 14.48 11.64 -25.42
N GLU N 116 14.08 12.54 -24.55
CA GLU N 116 13.89 13.97 -24.85
C GLU N 116 15.02 14.78 -24.27
N ASP N 117 15.56 15.73 -25.03
CA ASP N 117 16.54 16.70 -24.50
C ASP N 117 16.03 18.10 -24.85
N ILE N 118 16.00 18.96 -23.82
CA ILE N 118 15.53 20.31 -23.96
C ILE N 118 16.77 21.14 -23.70
N PHE N 119 17.14 21.99 -24.66
CA PHE N 119 18.33 22.85 -24.49
C PHE N 119 17.96 24.33 -24.26
N PHE N 120 18.60 24.96 -23.27
CA PHE N 120 18.43 26.40 -22.96
C PHE N 120 19.75 27.13 -23.20
N LYS N 121 19.68 28.21 -23.97
CA LYS N 121 20.87 28.86 -24.51
C LYS N 121 21.69 29.63 -23.45
N THR N 122 22.96 29.28 -23.24
CA THR N 122 23.85 30.08 -22.36
C THR N 122 24.07 31.48 -22.95
N GLN O 1 35.77 -12.37 -55.68
CA GLN O 1 35.90 -11.18 -54.75
C GLN O 1 34.71 -11.15 -53.80
N THR O 2 34.84 -11.86 -52.67
CA THR O 2 33.75 -12.04 -51.68
C THR O 2 33.92 -11.06 -50.51
N VAL O 3 32.81 -10.59 -49.95
CA VAL O 3 32.87 -9.45 -49.02
C VAL O 3 32.86 -9.91 -47.55
N SER O 4 33.78 -9.33 -46.76
CA SER O 4 33.98 -9.65 -45.35
C SER O 4 33.75 -8.42 -44.43
N SER O 5 33.77 -7.22 -45.01
CA SER O 5 33.43 -5.95 -44.34
C SER O 5 32.04 -5.44 -44.78
N CYS O 6 31.47 -4.52 -44.01
CA CYS O 6 30.19 -3.87 -44.42
C CYS O 6 30.50 -2.43 -44.83
N ASN O 7 30.31 -2.14 -46.11
CA ASN O 7 30.69 -0.85 -46.65
C ASN O 7 29.46 0.06 -46.88
N VAL O 8 29.51 1.24 -46.27
CA VAL O 8 28.37 2.15 -46.26
C VAL O 8 28.29 2.96 -47.56
N THR O 9 29.44 3.16 -48.21
CA THR O 9 29.48 3.82 -49.51
C THR O 9 28.81 2.94 -50.56
N GLY O 10 27.94 3.55 -51.40
CA GLY O 10 27.11 2.84 -52.37
C GLY O 10 25.61 3.20 -52.39
N VAL O 11 24.83 2.37 -53.10
CA VAL O 11 23.39 2.55 -53.26
C VAL O 11 22.59 1.55 -52.45
N TRP O 12 21.66 2.07 -51.67
CA TRP O 12 20.82 1.26 -50.78
C TRP O 12 19.33 1.45 -51.04
N ARG O 13 18.53 0.44 -50.68
CA ARG O 13 17.08 0.47 -50.87
C ARG O 13 16.42 -0.15 -49.65
N ASN O 14 15.39 0.49 -49.12
CA ASN O 14 14.74 -0.02 -47.93
C ASN O 14 13.42 -0.63 -48.25
N GLU O 15 12.82 -1.24 -47.25
CA GLU O 15 11.54 -1.96 -47.35
C GLU O 15 10.39 -1.14 -47.92
N LEU O 16 10.48 0.18 -47.83
CA LEU O 16 9.48 1.12 -48.39
C LEU O 16 9.76 1.49 -49.86
N GLY O 17 10.98 1.21 -50.30
CA GLY O 17 11.38 1.42 -51.67
C GLY O 17 12.06 2.75 -51.88
N SER O 18 12.55 3.34 -50.79
CA SER O 18 13.28 4.58 -50.88
C SER O 18 14.67 4.21 -51.27
N THR O 19 15.45 5.18 -51.77
CA THR O 19 16.82 4.88 -52.10
C THR O 19 17.77 5.87 -51.46
N LEU O 20 18.92 5.36 -51.06
CA LEU O 20 19.91 6.12 -50.31
C LEU O 20 21.23 5.92 -51.02
N ARG O 21 21.76 6.99 -51.57
CA ARG O 21 23.07 6.93 -52.19
C ARG O 21 24.05 7.63 -51.25
N VAL O 22 25.12 6.95 -50.87
CA VAL O 22 26.03 7.43 -49.83
C VAL O 22 27.46 7.37 -50.31
N LYS O 23 28.22 8.43 -50.07
CA LYS O 23 29.66 8.46 -50.30
C LYS O 23 30.40 8.83 -48.99
N ALA O 24 31.17 7.88 -48.48
CA ALA O 24 31.88 8.08 -47.24
C ALA O 24 33.26 8.68 -47.48
N GLU O 25 33.74 9.42 -46.49
CA GLU O 25 34.94 10.19 -46.64
C GLU O 25 35.53 10.54 -45.28
N GLY O 26 36.58 9.79 -44.93
CA GLY O 26 37.06 9.73 -43.56
C GLY O 26 35.95 9.18 -42.70
N SER O 27 35.55 9.92 -41.68
CA SER O 27 34.49 9.50 -40.77
C SER O 27 33.19 10.20 -41.07
N GLU O 28 33.10 10.90 -42.20
CA GLU O 28 31.87 11.58 -42.57
C GLU O 28 31.19 10.94 -43.77
N VAL O 29 29.87 11.04 -43.83
CA VAL O 29 29.07 10.58 -44.96
C VAL O 29 28.29 11.71 -45.59
N ARG O 30 28.31 11.74 -46.90
CA ARG O 30 27.45 12.56 -47.70
C ARG O 30 26.75 11.74 -48.78
N GLY O 31 25.76 12.35 -49.42
CA GLY O 31 24.92 11.62 -50.35
C GLY O 31 23.57 12.27 -50.56
N VAL O 32 22.64 11.47 -51.05
CA VAL O 32 21.32 11.95 -51.39
C VAL O 32 20.34 10.85 -51.01
N TYR O 33 19.21 11.26 -50.37
CA TYR O 33 18.12 10.36 -50.01
C TYR O 33 16.93 10.59 -50.93
N GLN O 34 16.39 9.50 -51.53
CA GLN O 34 15.11 9.58 -52.24
C GLN O 34 14.05 8.72 -51.54
N THR O 35 13.06 9.36 -50.89
CA THR O 35 11.96 8.63 -50.21
C THR O 35 10.80 8.25 -51.17
N ALA O 36 10.31 7.01 -51.09
CA ALA O 36 9.15 6.58 -51.89
C ALA O 36 7.83 7.12 -51.34
N VAL O 37 7.88 7.65 -50.12
CA VAL O 37 6.68 8.06 -49.40
C VAL O 37 6.91 9.41 -48.77
N GLU O 38 5.83 10.15 -48.51
CA GLU O 38 5.95 11.44 -47.82
C GLU O 38 4.67 11.76 -47.07
N SER O 39 4.78 12.53 -45.98
CA SER O 39 3.65 12.66 -45.03
C SER O 39 2.55 13.59 -45.55
N THR O 40 2.92 14.54 -46.39
CA THR O 40 1.92 15.18 -47.26
C THR O 40 2.56 15.47 -48.61
N ARG O 41 1.72 15.52 -49.65
CA ARG O 41 2.16 15.76 -51.04
C ARG O 41 3.05 17.01 -51.12
N GLY O 42 4.30 16.86 -51.60
CA GLY O 42 5.25 17.98 -51.69
C GLY O 42 6.19 18.16 -50.48
N ALA O 43 5.90 17.46 -49.38
CA ALA O 43 6.76 17.53 -48.20
C ALA O 43 8.24 17.17 -48.50
N ALA O 44 8.48 16.14 -49.33
CA ALA O 44 9.85 15.69 -49.65
C ALA O 44 10.42 16.37 -50.90
N GLY O 45 9.56 17.12 -51.59
CA GLY O 45 9.98 17.95 -52.71
C GLY O 45 9.62 17.36 -54.06
N HIS O 46 9.96 18.09 -55.12
CA HIS O 46 9.55 17.75 -56.49
C HIS O 46 9.93 16.33 -56.83
N HIS O 47 11.19 15.97 -56.59
CA HIS O 47 11.67 14.63 -56.93
C HIS O 47 11.85 13.74 -55.70
N ARG O 48 11.29 14.20 -54.57
CA ARG O 48 11.31 13.48 -53.30
C ARG O 48 12.75 13.19 -52.84
N SER O 49 13.63 14.14 -53.15
CA SER O 49 15.03 13.96 -52.95
C SER O 49 15.63 15.04 -52.06
N ALA O 50 16.58 14.64 -51.23
CA ALA O 50 17.25 15.58 -50.36
C ALA O 50 18.57 15.00 -50.07
N ARG O 51 19.43 15.83 -49.49
CA ARG O 51 20.82 15.49 -49.22
C ARG O 51 20.98 14.93 -47.82
N ILE O 52 21.81 13.91 -47.67
CA ILE O 52 22.13 13.41 -46.33
C ILE O 52 23.46 13.98 -45.85
N ILE O 53 23.63 14.09 -44.55
CA ILE O 53 24.94 14.36 -43.99
C ILE O 53 25.05 13.63 -42.67
N GLY O 54 26.24 13.21 -42.29
CA GLY O 54 26.38 12.40 -41.07
C GLY O 54 27.74 11.76 -40.92
N MET O 55 27.81 10.72 -40.07
CA MET O 55 29.05 10.03 -39.72
C MET O 55 28.92 8.51 -39.86
N VAL O 56 30.09 7.87 -39.94
CA VAL O 56 30.26 6.43 -39.99
C VAL O 56 31.56 6.11 -39.26
N SER O 57 31.50 5.07 -38.42
CA SER O 57 32.63 4.68 -37.58
C SER O 57 33.57 3.80 -38.37
N ASP O 58 34.68 3.40 -37.75
CA ASP O 58 35.58 2.42 -38.33
C ASP O 58 34.99 1.03 -38.11
N GLY O 59 35.69 0.02 -38.61
CA GLY O 59 35.37 -1.36 -38.33
C GLY O 59 34.70 -2.13 -39.46
N THR O 60 34.72 -3.44 -39.27
CA THR O 60 34.04 -4.44 -40.06
C THR O 60 32.51 -4.14 -40.19
N GLN O 61 31.91 -3.65 -39.11
CA GLN O 61 30.48 -3.48 -39.05
C GLN O 61 30.12 -2.14 -38.48
N PRO O 62 30.37 -1.07 -39.27
CA PRO O 62 30.30 0.24 -38.68
C PRO O 62 28.90 0.67 -38.35
N THR O 63 28.84 1.49 -37.31
CA THR O 63 27.65 2.20 -36.99
C THR O 63 27.66 3.47 -37.79
N VAL O 64 26.47 4.02 -37.97
CA VAL O 64 26.33 5.16 -38.82
C VAL O 64 25.23 6.02 -38.29
N SER O 65 25.31 7.29 -38.62
CA SER O 65 24.35 8.28 -38.15
CA SER O 65 24.34 8.28 -38.16
C SER O 65 24.19 9.34 -39.23
N PHE O 66 22.99 9.53 -39.75
CA PHE O 66 22.83 10.61 -40.73
C PHE O 66 21.55 11.40 -40.67
N SER O 67 21.54 12.56 -41.33
CA SER O 67 20.35 13.44 -41.35
C SER O 67 19.97 13.95 -42.71
N VAL O 68 18.72 14.34 -42.79
CA VAL O 68 18.14 14.95 -43.97
C VAL O 68 17.27 16.09 -43.49
N LEU O 69 17.45 17.24 -44.13
CA LEU O 69 16.51 18.36 -44.05
C LEU O 69 15.68 18.28 -45.33
N TRP O 70 14.35 18.20 -45.18
CA TRP O 70 13.47 18.05 -46.33
C TRP O 70 13.05 19.42 -46.82
N GLU O 71 12.41 19.44 -47.98
CA GLU O 71 11.98 20.65 -48.65
C GLU O 71 11.13 21.60 -47.78
N LYS O 72 10.03 21.08 -47.24
CA LYS O 72 9.07 21.90 -46.48
C LYS O 72 9.39 22.03 -44.99
N GLY O 73 10.66 21.89 -44.63
CA GLY O 73 11.12 22.15 -43.28
C GLY O 73 11.13 21.00 -42.27
N SER O 74 10.56 19.85 -42.63
CA SER O 74 10.68 18.67 -41.78
C SER O 74 12.09 18.15 -41.91
N CYS O 75 12.59 17.53 -40.83
N CYS O 75 12.57 17.48 -40.86
CA CYS O 75 13.91 16.88 -40.77
CA CYS O 75 13.87 16.81 -40.90
C CYS O 75 13.75 15.40 -40.33
C CYS O 75 13.76 15.40 -40.33
N SER O 76 14.62 14.51 -40.80
CA SER O 76 14.65 13.14 -40.34
C SER O 76 16.05 12.78 -39.89
N ALA O 77 16.18 11.76 -39.04
CA ALA O 77 17.49 11.25 -38.66
C ALA O 77 17.43 9.74 -38.56
N TRP O 78 18.53 9.06 -38.92
CA TRP O 78 18.69 7.62 -38.77
C TRP O 78 19.95 7.32 -37.96
N VAL O 79 19.86 6.35 -37.04
CA VAL O 79 21.03 5.67 -36.50
C VAL O 79 20.94 4.21 -36.82
N GLY O 80 22.08 3.61 -37.09
CA GLY O 80 22.08 2.20 -37.48
C GLY O 80 23.38 1.50 -37.35
N GLN O 81 23.39 0.27 -37.83
CA GLN O 81 24.61 -0.48 -37.97
C GLN O 81 24.58 -1.29 -39.28
N CYS O 82 25.77 -1.43 -39.88
CA CYS O 82 25.98 -2.04 -41.18
C CYS O 82 26.50 -3.41 -40.81
N PHE O 83 25.65 -4.43 -40.96
CA PHE O 83 26.01 -5.83 -40.68
C PHE O 83 26.37 -6.62 -41.93
N ILE O 84 27.37 -7.48 -41.81
CA ILE O 84 27.72 -8.36 -42.90
C ILE O 84 27.09 -9.68 -42.50
N LEU O 85 26.35 -10.31 -43.41
CA LEU O 85 25.66 -11.54 -43.06
C LEU O 85 26.51 -12.76 -43.40
N ASP O 86 26.00 -13.93 -43.03
CA ASP O 86 26.61 -15.23 -43.36
C ASP O 86 26.68 -15.45 -44.87
N ASP O 87 25.65 -15.05 -45.60
CA ASP O 87 25.65 -15.18 -47.06
C ASP O 87 26.46 -14.06 -47.76
N GLY O 88 27.02 -13.13 -46.98
CA GLY O 88 27.75 -11.99 -47.56
C GLY O 88 26.88 -10.78 -47.92
N ALA O 89 25.60 -10.82 -47.58
CA ALA O 89 24.74 -9.62 -47.77
C ALA O 89 25.17 -8.52 -46.80
N GLN O 90 25.30 -7.31 -47.32
CA GLN O 90 25.44 -6.10 -46.51
C GLN O 90 24.04 -5.53 -46.20
N VAL O 91 23.75 -5.41 -44.90
CA VAL O 91 22.46 -4.90 -44.40
C VAL O 91 22.62 -3.83 -43.30
N LEU O 92 22.09 -2.66 -43.61
CA LEU O 92 22.12 -1.48 -42.76
C LEU O 92 20.83 -1.40 -41.97
N LYS O 93 20.91 -1.71 -40.67
CA LYS O 93 19.72 -1.80 -39.81
C LYS O 93 19.57 -0.45 -39.14
N THR O 94 18.48 0.26 -39.36
CA THR O 94 18.36 1.62 -38.80
C THR O 94 17.09 1.83 -37.98
N PHE O 95 17.11 2.81 -37.07
CA PHE O 95 15.88 3.43 -36.59
C PHE O 95 15.92 4.87 -37.00
N TRP O 96 14.73 5.41 -37.26
CA TRP O 96 14.69 6.82 -37.61
C TRP O 96 13.71 7.64 -36.82
N MET O 97 13.97 8.94 -36.78
CA MET O 97 12.96 9.90 -36.34
C MET O 97 12.70 10.89 -37.48
N LEU O 98 11.44 11.33 -37.56
CA LEU O 98 10.96 12.36 -38.47
C LEU O 98 10.24 13.43 -37.66
N ARG O 99 10.75 14.66 -37.78
CA ARG O 99 10.28 15.82 -37.05
C ARG O 99 9.55 16.84 -37.94
N SER O 100 8.27 17.03 -37.68
CA SER O 100 7.46 17.99 -38.44
C SER O 100 7.47 19.38 -37.78
N VAL O 101 7.35 20.39 -38.64
CA VAL O 101 7.40 21.76 -38.21
C VAL O 101 6.21 22.08 -37.34
N ALA O 102 6.47 22.73 -36.21
CA ALA O 102 5.39 23.26 -35.37
C ALA O 102 5.38 24.80 -35.30
N ASP O 103 4.19 25.39 -35.14
CA ASP O 103 4.06 26.84 -34.90
C ASP O 103 4.66 27.32 -33.59
N ASN O 104 4.48 26.53 -32.53
CA ASN O 104 5.01 26.90 -31.21
C ASN O 104 5.28 25.69 -30.32
N LEU O 105 6.08 25.92 -29.29
CA LEU O 105 6.41 24.87 -28.34
C LEU O 105 5.17 24.03 -27.93
N ALA O 106 4.15 24.65 -27.36
CA ALA O 106 2.99 23.92 -26.84
C ALA O 106 2.52 22.91 -27.89
N SER O 107 2.21 23.39 -29.10
CA SER O 107 1.66 22.55 -30.17
C SER O 107 2.64 21.51 -30.80
N ALA O 108 3.90 21.49 -30.36
CA ALA O 108 4.90 20.56 -30.87
C ALA O 108 4.95 19.16 -30.20
N TRP O 109 3.96 18.82 -29.37
CA TRP O 109 3.94 17.56 -28.62
C TRP O 109 3.82 16.33 -29.53
N GLY O 110 3.12 16.49 -30.64
CA GLY O 110 2.97 15.39 -31.59
C GLY O 110 3.83 15.53 -32.85
N SER O 111 4.89 16.31 -32.78
CA SER O 111 5.76 16.60 -33.94
C SER O 111 6.86 15.57 -34.26
N THR O 112 7.01 14.53 -33.45
CA THR O 112 8.06 13.54 -33.69
C THR O 112 7.50 12.13 -33.96
N ARG O 113 7.74 11.58 -35.15
CA ARG O 113 7.40 10.17 -35.48
C ARG O 113 8.66 9.36 -35.50
N MET O 114 8.50 8.03 -35.60
CA MET O 114 9.62 7.13 -35.58
C MET O 114 9.35 5.82 -36.28
N GLY O 115 10.43 5.16 -36.66
CA GLY O 115 10.32 3.83 -37.27
C GLY O 115 11.63 3.12 -37.52
N GLU O 116 11.51 1.92 -38.09
CA GLU O 116 12.63 1.11 -38.51
C GLU O 116 12.73 1.08 -40.04
N ASP O 117 13.88 1.45 -40.58
CA ASP O 117 14.21 1.17 -41.98
C ASP O 117 15.33 0.15 -42.07
N ILE O 118 15.15 -0.88 -42.88
CA ILE O 118 16.18 -1.89 -43.11
C ILE O 118 16.62 -1.66 -44.56
N PHE O 119 17.92 -1.40 -44.80
CA PHE O 119 18.39 -1.19 -46.16
C PHE O 119 19.28 -2.33 -46.59
N PHE O 120 19.09 -2.74 -47.84
CA PHE O 120 19.94 -3.67 -48.53
C PHE O 120 20.63 -2.99 -49.71
N LYS O 121 21.86 -3.42 -49.97
CA LYS O 121 22.67 -2.86 -51.03
C LYS O 121 22.40 -3.48 -52.40
N THR O 122 22.44 -2.64 -53.42
CA THR O 122 22.13 -3.03 -54.79
C THR O 122 23.03 -4.16 -55.34
N SER P 4 9.19 8.13 1.65
CA SER P 4 9.84 6.80 1.61
C SER P 4 9.48 6.05 0.30
N SER P 5 8.23 6.11 -0.16
CA SER P 5 7.86 5.40 -1.41
C SER P 5 7.06 6.26 -2.42
N CYS P 6 7.23 5.99 -3.71
CA CYS P 6 6.40 6.59 -4.77
C CYS P 6 5.22 5.71 -5.05
N ASN P 7 4.03 6.30 -5.08
CA ASN P 7 2.78 5.56 -5.15
C ASN P 7 1.98 5.89 -6.41
N VAL P 8 1.72 4.88 -7.23
CA VAL P 8 1.13 5.16 -8.55
C VAL P 8 -0.30 5.65 -8.44
N THR P 9 -0.98 5.30 -7.35
CA THR P 9 -2.39 5.58 -7.17
C THR P 9 -2.58 7.04 -6.86
N GLY P 10 -3.47 7.70 -7.58
CA GLY P 10 -3.82 9.09 -7.35
C GLY P 10 -4.29 9.75 -8.63
N VAL P 11 -4.24 11.07 -8.63
CA VAL P 11 -4.70 11.87 -9.73
C VAL P 11 -3.48 12.64 -10.19
N TRP P 12 -3.09 12.45 -11.45
CA TRP P 12 -1.88 13.09 -11.94
C TRP P 12 -2.16 14.02 -13.07
N ARG P 13 -1.20 14.92 -13.28
CA ARG P 13 -1.28 15.93 -14.33
C ARG P 13 0.08 16.03 -14.93
N ASN P 14 0.14 16.09 -16.27
CA ASN P 14 1.43 16.18 -16.97
C ASN P 14 1.69 17.56 -17.51
N GLU P 15 2.79 17.72 -18.23
CA GLU P 15 3.19 19.00 -18.77
C GLU P 15 2.25 19.57 -19.83
N LEU P 16 1.37 18.77 -20.43
CA LEU P 16 0.46 19.26 -21.48
C LEU P 16 -0.86 19.68 -20.88
N GLY P 17 -1.00 19.45 -19.56
CA GLY P 17 -2.23 19.67 -18.80
C GLY P 17 -3.22 18.53 -18.85
N SER P 18 -2.81 17.36 -19.32
CA SER P 18 -3.71 16.22 -19.35
C SER P 18 -3.80 15.68 -17.91
N THR P 19 -4.84 14.90 -17.63
CA THR P 19 -4.94 14.26 -16.33
C THR P 19 -5.09 12.73 -16.38
N LEU P 20 -4.42 12.08 -15.43
CA LEU P 20 -4.39 10.64 -15.34
C LEU P 20 -4.98 10.33 -13.97
N ARG P 21 -6.04 9.54 -13.93
CA ARG P 21 -6.58 9.04 -12.65
C ARG P 21 -6.25 7.55 -12.59
N VAL P 22 -5.60 7.10 -11.52
CA VAL P 22 -5.11 5.72 -11.46
C VAL P 22 -5.39 5.05 -10.12
N LYS P 23 -5.94 3.83 -10.19
CA LYS P 23 -6.05 2.97 -9.01
C LYS P 23 -5.27 1.71 -9.31
N ALA P 24 -4.34 1.39 -8.42
CA ALA P 24 -3.61 0.12 -8.49
C ALA P 24 -4.40 -0.94 -7.72
N GLU P 25 -4.46 -2.13 -8.28
CA GLU P 25 -5.02 -3.28 -7.60
C GLU P 25 -4.02 -4.39 -7.74
N GLY P 26 -3.13 -4.51 -6.75
CA GLY P 26 -2.04 -5.47 -6.76
C GLY P 26 -0.96 -5.08 -7.76
N SER P 27 -0.92 -5.77 -8.91
CA SER P 27 0.05 -5.45 -9.95
C SER P 27 -0.62 -4.96 -11.22
N GLU P 28 -1.93 -4.73 -11.18
CA GLU P 28 -2.65 -4.15 -12.31
C GLU P 28 -2.97 -2.70 -12.00
N VAL P 29 -3.21 -1.89 -13.06
CA VAL P 29 -3.73 -0.54 -12.88
C VAL P 29 -4.94 -0.29 -13.78
N ARG P 30 -5.89 0.46 -13.27
CA ARG P 30 -7.04 0.86 -14.05
C ARG P 30 -7.25 2.32 -13.75
N GLY P 31 -8.24 2.92 -14.42
CA GLY P 31 -8.43 4.35 -14.35
C GLY P 31 -8.87 5.00 -15.65
N VAL P 32 -8.67 6.31 -15.73
CA VAL P 32 -9.21 7.17 -16.77
C VAL P 32 -8.19 8.25 -17.11
N TYR P 33 -8.01 8.48 -18.39
CA TYR P 33 -7.08 9.45 -18.90
C TYR P 33 -7.90 10.50 -19.62
N GLN P 34 -7.78 11.76 -19.16
CA GLN P 34 -8.36 12.87 -19.86
C GLN P 34 -7.25 13.65 -20.53
N THR P 35 -7.21 13.60 -21.87
CA THR P 35 -6.17 14.32 -22.60
C THR P 35 -6.55 15.75 -22.97
N ALA P 36 -5.58 16.61 -22.80
CA ALA P 36 -5.76 18.01 -23.07
C ALA P 36 -5.44 18.33 -24.54
N VAL P 37 -4.75 17.42 -25.26
CA VAL P 37 -4.48 17.57 -26.71
C VAL P 37 -4.95 16.38 -27.60
N GLU P 38 -5.21 16.70 -28.87
CA GLU P 38 -5.58 15.72 -29.89
C GLU P 38 -4.72 15.88 -31.13
N SER P 39 -4.34 14.77 -31.76
CA SER P 39 -3.57 14.83 -33.01
C SER P 39 -4.47 15.28 -34.14
N THR P 40 -5.75 14.91 -34.10
CA THR P 40 -6.72 15.53 -34.99
C THR P 40 -8.00 15.79 -34.21
N ARG P 41 -8.78 16.75 -34.72
CA ARG P 41 -10.05 17.12 -34.11
C ARG P 41 -10.88 15.88 -33.80
N GLY P 42 -11.20 15.70 -32.51
CA GLY P 42 -12.10 14.66 -32.08
C GLY P 42 -11.56 13.25 -31.93
N ALA P 43 -10.28 13.03 -32.24
CA ALA P 43 -9.68 11.69 -32.11
C ALA P 43 -9.88 11.05 -30.73
N ALA P 44 -9.91 11.85 -29.68
CA ALA P 44 -10.03 11.35 -28.27
C ALA P 44 -11.45 11.36 -27.75
N GLY P 45 -12.39 11.73 -28.62
CA GLY P 45 -13.79 11.72 -28.23
C GLY P 45 -14.23 13.02 -27.61
N HIS P 46 -15.42 12.99 -27.03
CA HIS P 46 -16.19 14.21 -26.90
C HIS P 46 -15.88 14.92 -25.60
N HIS P 47 -15.52 14.16 -24.56
CA HIS P 47 -14.87 14.73 -23.36
C HIS P 47 -13.36 14.38 -23.28
N ARG P 48 -12.77 14.05 -24.44
CA ARG P 48 -11.38 13.66 -24.56
C ARG P 48 -10.91 12.69 -23.46
N SER P 49 -11.77 11.73 -23.14
CA SER P 49 -11.52 10.81 -22.04
C SER P 49 -11.67 9.37 -22.54
N ALA P 50 -10.90 8.46 -21.94
CA ALA P 50 -10.95 7.06 -22.26
C ALA P 50 -10.38 6.27 -21.09
N ARG P 51 -10.74 4.98 -21.00
CA ARG P 51 -10.27 4.13 -19.89
CA ARG P 51 -10.26 4.12 -19.90
C ARG P 51 -8.80 3.75 -20.08
N ILE P 52 -8.12 3.42 -18.98
CA ILE P 52 -6.75 2.96 -19.06
C ILE P 52 -6.58 1.60 -18.39
N ILE P 53 -5.56 0.87 -18.87
CA ILE P 53 -5.32 -0.49 -18.43
C ILE P 53 -3.81 -0.76 -18.53
N GLY P 54 -3.22 -1.34 -17.49
CA GLY P 54 -1.81 -1.65 -17.52
C GLY P 54 -1.37 -2.36 -16.26
N MET P 55 -0.06 -2.30 -16.02
CA MET P 55 0.62 -3.02 -14.95
C MET P 55 1.54 -2.14 -14.16
N VAL P 56 1.76 -2.51 -12.89
CA VAL P 56 2.64 -1.75 -11.97
C VAL P 56 3.49 -2.67 -11.08
N SER P 57 4.78 -2.38 -10.97
CA SER P 57 5.68 -3.22 -10.19
C SER P 57 5.54 -2.95 -8.68
N ASP P 58 6.35 -3.67 -7.91
CA ASP P 58 6.43 -3.58 -6.45
C ASP P 58 7.50 -2.54 -6.16
N GLY P 59 7.64 -2.15 -4.89
CA GLY P 59 8.81 -1.41 -4.43
C GLY P 59 8.67 0.05 -4.07
N THR P 60 9.81 0.64 -3.72
CA THR P 60 9.95 2.05 -3.37
C THR P 60 9.57 2.96 -4.55
N GLN P 61 9.89 2.51 -5.76
CA GLN P 61 9.80 3.37 -6.94
C GLN P 61 9.35 2.49 -8.09
N PRO P 62 8.06 2.14 -8.12
CA PRO P 62 7.59 1.17 -9.10
C PRO P 62 7.70 1.59 -10.53
N THR P 63 7.84 0.58 -11.41
CA THR P 63 7.68 0.78 -12.83
C THR P 63 6.23 0.58 -13.19
N VAL P 64 5.83 1.26 -14.25
CA VAL P 64 4.46 1.27 -14.72
C VAL P 64 4.39 1.14 -16.24
N SER P 65 3.36 0.45 -16.70
CA SER P 65 3.09 0.35 -18.12
C SER P 65 1.60 0.34 -18.38
N PHE P 66 1.09 1.25 -19.22
CA PHE P 66 -0.33 1.27 -19.46
C PHE P 66 -0.75 1.72 -20.86
N SER P 67 -2.01 1.42 -21.22
CA SER P 67 -2.52 1.59 -22.58
C SER P 67 -3.84 2.32 -22.54
N VAL P 68 -4.11 3.00 -23.63
CA VAL P 68 -5.41 3.61 -23.85
C VAL P 68 -5.87 3.39 -25.30
N LEU P 69 -7.12 3.00 -25.45
CA LEU P 69 -7.77 2.95 -26.72
C LEU P 69 -8.61 4.21 -26.79
N TRP P 70 -8.38 5.03 -27.81
CA TRP P 70 -9.18 6.23 -28.05
C TRP P 70 -10.41 5.95 -28.91
N GLU P 71 -11.36 6.86 -28.85
CA GLU P 71 -12.70 6.57 -29.37
C GLU P 71 -12.70 6.18 -30.87
N LYS P 72 -11.84 6.81 -31.65
CA LYS P 72 -11.80 6.60 -33.10
C LYS P 72 -10.70 5.63 -33.56
N GLY P 73 -10.22 4.81 -32.65
CA GLY P 73 -9.33 3.73 -33.00
C GLY P 73 -7.83 3.90 -32.74
N SER P 74 -7.32 5.14 -32.65
CA SER P 74 -5.90 5.32 -32.28
C SER P 74 -5.68 4.77 -30.89
N CYS P 75 -4.44 4.43 -30.56
CA CYS P 75 -4.12 3.88 -29.24
CA CYS P 75 -4.07 3.78 -29.28
C CYS P 75 -2.74 4.32 -28.77
N SER P 76 -2.64 4.59 -27.49
CA SER P 76 -1.43 5.15 -26.85
C SER P 76 -0.94 4.20 -25.78
N ALA P 77 0.39 4.16 -25.59
CA ALA P 77 0.98 3.35 -24.54
C ALA P 77 2.08 4.16 -23.84
N TRP P 78 2.22 3.96 -22.52
CA TRP P 78 3.24 4.61 -21.72
C TRP P 78 4.00 3.56 -20.90
N VAL P 79 5.34 3.66 -20.89
CA VAL P 79 6.16 3.00 -19.88
C VAL P 79 6.82 4.06 -19.05
N GLY P 80 7.09 3.71 -17.80
CA GLY P 80 7.94 4.55 -17.00
C GLY P 80 8.14 4.09 -15.57
N GLN P 81 8.55 5.05 -14.74
CA GLN P 81 8.90 4.83 -13.34
C GLN P 81 8.51 6.01 -12.43
N CYS P 82 8.01 5.62 -11.26
CA CYS P 82 7.54 6.51 -10.22
C CYS P 82 8.65 6.81 -9.27
N PHE P 83 9.32 7.95 -9.40
CA PHE P 83 10.44 8.32 -8.52
C PHE P 83 10.02 9.24 -7.36
N ILE P 84 10.71 9.12 -6.21
CA ILE P 84 10.60 10.11 -5.13
C ILE P 84 11.82 10.99 -5.22
N LEU P 85 11.62 12.25 -5.58
CA LEU P 85 12.74 13.15 -5.72
C LEU P 85 13.24 13.55 -4.32
N ASP P 86 14.29 14.35 -4.33
CA ASP P 86 14.93 14.80 -3.08
C ASP P 86 14.04 15.78 -2.33
N ASP P 87 13.20 16.53 -3.05
CA ASP P 87 12.30 17.50 -2.42
C ASP P 87 11.02 16.89 -1.82
N GLY P 88 10.84 15.58 -2.00
CA GLY P 88 9.65 14.88 -1.55
C GLY P 88 8.62 14.70 -2.66
N ALA P 89 8.90 15.17 -3.88
CA ALA P 89 7.94 15.04 -4.98
C ALA P 89 7.85 13.61 -5.48
N GLN P 90 6.63 13.16 -5.70
CA GLN P 90 6.42 11.93 -6.45
C GLN P 90 6.18 12.29 -7.93
N VAL P 91 7.05 11.82 -8.81
CA VAL P 91 6.94 12.10 -10.25
C VAL P 91 6.90 10.80 -11.06
N LEU P 92 6.00 10.72 -12.02
CA LEU P 92 6.02 9.63 -13.00
C LEU P 92 6.77 10.10 -14.25
N LYS P 93 7.87 9.44 -14.56
CA LYS P 93 8.64 9.70 -15.78
C LYS P 93 8.31 8.64 -16.77
N THR P 94 7.71 9.03 -17.89
CA THR P 94 7.27 8.08 -18.94
C THR P 94 7.70 8.50 -20.32
N PHE P 95 7.88 7.50 -21.17
CA PHE P 95 7.83 7.70 -22.61
C PHE P 95 6.59 7.04 -23.12
N TRP P 96 6.05 7.65 -24.18
CA TRP P 96 4.85 7.18 -24.83
C TRP P 96 4.95 6.95 -26.33
N MET P 97 3.98 6.18 -26.81
CA MET P 97 3.75 5.95 -28.25
C MET P 97 2.29 6.18 -28.59
N LEU P 98 2.05 6.92 -29.65
CA LEU P 98 0.67 7.16 -30.09
C LEU P 98 0.58 6.53 -31.47
N ARG P 99 -0.26 5.50 -31.61
CA ARG P 99 -0.43 4.82 -32.88
C ARG P 99 -1.74 5.23 -33.54
N SER P 100 -1.64 5.81 -34.73
CA SER P 100 -2.78 6.25 -35.54
C SER P 100 -3.16 5.18 -36.55
N VAL P 101 -4.44 5.11 -36.86
CA VAL P 101 -5.05 4.10 -37.73
C VAL P 101 -4.51 4.29 -39.14
N ALA P 102 -4.11 3.20 -39.79
CA ALA P 102 -3.75 3.27 -41.21
C ALA P 102 -4.67 2.32 -42.03
N ASP P 103 -4.91 2.67 -43.31
CA ASP P 103 -5.68 1.84 -44.27
C ASP P 103 -5.02 0.51 -44.69
N ASN P 104 -3.70 0.47 -44.75
CA ASN P 104 -2.98 -0.77 -45.00
C ASN P 104 -1.53 -0.71 -44.55
N LEU P 105 -0.84 -1.85 -44.62
CA LEU P 105 0.51 -1.94 -44.08
C LEU P 105 1.42 -0.90 -44.73
N ALA P 106 1.30 -0.73 -46.04
CA ALA P 106 2.23 0.11 -46.80
C ALA P 106 2.18 1.58 -46.42
N SER P 107 1.00 2.06 -46.09
CA SER P 107 0.85 3.47 -45.77
C SER P 107 0.97 3.76 -44.25
N ALA P 108 1.45 2.76 -43.48
CA ALA P 108 1.54 2.82 -42.03
C ALA P 108 2.91 3.22 -41.57
N TRP P 109 3.84 3.38 -42.51
CA TRP P 109 5.21 3.80 -42.18
C TRP P 109 5.21 5.02 -41.23
N GLY P 110 4.29 5.94 -41.41
CA GLY P 110 4.25 7.18 -40.63
C GLY P 110 3.18 7.25 -39.53
N SER P 111 2.67 6.09 -39.09
CA SER P 111 1.54 6.03 -38.13
C SER P 111 1.89 5.99 -36.64
N THR P 112 3.18 6.04 -36.29
CA THR P 112 3.62 5.99 -34.87
C THR P 112 4.44 7.24 -34.45
N ARG P 113 3.87 8.02 -33.52
CA ARG P 113 4.54 9.16 -32.88
C ARG P 113 5.02 8.78 -31.51
N MET P 114 6.03 9.47 -31.02
CA MET P 114 6.48 9.19 -29.68
C MET P 114 6.82 10.46 -28.89
N GLY P 115 7.09 10.31 -27.61
CA GLY P 115 7.45 11.46 -26.82
C GLY P 115 7.56 11.13 -25.37
N GLU P 116 7.69 12.16 -24.54
CA GLU P 116 7.91 11.99 -23.10
C GLU P 116 6.81 12.67 -22.35
N ASP P 117 6.23 12.01 -21.36
CA ASP P 117 5.38 12.69 -20.37
C ASP P 117 5.94 12.60 -18.93
N ILE P 118 5.82 13.68 -18.20
CA ILE P 118 6.22 13.74 -16.81
C ILE P 118 4.94 14.13 -16.04
N PHE P 119 4.45 13.24 -15.16
CA PHE P 119 3.24 13.48 -14.40
C PHE P 119 3.59 13.88 -12.95
N PHE P 120 2.81 14.81 -12.39
CA PHE P 120 3.02 15.34 -11.03
C PHE P 120 1.70 15.07 -10.30
N LYS P 121 1.72 14.74 -9.02
CA LYS P 121 0.42 14.52 -8.31
C LYS P 121 -0.36 15.79 -8.05
N THR P 122 -1.68 15.65 -7.93
CA THR P 122 -2.54 16.82 -7.72
C THR P 122 -3.80 16.51 -6.87
N GLY P 123 -3.70 15.55 -5.95
CA GLY P 123 -4.82 15.24 -5.03
C GLY P 123 -5.14 16.42 -4.12
#